data_8I10
#
_entry.id   8I10
#
loop_
_entity.id
_entity.type
_entity.pdbx_description
1 polymer Beta-arrestin-2
2 polymer 'Fab30 Heavy Chain'
3 polymer 'Fab30 Light Chain'
4 polymer 'Vasopressin V2 receptor'
#
loop_
_entity_poly.entity_id
_entity_poly.type
_entity_poly.pdbx_seq_one_letter_code
_entity_poly.pdbx_strand_id
1 'polypeptide(L)'
;MGEKPGTRVFKKSSPNGKLTVYLGKRDFVDHLDKVDPVDGVVLVDPDYLKDRKVFVTLTVAFRYGREDCDVLGLSFRKDL
FIANYQAFPPTPNPPRPPTRLQERLLRKLGQHAHPFFFTIPQNLPSSVTLQPGPEDTGKALGVDFEIRAFVAKSLEEKSH
KRNSVRLVIRKVQFAPEKPGPQPSAETTRHFLMSDRSLHLEASLDKELYYHGEPLNVNVHVTNNSTKTVKKIKVSVRQYA
DIVLFSTAQYKVPVAQVEQDDQVSPSSTFSKVYTITPFLANNREKRGLALDGKLKHEDTNLASSTIVKEGANKEVLGILV
SYRVKVKLVVSRGGDVSVELPFVLMHPKPHDHIALPRPQSAATHPPTLLPSAVPETDAPVDTNLIEFETNYATDDDIVFE
DFARLRLKGLKDEDYDDQFC
;
A,B,C
2 'polypeptide(L)'
;EISEVQLVESGGGLVQPGGSLRLSCAASGFNVYSSSIHWVRQAPGKGLEWVASISSYYGYTYYADSVKGRFTISADTSKN
TAYLQMNSLRAEDTAVYYCARSRQFWYSGLDYWGQGTLVTVSSASTKGPSVFPLAPSSKSTSGGTAALGCLVKDYFPEPV
TVSWNSGALTSGVHTFPAVLQSSGLYSLSSVVTVPSSSLGTQTYICNVNHKPSNTKVDKKVEPKSCDKTHHHHHHHH
;
D,H,M
3 'polypeptide(L)'
;SDIQMTQSPSSLSASVGDRVTITCRASQSVSSAVAWYQQKPGKAPKLLIYSASSLYSGVPSRFSGSRSGTDFTLTISSLQ
PEDFATYYCQQYKYVPVTFGQGTKVEIKRTVAAPSVFIFPPSDSQLKSGTASVVCLLNNFYPREAKVQWKVDNALQSGNS
QESVTEQDSKDSTYSLSSTLTLSKADYEKHKVYACEVTHQGLSSPVTKSFNRGEC
;
E,L,N
4 'polypeptide(L)' ARGR(TPO)PP(SEP)LGPQDE(SEP)C(TPO)(TPO)A(SEP)(SEP)(SEP)LAKDTSS G,U,V
#
# COMPACT_ATOMS: atom_id res chain seq x y z
N THR A 7 -2.17 10.90 48.65
CA THR A 7 -2.20 10.79 47.20
C THR A 7 -1.43 9.56 46.73
N ARG A 8 -1.39 9.36 45.41
CA ARG A 8 -0.82 8.16 44.82
C ARG A 8 0.21 8.53 43.78
N VAL A 9 1.14 7.61 43.54
CA VAL A 9 2.18 7.77 42.52
C VAL A 9 2.38 6.44 41.79
N PHE A 10 2.48 6.50 40.46
CA PHE A 10 2.74 5.33 39.65
C PHE A 10 4.24 5.11 39.50
N LYS A 11 4.63 3.85 39.32
CA LYS A 11 6.03 3.52 39.20
C LYS A 11 6.23 2.36 38.23
N LYS A 12 7.40 2.34 37.60
CA LYS A 12 7.88 1.20 36.83
C LYS A 12 9.40 1.12 36.98
N SER A 13 9.96 -0.05 36.74
CA SER A 13 11.37 -0.27 36.96
C SER A 13 11.92 -1.27 35.96
N SER A 14 13.24 -1.22 35.78
CA SER A 14 13.93 -2.18 34.93
C SER A 14 13.91 -3.56 35.57
N PRO A 15 14.00 -4.64 34.78
CA PRO A 15 14.05 -5.98 35.38
C PRO A 15 15.24 -6.21 36.29
N ASN A 16 16.31 -5.42 36.16
CA ASN A 16 17.43 -5.52 37.08
C ASN A 16 17.22 -4.77 38.38
N GLY A 17 16.17 -3.95 38.46
CA GLY A 17 15.86 -3.23 39.68
C GLY A 17 16.75 -2.05 40.00
N LYS A 18 17.80 -1.81 39.20
CA LYS A 18 18.71 -0.70 39.45
C LYS A 18 18.19 0.62 38.90
N LEU A 19 17.08 0.61 38.16
CA LEU A 19 16.56 1.81 37.51
C LEU A 19 15.05 1.83 37.65
N THR A 20 14.51 2.95 38.14
CA THR A 20 13.09 3.06 38.44
C THR A 20 12.64 4.48 38.13
N VAL A 21 11.41 4.61 37.63
CA VAL A 21 10.83 5.89 37.24
C VAL A 21 9.47 6.05 37.90
N TYR A 22 9.17 7.26 38.36
CA TYR A 22 7.93 7.59 39.04
C TYR A 22 7.22 8.71 38.29
N LEU A 23 5.90 8.63 38.20
CA LEU A 23 5.08 9.70 37.65
C LEU A 23 3.88 9.94 38.54
N GLY A 24 3.36 11.17 38.49
CA GLY A 24 2.16 11.48 39.24
C GLY A 24 0.88 11.13 38.52
N LYS A 25 0.90 11.12 37.19
CA LYS A 25 -0.31 10.93 36.41
C LYS A 25 -0.01 10.14 35.15
N ARG A 26 -0.98 9.34 34.72
CA ARG A 26 -0.92 8.66 33.43
C ARG A 26 -1.65 9.40 32.33
N ASP A 27 -2.67 10.17 32.68
CA ASP A 27 -3.45 10.94 31.71
C ASP A 27 -3.18 12.42 31.93
N PHE A 28 -2.69 13.09 30.88
CA PHE A 28 -2.38 14.51 30.93
C PHE A 28 -3.42 15.31 30.16
N VAL A 29 -3.99 16.30 30.80
CA VAL A 29 -4.96 17.18 30.16
C VAL A 29 -4.23 18.29 29.43
N ASP A 30 -4.85 18.80 28.37
CA ASP A 30 -4.39 20.01 27.72
C ASP A 30 -5.59 20.95 27.55
N HIS A 31 -5.32 22.25 27.55
CA HIS A 31 -6.37 23.26 27.57
C HIS A 31 -6.28 24.24 26.40
N LEU A 32 -5.43 23.97 25.41
CA LEU A 32 -5.22 24.78 24.21
C LEU A 32 -4.50 26.09 24.50
N ASP A 33 -4.31 26.42 25.77
CA ASP A 33 -3.42 27.48 26.19
C ASP A 33 -2.31 27.00 27.11
N LYS A 34 -2.48 25.82 27.70
CA LYS A 34 -1.49 25.21 28.58
C LYS A 34 -1.70 23.71 28.56
N VAL A 35 -0.61 22.98 28.69
CA VAL A 35 -0.66 21.53 28.79
C VAL A 35 0.22 21.11 29.96
N ASP A 36 -0.27 20.17 30.76
CA ASP A 36 0.44 19.79 31.97
C ASP A 36 1.78 19.16 31.60
N PRO A 37 2.81 19.39 32.41
CA PRO A 37 4.10 18.74 32.16
C PRO A 37 4.07 17.28 32.57
N VAL A 38 5.03 16.53 32.05
CA VAL A 38 5.17 15.12 32.36
C VAL A 38 6.21 14.93 33.48
N ASP A 39 6.42 15.96 34.29
CA ASP A 39 7.46 15.97 35.30
C ASP A 39 7.35 14.78 36.25
N GLY A 40 8.48 14.37 36.79
CA GLY A 40 8.54 13.26 37.72
C GLY A 40 9.93 13.09 38.29
N VAL A 41 10.27 11.87 38.71
CA VAL A 41 11.58 11.58 39.27
C VAL A 41 12.01 10.20 38.79
N VAL A 42 13.32 10.02 38.67
CA VAL A 42 13.93 8.74 38.30
C VAL A 42 14.93 8.36 39.38
N LEU A 43 14.89 7.10 39.81
CA LEU A 43 15.76 6.59 40.86
C LEU A 43 16.71 5.55 40.29
N VAL A 44 17.97 5.63 40.68
CA VAL A 44 19.01 4.77 40.13
C VAL A 44 20.02 4.46 41.22
N ASP A 45 20.59 3.27 41.16
CA ASP A 45 21.72 2.90 42.00
C ASP A 45 22.96 3.65 41.53
N PRO A 46 23.46 4.64 42.28
CA PRO A 46 24.55 5.47 41.77
C PRO A 46 25.86 4.72 41.54
N ASP A 47 26.03 3.55 42.15
CA ASP A 47 27.24 2.76 41.91
C ASP A 47 27.07 1.75 40.79
N TYR A 48 25.84 1.31 40.52
CA TYR A 48 25.61 0.38 39.41
C TYR A 48 25.97 1.01 38.07
N LEU A 49 25.55 2.26 37.86
CA LEU A 49 25.76 2.91 36.57
C LEU A 49 27.23 3.09 36.22
N LYS A 50 28.13 3.02 37.21
CA LYS A 50 29.57 3.08 36.98
C LYS A 50 29.97 4.31 36.19
N ASP A 51 30.11 4.14 34.87
CA ASP A 51 30.45 5.24 33.97
C ASP A 51 29.36 5.54 32.95
N ARG A 52 28.23 4.82 32.97
CA ARG A 52 27.12 5.13 32.11
C ARG A 52 26.37 6.37 32.60
N LYS A 53 25.54 6.92 31.73
CA LYS A 53 24.75 8.10 31.99
C LYS A 53 23.27 7.76 31.89
N VAL A 54 22.46 8.39 32.74
CA VAL A 54 21.03 8.12 32.82
C VAL A 54 20.28 9.13 31.98
N PHE A 55 19.45 8.66 31.06
CA PHE A 55 18.69 9.51 30.16
C PHE A 55 17.22 9.14 30.23
N VAL A 56 16.36 10.14 30.06
CA VAL A 56 14.94 9.95 29.86
C VAL A 56 14.55 10.62 28.55
N THR A 57 13.73 9.95 27.76
CA THR A 57 13.38 10.44 26.43
C THR A 57 11.89 10.25 26.18
N LEU A 58 11.24 11.33 25.79
CA LEU A 58 9.84 11.29 25.37
C LEU A 58 9.77 11.10 23.87
N THR A 59 8.83 10.27 23.43
CA THR A 59 8.59 10.09 22.01
C THR A 59 7.10 9.98 21.75
N VAL A 60 6.62 10.70 20.74
CA VAL A 60 5.27 10.57 20.24
C VAL A 60 5.36 10.09 18.80
N ALA A 61 4.82 8.91 18.53
CA ALA A 61 5.09 8.19 17.30
C ALA A 61 3.81 7.69 16.64
N PHE A 62 3.84 7.66 15.31
CA PHE A 62 2.72 7.16 14.51
C PHE A 62 2.84 5.65 14.32
N ARG A 63 2.90 4.95 15.44
CA ARG A 63 3.30 3.55 15.47
C ARG A 63 2.21 2.66 14.85
N TYR A 64 2.65 1.47 14.42
CA TYR A 64 1.78 0.43 13.89
C TYR A 64 2.28 -0.89 14.44
N GLY A 65 1.40 -1.89 14.42
CA GLY A 65 1.77 -3.18 14.95
C GLY A 65 1.80 -3.16 16.47
N ARG A 66 2.23 -4.27 17.03
CA ARG A 66 2.19 -4.43 18.48
C ARG A 66 3.43 -5.19 18.95
N GLU A 67 3.70 -5.06 20.25
CA GLU A 67 4.83 -5.70 20.89
C GLU A 67 4.50 -7.11 21.37
N ASP A 68 3.50 -7.76 20.78
CA ASP A 68 3.08 -9.10 21.14
C ASP A 68 4.09 -10.17 20.75
N CYS A 69 5.25 -9.80 20.23
CA CYS A 69 6.23 -10.71 19.63
C CYS A 69 5.67 -11.43 18.39
N ASP A 70 4.63 -10.87 17.78
CA ASP A 70 4.04 -11.48 16.61
C ASP A 70 4.96 -11.29 15.40
N VAL A 71 4.63 -11.98 14.31
CA VAL A 71 5.47 -12.01 13.11
C VAL A 71 5.02 -10.97 12.09
N LEU A 72 4.36 -9.91 12.54
CA LEU A 72 3.65 -8.98 11.68
C LEU A 72 4.62 -8.11 10.87
N GLY A 73 4.04 -7.31 9.96
CA GLY A 73 4.76 -6.28 9.23
C GLY A 73 4.95 -5.06 10.12
N LEU A 74 5.73 -5.25 11.17
CA LEU A 74 5.68 -4.41 12.36
C LEU A 74 6.27 -3.02 12.11
N SER A 75 5.76 -2.06 12.90
CA SER A 75 6.47 -0.84 13.29
C SER A 75 6.72 0.13 12.12
N PHE A 76 5.64 0.76 11.65
CA PHE A 76 5.84 1.99 10.88
C PHE A 76 6.21 3.11 11.84
N ARG A 77 7.45 3.11 12.33
CA ARG A 77 7.83 3.90 13.49
C ARG A 77 8.16 5.35 13.11
N LYS A 78 7.18 6.00 12.47
CA LYS A 78 7.30 7.44 12.21
C LYS A 78 7.27 8.21 13.53
N ASP A 79 8.20 9.13 13.68
CA ASP A 79 8.29 9.96 14.88
C ASP A 79 7.85 11.39 14.56
N LEU A 80 6.90 11.89 15.34
CA LEU A 80 6.47 13.28 15.20
C LEU A 80 7.31 14.24 16.03
N PHE A 81 7.76 13.81 17.21
CA PHE A 81 8.45 14.71 18.13
C PHE A 81 9.17 13.89 19.18
N ILE A 82 10.43 14.22 19.43
CA ILE A 82 11.26 13.53 20.41
C ILE A 82 12.06 14.55 21.20
N ALA A 83 12.16 14.35 22.51
CA ALA A 83 12.99 15.20 23.36
C ALA A 83 13.78 14.32 24.31
N ASN A 84 15.00 14.75 24.60
CA ASN A 84 15.89 14.00 25.49
C ASN A 84 16.35 14.87 26.64
N TYR A 85 16.58 14.21 27.77
CA TYR A 85 17.06 14.85 28.99
C TYR A 85 18.05 13.96 29.71
N GLN A 86 19.14 14.59 30.17
CA GLN A 86 20.22 13.94 30.91
C GLN A 86 19.93 13.98 32.41
N ALA A 87 19.37 12.89 32.94
CA ALA A 87 19.05 12.84 34.37
C ALA A 87 20.30 12.76 35.23
N PHE A 88 21.26 11.92 34.84
CA PHE A 88 22.51 11.76 35.55
C PHE A 88 23.60 11.68 34.49
N PRO A 89 24.80 12.27 34.71
CA PRO A 89 25.26 13.11 35.83
C PRO A 89 24.41 14.35 36.05
N PRO A 90 24.39 14.87 37.27
CA PRO A 90 23.48 15.98 37.59
C PRO A 90 23.76 17.19 36.71
N THR A 91 22.76 17.54 35.92
CA THR A 91 22.77 18.67 35.01
C THR A 91 22.55 19.93 35.82
N PRO A 92 22.79 21.13 35.24
CA PRO A 92 22.48 22.37 35.98
C PRO A 92 21.00 22.56 36.31
N ASN A 93 20.69 23.72 36.92
CA ASN A 93 19.38 23.96 37.51
C ASN A 93 18.20 23.71 36.57
N PRO A 94 18.16 24.22 35.34
CA PRO A 94 17.02 23.90 34.47
C PRO A 94 16.99 22.43 34.17
N PRO A 95 15.82 21.84 33.88
CA PRO A 95 14.48 22.40 33.68
C PRO A 95 13.70 22.58 34.95
N PRO A 97 12.93 24.76 38.63
CA PRO A 97 13.09 24.35 40.00
C PRO A 97 12.02 23.34 40.34
N PRO A 98 12.33 22.36 41.17
CA PRO A 98 11.39 21.24 41.37
C PRO A 98 10.01 21.70 41.79
N THR A 99 8.98 21.03 41.23
CA THR A 99 7.63 21.37 41.63
C THR A 99 7.32 20.77 42.99
N ARG A 100 6.12 21.09 43.48
CA ARG A 100 5.66 20.54 44.75
C ARG A 100 5.74 19.02 44.73
N LEU A 101 5.23 18.42 43.66
CA LEU A 101 5.23 16.96 43.54
C LEU A 101 6.65 16.41 43.54
N GLN A 102 7.55 17.04 42.76
CA GLN A 102 8.91 16.53 42.68
C GLN A 102 9.63 16.71 44.01
N GLU A 103 9.41 17.84 44.68
CA GLU A 103 10.02 18.03 46.00
C GLU A 103 9.55 16.97 46.99
N ARG A 104 8.25 16.66 46.96
CA ARG A 104 7.72 15.67 47.90
C ARG A 104 8.22 14.27 47.56
N LEU A 105 8.33 13.95 46.26
CA LEU A 105 8.94 12.68 45.86
C LEU A 105 10.39 12.59 46.30
N LEU A 106 11.15 13.68 46.17
CA LEU A 106 12.54 13.66 46.62
C LEU A 106 12.63 13.46 48.13
N ARG A 107 11.79 14.19 48.88
CA ARG A 107 11.72 13.97 50.32
C ARG A 107 11.42 12.51 50.63
N LYS A 108 10.61 11.86 49.81
CA LYS A 108 10.36 10.45 50.06
C LYS A 108 11.61 9.62 49.75
N LEU A 109 12.07 9.67 48.51
CA LEU A 109 12.98 8.64 47.99
C LEU A 109 14.41 8.81 48.49
N GLY A 110 14.86 10.03 48.73
CA GLY A 110 16.26 10.26 49.03
C GLY A 110 17.08 10.50 47.79
N GLN A 111 18.38 10.66 48.01
CA GLN A 111 19.29 11.15 46.97
C GLN A 111 19.63 10.12 45.91
N HIS A 112 19.14 8.88 46.01
CA HIS A 112 19.24 8.00 44.87
C HIS A 112 18.35 8.43 43.71
N ALA A 113 17.44 9.37 43.95
CA ALA A 113 16.52 9.88 42.94
C ALA A 113 17.00 11.23 42.41
N HIS A 114 16.66 11.49 41.15
CA HIS A 114 16.94 12.76 40.50
C HIS A 114 15.73 13.17 39.67
N PRO A 115 15.38 14.45 39.67
CA PRO A 115 14.19 14.89 38.95
C PRO A 115 14.41 14.93 37.44
N PHE A 116 13.29 14.87 36.71
CA PHE A 116 13.29 14.97 35.26
C PHE A 116 12.02 15.69 34.83
N PHE A 117 12.06 16.27 33.63
CA PHE A 117 11.02 17.20 33.23
C PHE A 117 10.82 17.16 31.72
N PHE A 118 9.59 17.49 31.31
CA PHE A 118 9.24 17.72 29.91
C PHE A 118 8.14 18.76 29.84
N THR A 119 7.96 19.33 28.66
CA THR A 119 6.73 20.06 28.34
C THR A 119 6.34 19.74 26.92
N ILE A 120 5.08 19.41 26.72
CA ILE A 120 4.60 18.97 25.40
C ILE A 120 4.39 20.19 24.52
N PRO A 121 4.87 20.19 23.27
CA PRO A 121 4.49 21.25 22.34
C PRO A 121 2.98 21.25 22.13
N GLN A 122 2.43 22.45 21.96
CA GLN A 122 0.98 22.60 21.87
C GLN A 122 0.41 21.87 20.66
N ASN A 123 1.08 21.95 19.52
CA ASN A 123 0.56 21.44 18.25
C ASN A 123 0.83 19.95 18.12
N LEU A 124 0.18 19.16 18.97
CA LEU A 124 0.26 17.72 18.92
C LEU A 124 -1.11 17.11 19.19
N PRO A 125 -1.34 15.89 18.73
CA PRO A 125 -2.67 15.27 18.87
C PRO A 125 -2.99 14.84 20.29
N SER A 126 -4.17 14.23 20.45
CA SER A 126 -4.46 13.37 21.58
C SER A 126 -4.04 11.95 21.24
N SER A 127 -4.10 11.08 22.24
CA SER A 127 -3.94 9.65 21.96
C SER A 127 -5.13 9.16 21.17
N VAL A 128 -4.88 8.42 20.09
CA VAL A 128 -5.93 7.89 19.23
C VAL A 128 -5.46 6.54 18.70
N THR A 129 -6.41 5.62 18.50
CA THR A 129 -6.13 4.32 17.92
C THR A 129 -7.22 3.96 16.93
N LEU A 130 -6.82 3.54 15.73
CA LEU A 130 -7.77 3.03 14.76
C LEU A 130 -8.08 1.58 15.08
N GLN A 131 -9.35 1.20 14.91
CA GLN A 131 -9.79 -0.10 15.36
C GLN A 131 -9.09 -1.20 14.55
N PRO A 132 -8.49 -2.18 15.22
CA PRO A 132 -7.84 -3.29 14.50
C PRO A 132 -8.90 -4.14 13.78
N GLY A 133 -8.76 -4.25 12.47
CA GLY A 133 -9.62 -5.11 11.69
C GLY A 133 -9.41 -6.56 12.08
N PRO A 134 -10.49 -7.33 12.13
CA PRO A 134 -10.37 -8.74 12.53
C PRO A 134 -9.54 -9.59 11.58
N GLU A 135 -9.38 -9.17 10.32
CA GLU A 135 -8.55 -9.93 9.39
C GLU A 135 -7.07 -9.81 9.71
N ASP A 136 -6.67 -8.80 10.47
CA ASP A 136 -5.28 -8.64 10.88
C ASP A 136 -5.06 -9.33 12.23
N THR A 137 -3.83 -9.28 12.71
CA THR A 137 -3.47 -9.82 14.01
C THR A 137 -2.82 -8.72 14.85
N GLY A 138 -3.01 -8.82 16.17
CA GLY A 138 -2.41 -7.85 17.05
C GLY A 138 -3.05 -6.47 16.91
N LYS A 139 -2.31 -5.47 17.37
CA LYS A 139 -2.81 -4.10 17.41
C LYS A 139 -2.78 -3.48 16.02
N ALA A 140 -3.28 -2.24 15.94
CA ALA A 140 -3.30 -1.46 14.71
C ALA A 140 -2.79 -0.05 15.02
N LEU A 141 -2.65 0.73 13.95
CA LEU A 141 -1.93 1.99 14.04
C LEU A 141 -2.68 3.02 14.87
N GLY A 142 -1.92 3.92 15.48
CA GLY A 142 -2.47 5.04 16.24
C GLY A 142 -1.40 5.78 16.99
N VAL A 143 -1.46 7.13 16.96
CA VAL A 143 -0.43 7.93 17.61
C VAL A 143 -0.43 7.65 19.10
N ASP A 144 0.74 7.32 19.64
CA ASP A 144 0.89 6.99 21.05
C ASP A 144 2.08 7.74 21.64
N PHE A 145 1.96 8.09 22.90
CA PHE A 145 3.06 8.70 23.65
C PHE A 145 3.76 7.61 24.45
N GLU A 146 5.08 7.69 24.51
CA GLU A 146 5.85 6.80 25.38
C GLU A 146 6.98 7.58 26.02
N ILE A 147 7.23 7.31 27.30
CA ILE A 147 8.36 7.85 28.03
C ILE A 147 9.32 6.70 28.31
N ARG A 148 10.58 6.88 27.91
CA ARG A 148 11.60 5.84 28.03
C ARG A 148 12.76 6.38 28.85
N ALA A 149 13.22 5.59 29.82
CA ALA A 149 14.34 5.95 30.66
C ALA A 149 15.35 4.80 30.64
N PHE A 150 16.63 5.15 30.50
CA PHE A 150 17.64 4.13 30.27
C PHE A 150 19.02 4.66 30.61
N VAL A 151 19.93 3.72 30.86
CA VAL A 151 21.34 4.02 31.12
C VAL A 151 22.15 3.67 29.89
N ALA A 152 23.05 4.57 29.49
CA ALA A 152 23.87 4.32 28.31
C ALA A 152 25.15 5.13 28.42
N LYS A 153 26.19 4.65 27.73
CA LYS A 153 27.43 5.42 27.62
C LYS A 153 27.24 6.63 26.73
N SER A 154 26.39 6.52 25.70
CA SER A 154 26.09 7.64 24.81
C SER A 154 24.67 7.46 24.29
N LEU A 155 24.10 8.57 23.84
CA LEU A 155 22.72 8.54 23.34
C LEU A 155 22.57 7.66 22.10
N GLU A 156 23.67 7.39 21.39
CA GLU A 156 23.64 6.51 20.24
C GLU A 156 23.96 5.06 20.59
N GLU A 157 24.24 4.76 21.85
CA GLU A 157 24.66 3.43 22.24
C GLU A 157 23.50 2.44 22.10
N LYS A 158 23.86 1.15 22.03
CA LYS A 158 22.87 0.10 21.86
C LYS A 158 22.02 -0.05 23.13
N SER A 159 20.74 -0.34 22.92
CA SER A 159 19.79 -0.52 24.01
C SER A 159 19.77 -1.97 24.50
N HIS A 160 19.25 -2.16 25.70
CA HIS A 160 19.17 -3.47 26.33
C HIS A 160 18.06 -3.43 27.37
N LYS A 161 17.44 -4.59 27.60
CA LYS A 161 16.35 -4.67 28.57
C LYS A 161 16.79 -4.23 29.96
N ARG A 162 17.91 -4.78 30.45
CA ARG A 162 18.37 -4.40 31.78
C ARG A 162 18.76 -2.94 31.85
N ASN A 163 19.03 -2.30 30.70
CA ASN A 163 19.44 -0.92 30.65
C ASN A 163 18.28 0.07 30.66
N SER A 164 17.05 -0.37 30.43
CA SER A 164 15.98 0.56 30.09
C SER A 164 14.67 0.17 30.74
N VAL A 165 13.80 1.16 30.88
CA VAL A 165 12.42 0.98 31.30
C VAL A 165 11.53 1.85 30.44
N ARG A 166 10.33 1.36 30.14
CA ARG A 166 9.48 1.99 29.13
C ARG A 166 8.03 2.02 29.60
N LEU A 167 7.40 3.18 29.49
CA LEU A 167 6.11 3.44 30.10
C LEU A 167 5.24 4.22 29.11
N VAL A 168 3.94 3.90 29.09
CA VAL A 168 2.99 4.53 28.18
C VAL A 168 2.18 5.57 28.95
N ILE A 169 1.89 6.70 28.30
CA ILE A 169 1.08 7.77 28.87
C ILE A 169 0.11 8.28 27.80
N ARG A 170 -0.88 9.05 28.23
CA ARG A 170 -1.90 9.57 27.34
C ARG A 170 -2.01 11.09 27.44
N LYS A 171 -2.40 11.70 26.32
CA LYS A 171 -2.75 13.12 26.26
C LYS A 171 -4.19 13.20 25.79
N VAL A 172 -5.04 13.84 26.58
CA VAL A 172 -6.48 13.78 26.36
C VAL A 172 -7.10 15.13 26.62
N GLN A 173 -8.26 15.37 26.00
CA GLN A 173 -8.94 16.67 26.03
C GLN A 173 -10.35 16.49 26.59
N PHE A 174 -10.82 17.52 27.30
CA PHE A 174 -12.13 17.51 27.92
C PHE A 174 -12.94 18.73 27.49
N ALA A 175 -14.22 18.71 27.87
CA ALA A 175 -15.17 19.68 27.35
C ALA A 175 -14.82 21.09 27.81
N PRO A 176 -15.05 22.10 26.98
CA PRO A 176 -14.87 23.49 27.41
C PRO A 176 -15.86 23.86 28.50
N GLU A 177 -15.57 24.98 29.18
CA GLU A 177 -16.39 25.40 30.30
C GLU A 177 -17.74 25.95 29.89
N LYS A 178 -17.91 26.36 28.63
CA LYS A 178 -19.16 26.94 28.16
C LYS A 178 -19.48 26.43 26.77
N PRO A 179 -20.76 26.27 26.44
CA PRO A 179 -21.14 25.72 25.14
C PRO A 179 -21.09 26.77 24.04
N GLY A 180 -21.04 26.26 22.81
CA GLY A 180 -21.03 27.10 21.63
C GLY A 180 -22.42 27.31 21.06
N PRO A 181 -22.50 27.98 19.91
CA PRO A 181 -23.81 28.22 19.30
C PRO A 181 -24.45 26.93 18.79
N GLN A 182 -25.78 26.97 18.69
CA GLN A 182 -26.55 25.80 18.28
C GLN A 182 -26.23 25.43 16.84
N PRO A 183 -26.18 24.10 16.54
CA PRO A 183 -25.91 23.62 15.20
C PRO A 183 -27.23 23.38 14.46
N SER A 184 -27.30 23.88 13.23
CA SER A 184 -28.48 23.77 12.37
C SER A 184 -28.08 24.11 10.95
N ALA A 185 -28.97 23.75 10.01
CA ALA A 185 -28.78 24.06 8.60
C ALA A 185 -30.10 23.91 7.86
N GLU A 186 -30.15 24.47 6.65
CA GLU A 186 -31.33 24.42 5.81
C GLU A 186 -30.92 24.51 4.35
N THR A 187 -31.82 24.13 3.45
CA THR A 187 -31.51 24.06 2.03
C THR A 187 -32.80 24.20 1.23
N THR A 188 -32.67 24.75 0.02
CA THR A 188 -33.79 24.93 -0.91
C THR A 188 -33.49 24.22 -2.22
N ARG A 189 -34.09 23.04 -2.41
CA ARG A 189 -34.03 22.29 -3.66
C ARG A 189 -35.12 22.77 -4.62
N HIS A 190 -34.90 23.94 -5.20
CA HIS A 190 -35.71 24.37 -6.32
C HIS A 190 -35.25 23.64 -7.58
N PHE A 191 -36.19 23.41 -8.49
CA PHE A 191 -35.87 22.70 -9.70
C PHE A 191 -35.37 23.66 -10.77
N LEU A 192 -34.94 23.10 -11.90
CA LEU A 192 -34.11 23.83 -12.85
C LEU A 192 -34.74 25.15 -13.28
N MET A 193 -36.06 25.15 -13.52
CA MET A 193 -36.76 26.37 -13.88
C MET A 193 -38.07 26.59 -13.12
N SER A 194 -38.67 25.54 -12.56
CA SER A 194 -39.97 25.67 -11.94
C SER A 194 -39.87 26.39 -10.60
N ASP A 195 -40.89 27.21 -10.30
CA ASP A 195 -40.97 27.86 -9.00
C ASP A 195 -41.29 26.86 -7.90
N ARG A 196 -42.14 25.88 -8.19
CA ARG A 196 -42.41 24.79 -7.27
C ARG A 196 -41.13 24.10 -6.84
N SER A 197 -40.99 23.86 -5.53
CA SER A 197 -39.68 23.61 -4.94
C SER A 197 -39.79 22.67 -3.75
N LEU A 198 -38.64 22.16 -3.33
CA LEU A 198 -38.48 21.36 -2.13
C LEU A 198 -37.51 22.06 -1.19
N HIS A 199 -37.87 22.15 0.09
CA HIS A 199 -37.06 22.87 1.07
C HIS A 199 -37.06 22.09 2.37
N LEU A 200 -35.97 22.22 3.13
CA LEU A 200 -35.72 21.35 4.27
C LEU A 200 -34.91 22.08 5.34
N GLU A 201 -34.96 21.54 6.55
CA GLU A 201 -34.24 22.08 7.70
C GLU A 201 -33.83 20.95 8.63
N ALA A 202 -32.85 21.24 9.49
CA ALA A 202 -32.44 20.33 10.56
C ALA A 202 -31.71 21.13 11.63
N SER A 203 -31.81 20.67 12.88
CA SER A 203 -31.17 21.35 13.99
C SER A 203 -30.95 20.37 15.14
N LEU A 204 -30.09 20.77 16.08
CA LEU A 204 -29.64 19.91 17.15
C LEU A 204 -29.91 20.53 18.52
N ASP A 205 -29.82 19.69 19.55
CA ASP A 205 -29.97 20.18 20.93
C ASP A 205 -28.81 21.12 21.29
N LYS A 206 -27.59 20.69 20.99
CA LYS A 206 -26.38 21.36 21.47
C LYS A 206 -25.28 21.11 20.44
N GLU A 207 -24.19 21.85 20.59
CA GLU A 207 -23.00 21.53 19.79
C GLU A 207 -22.16 20.43 20.45
N LEU A 208 -22.22 20.32 21.77
CA LEU A 208 -21.37 19.44 22.56
C LEU A 208 -22.21 18.40 23.30
N TYR A 209 -21.75 17.16 23.26
CA TYR A 209 -22.45 16.01 23.83
C TYR A 209 -21.48 15.10 24.56
N TYR A 210 -21.97 14.48 25.62
CA TYR A 210 -21.24 13.44 26.31
C TYR A 210 -21.44 12.12 25.58
N HIS A 211 -20.45 11.24 25.69
CA HIS A 211 -20.51 9.96 24.98
C HIS A 211 -21.73 9.17 25.43
N GLY A 212 -22.45 8.62 24.46
CA GLY A 212 -23.62 7.82 24.74
C GLY A 212 -24.89 8.58 24.97
N GLU A 213 -24.82 9.89 25.23
CA GLU A 213 -26.03 10.67 25.45
C GLU A 213 -26.77 10.85 24.12
N PRO A 214 -28.08 10.63 24.09
CA PRO A 214 -28.80 10.67 22.81
C PRO A 214 -28.81 12.04 22.16
N LEU A 215 -28.65 12.04 20.85
CA LEU A 215 -28.76 13.23 20.02
C LEU A 215 -30.20 13.31 19.53
N ASN A 216 -30.79 14.48 19.58
CA ASN A 216 -32.09 14.71 18.95
C ASN A 216 -31.90 15.64 17.77
N VAL A 217 -32.24 15.16 16.58
CA VAL A 217 -32.19 15.97 15.37
C VAL A 217 -33.62 16.33 15.00
N ASN A 218 -33.89 17.64 14.92
CA ASN A 218 -35.15 18.11 14.38
C ASN A 218 -35.05 18.11 12.86
N VAL A 219 -36.15 17.76 12.19
CA VAL A 219 -36.21 17.81 10.74
C VAL A 219 -37.51 18.49 10.34
N HIS A 220 -37.44 19.30 9.28
CA HIS A 220 -38.60 19.97 8.72
C HIS A 220 -38.49 19.92 7.20
N VAL A 221 -39.60 19.66 6.54
CA VAL A 221 -39.63 19.51 5.09
C VAL A 221 -40.77 20.36 4.52
N THR A 222 -40.48 21.09 3.44
CA THR A 222 -41.47 21.91 2.74
C THR A 222 -41.46 21.47 1.28
N ASN A 223 -42.28 20.47 0.95
CA ASN A 223 -42.32 19.90 -0.39
C ASN A 223 -43.47 20.49 -1.19
N ASN A 224 -43.31 21.76 -1.59
CA ASN A 224 -44.26 22.39 -2.50
C ASN A 224 -43.88 22.08 -3.96
N SER A 225 -43.81 20.79 -4.25
CA SER A 225 -43.43 20.32 -5.56
C SER A 225 -44.19 19.03 -5.87
N THR A 226 -44.07 18.57 -7.11
CA THR A 226 -44.79 17.38 -7.55
C THR A 226 -44.10 16.08 -7.15
N LYS A 227 -42.81 16.12 -6.83
CA LYS A 227 -42.09 14.90 -6.53
C LYS A 227 -42.32 14.45 -5.09
N THR A 228 -42.03 13.18 -4.84
CA THR A 228 -42.27 12.55 -3.54
C THR A 228 -40.95 12.27 -2.84
N VAL A 229 -40.88 12.60 -1.56
CA VAL A 229 -39.76 12.22 -0.70
C VAL A 229 -40.05 10.80 -0.22
N LYS A 230 -39.42 9.81 -0.84
CA LYS A 230 -39.79 8.41 -0.61
C LYS A 230 -39.30 7.90 0.74
N LYS A 231 -38.07 8.24 1.13
CA LYS A 231 -37.51 7.70 2.37
C LYS A 231 -36.63 8.75 3.04
N ILE A 232 -36.44 8.58 4.34
CA ILE A 232 -35.66 9.48 5.18
C ILE A 232 -34.55 8.69 5.85
N LYS A 233 -33.38 9.29 5.98
CA LYS A 233 -32.29 8.71 6.76
C LYS A 233 -31.58 9.78 7.56
N VAL A 234 -31.20 9.43 8.79
CA VAL A 234 -30.30 10.21 9.62
C VAL A 234 -29.07 9.36 9.90
N SER A 235 -27.89 9.93 9.66
CA SER A 235 -26.63 9.23 9.90
C SER A 235 -25.68 10.16 10.65
N VAL A 236 -24.82 9.56 11.46
CA VAL A 236 -23.71 10.29 12.08
C VAL A 236 -22.42 9.76 11.48
N ARG A 237 -21.64 10.67 10.88
CA ARG A 237 -20.43 10.34 10.15
C ARG A 237 -19.21 10.74 10.97
N GLN A 238 -18.20 9.89 10.95
CA GLN A 238 -16.94 10.15 11.64
C GLN A 238 -15.83 10.37 10.63
N TYR A 239 -15.05 11.42 10.83
CA TYR A 239 -14.01 11.83 9.88
C TYR A 239 -12.66 11.81 10.58
N ALA A 240 -11.69 11.12 9.99
CA ALA A 240 -10.33 11.06 10.50
C ALA A 240 -9.42 11.80 9.53
N ASP A 241 -8.95 12.98 9.94
CA ASP A 241 -8.09 13.81 9.10
C ASP A 241 -6.62 13.40 9.26
N ILE A 242 -6.37 12.12 8.94
CA ILE A 242 -5.04 11.55 9.11
C ILE A 242 -4.05 12.27 8.20
N VAL A 243 -2.90 12.66 8.75
CA VAL A 243 -1.79 13.21 7.99
C VAL A 243 -0.52 12.47 8.40
N LEU A 244 0.26 12.04 7.42
CA LEU A 244 1.55 11.48 7.81
C LEU A 244 2.73 12.02 7.01
N PHE A 245 2.62 12.10 5.68
CA PHE A 245 3.50 12.95 4.89
C PHE A 245 2.67 13.70 3.85
N SER A 246 1.68 13.02 3.29
CA SER A 246 0.63 13.63 2.51
C SER A 246 -0.57 13.87 3.40
N THR A 247 -1.48 14.72 2.93
CA THR A 247 -2.77 14.79 3.57
C THR A 247 -3.58 13.54 3.20
N ALA A 248 -4.50 13.16 4.07
CA ALA A 248 -5.38 12.04 3.80
C ALA A 248 -6.66 12.23 4.60
N GLN A 249 -7.63 11.36 4.35
CA GLN A 249 -8.86 11.35 5.12
C GLN A 249 -9.49 9.97 5.03
N TYR A 250 -10.16 9.57 6.11
CA TYR A 250 -11.00 8.39 6.13
C TYR A 250 -12.29 8.73 6.84
N LYS A 251 -13.42 8.32 6.25
CA LYS A 251 -14.74 8.65 6.79
C LYS A 251 -15.60 7.40 6.81
N VAL A 252 -16.37 7.25 7.88
CA VAL A 252 -17.13 6.03 8.11
C VAL A 252 -18.41 6.36 8.88
N PRO A 253 -19.54 5.71 8.59
CA PRO A 253 -20.75 5.92 9.42
C PRO A 253 -20.68 5.09 10.68
N VAL A 254 -20.98 5.72 11.81
CA VAL A 254 -20.90 5.05 13.11
C VAL A 254 -22.26 4.72 13.70
N ALA A 255 -23.33 5.37 13.24
CA ALA A 255 -24.70 5.00 13.59
C ALA A 255 -25.66 5.72 12.65
N GLN A 256 -26.79 5.09 12.38
CA GLN A 256 -27.79 5.72 11.52
C GLN A 256 -29.14 5.08 11.75
N VAL A 257 -30.19 5.84 11.46
CA VAL A 257 -31.57 5.39 11.62
C VAL A 257 -32.35 5.76 10.38
N GLU A 258 -33.16 4.83 9.89
CA GLU A 258 -34.04 5.06 8.76
C GLU A 258 -35.46 5.28 9.25
N GLN A 259 -36.24 6.00 8.46
CA GLN A 259 -37.67 6.16 8.72
C GLN A 259 -38.42 6.12 7.40
N ASP A 260 -39.51 5.36 7.38
CA ASP A 260 -40.30 5.17 6.17
C ASP A 260 -41.35 6.26 5.96
N ASP A 261 -41.38 7.27 6.83
CA ASP A 261 -42.45 8.27 6.82
C ASP A 261 -42.21 9.24 5.67
N GLN A 262 -42.69 8.84 4.49
CA GLN A 262 -42.52 9.63 3.29
C GLN A 262 -43.28 10.96 3.39
N VAL A 263 -42.78 11.95 2.64
CA VAL A 263 -43.44 13.24 2.51
C VAL A 263 -44.04 13.33 1.12
N SER A 264 -45.34 13.62 1.05
CA SER A 264 -46.09 13.59 -0.20
C SER A 264 -45.85 14.86 -1.00
N PRO A 265 -46.23 14.86 -2.29
CA PRO A 265 -46.15 16.10 -3.08
C PRO A 265 -47.05 17.17 -2.51
N SER A 266 -46.62 18.43 -2.68
CA SER A 266 -47.37 19.59 -2.22
C SER A 266 -47.76 19.44 -0.74
N SER A 267 -46.73 19.29 0.09
CA SER A 267 -46.95 18.88 1.47
C SER A 267 -45.88 19.47 2.37
N THR A 268 -46.16 19.42 3.68
CA THR A 268 -45.24 19.87 4.72
C THR A 268 -45.16 18.81 5.81
N PHE A 269 -43.99 18.72 6.44
CA PHE A 269 -43.74 17.65 7.40
C PHE A 269 -42.66 18.09 8.38
N SER A 270 -42.72 17.54 9.59
CA SER A 270 -41.70 17.77 10.59
C SER A 270 -41.69 16.62 11.59
N LYS A 271 -40.53 16.35 12.16
CA LYS A 271 -40.34 15.25 13.11
C LYS A 271 -39.02 15.47 13.84
N VAL A 272 -38.85 14.73 14.94
CA VAL A 272 -37.61 14.72 15.70
C VAL A 272 -37.15 13.28 15.83
N TYR A 273 -35.89 13.02 15.48
CA TYR A 273 -35.29 11.69 15.54
C TYR A 273 -34.20 11.65 16.60
N THR A 274 -34.18 10.57 17.37
CA THR A 274 -33.22 10.38 18.45
C THR A 274 -32.19 9.33 18.04
N ILE A 275 -30.91 9.67 18.16
CA ILE A 275 -29.82 8.82 17.70
C ILE A 275 -28.69 8.83 18.72
N THR A 276 -28.00 7.70 18.85
CA THR A 276 -26.95 7.52 19.83
C THR A 276 -25.73 6.87 19.17
N PRO A 277 -24.55 7.47 19.28
CA PRO A 277 -23.33 6.76 18.88
C PRO A 277 -22.89 5.80 19.98
N PHE A 278 -22.59 4.56 19.61
CA PHE A 278 -22.12 3.58 20.57
C PHE A 278 -21.33 2.51 19.84
N LEU A 279 -20.47 1.81 20.59
CA LEU A 279 -19.44 0.96 20.03
C LEU A 279 -19.90 -0.47 19.73
N ALA A 280 -20.79 -1.02 20.57
CA ALA A 280 -21.05 -2.46 20.55
C ALA A 280 -21.46 -2.98 19.17
N ASN A 281 -22.21 -2.18 18.40
CA ASN A 281 -22.64 -2.58 17.08
C ASN A 281 -21.69 -2.16 15.98
N ASN A 282 -20.55 -1.57 16.34
CA ASN A 282 -19.48 -1.27 15.39
C ASN A 282 -18.24 -2.10 15.67
N ARG A 283 -18.41 -3.22 16.38
CA ARG A 283 -17.28 -3.94 16.97
C ARG A 283 -16.24 -4.35 15.93
N GLU A 284 -16.69 -4.72 14.73
CA GLU A 284 -15.80 -5.30 13.72
C GLU A 284 -15.39 -4.33 12.64
N LYS A 285 -15.87 -3.09 12.68
CA LYS A 285 -15.65 -2.16 11.58
C LYS A 285 -14.22 -1.62 11.63
N ARG A 286 -13.45 -1.87 10.58
CA ARG A 286 -12.09 -1.35 10.49
C ARG A 286 -12.11 0.13 10.12
N GLY A 287 -11.09 0.84 10.59
CA GLY A 287 -10.95 2.26 10.32
C GLY A 287 -11.67 3.18 11.27
N LEU A 288 -12.43 2.65 12.21
CA LEU A 288 -13.08 3.46 13.23
C LEU A 288 -12.06 3.91 14.26
N ALA A 289 -12.09 5.19 14.62
CA ALA A 289 -11.07 5.77 15.50
C ALA A 289 -11.54 5.68 16.95
N LEU A 290 -10.80 4.95 17.77
CA LEU A 290 -11.10 4.79 19.18
C LEU A 290 -10.20 5.70 20.00
N ASP A 291 -10.68 6.06 21.19
CA ASP A 291 -9.88 6.91 22.07
C ASP A 291 -8.71 6.12 22.63
N GLY A 292 -7.78 6.86 23.24
CA GLY A 292 -6.48 6.32 23.63
C GLY A 292 -6.52 5.11 24.53
N LYS A 293 -5.91 4.03 24.06
CA LYS A 293 -5.79 2.81 24.85
C LYS A 293 -4.49 2.83 25.63
N LEU A 294 -4.53 2.30 26.85
CA LEU A 294 -3.27 2.11 27.58
C LEU A 294 -2.53 0.88 27.05
N LYS A 295 -3.13 -0.31 27.20
CA LYS A 295 -2.55 -1.50 26.61
C LYS A 295 -3.44 -2.12 25.54
N HIS A 296 -4.62 -2.63 25.92
CA HIS A 296 -5.58 -3.18 24.97
C HIS A 296 -7.02 -2.94 25.40
N GLU A 297 -7.26 -2.00 26.31
CA GLU A 297 -8.58 -1.84 26.91
C GLU A 297 -9.59 -1.36 25.88
N ASP A 298 -10.86 -1.67 26.15
CA ASP A 298 -11.94 -1.05 25.42
C ASP A 298 -12.13 0.38 25.91
N THR A 299 -12.66 1.23 25.04
CA THR A 299 -12.93 2.60 25.42
C THR A 299 -13.86 3.22 24.38
N ASN A 300 -14.37 4.39 24.72
CA ASN A 300 -15.31 5.15 23.89
C ASN A 300 -14.83 5.37 22.47
N LEU A 301 -15.77 5.67 21.58
CA LEU A 301 -15.42 6.27 20.30
C LEU A 301 -14.59 7.53 20.54
N ALA A 302 -13.57 7.73 19.72
CA ALA A 302 -12.58 8.77 19.99
C ALA A 302 -13.22 10.12 20.22
N SER A 303 -12.91 10.71 21.36
CA SER A 303 -13.38 12.05 21.66
C SER A 303 -12.86 13.03 20.63
N SER A 304 -13.73 13.93 20.18
CA SER A 304 -13.40 14.81 19.06
C SER A 304 -12.32 15.80 19.46
N THR A 305 -11.24 15.82 18.68
CA THR A 305 -10.17 16.79 18.90
C THR A 305 -10.63 18.19 18.50
N ILE A 306 -10.38 19.16 19.36
CA ILE A 306 -10.77 20.54 19.13
C ILE A 306 -9.52 21.37 18.90
N VAL A 307 -9.55 22.22 17.88
CA VAL A 307 -8.40 23.02 17.47
C VAL A 307 -8.22 24.18 18.44
N LYS A 308 -6.98 24.63 18.60
CA LYS A 308 -6.68 25.79 19.42
C LYS A 308 -7.19 27.07 18.76
N GLU A 309 -7.31 28.12 19.58
CA GLU A 309 -7.76 29.40 19.06
C GLU A 309 -6.80 29.94 18.00
N GLY A 310 -5.50 29.84 18.26
CA GLY A 310 -4.51 30.05 17.22
C GLY A 310 -4.28 28.74 16.49
N ALA A 311 -4.93 28.59 15.33
CA ALA A 311 -5.06 27.28 14.72
C ALA A 311 -3.79 26.85 13.99
N ASN A 312 -3.36 27.66 13.01
CA ASN A 312 -2.37 27.22 12.03
C ASN A 312 -2.82 25.90 11.43
N LYS A 313 -1.89 24.98 11.16
CA LYS A 313 -2.26 23.70 10.57
C LYS A 313 -2.89 22.76 11.60
N GLU A 314 -2.26 22.63 12.77
CA GLU A 314 -2.74 21.87 13.93
C GLU A 314 -2.68 20.36 13.73
N VAL A 315 -2.42 19.89 12.52
CA VAL A 315 -2.49 18.47 12.20
C VAL A 315 -1.08 17.93 11.99
N LEU A 316 -0.61 17.13 12.95
CA LEU A 316 0.60 16.35 12.77
C LEU A 316 0.35 14.86 12.90
N GLY A 317 -0.81 14.46 13.41
CA GLY A 317 -1.20 13.07 13.52
C GLY A 317 -2.65 12.88 13.13
N ILE A 318 -3.44 12.30 14.02
CA ILE A 318 -4.85 12.07 13.77
C ILE A 318 -5.66 13.24 14.32
N LEU A 319 -6.48 13.84 13.47
CA LEU A 319 -7.53 14.75 13.89
C LEU A 319 -8.86 14.10 13.54
N VAL A 320 -9.77 14.04 14.51
CA VAL A 320 -11.01 13.29 14.38
C VAL A 320 -12.19 14.19 14.74
N SER A 321 -13.22 14.17 13.90
CA SER A 321 -14.40 15.00 14.08
C SER A 321 -15.63 14.25 13.58
N TYR A 322 -16.80 14.73 14.01
CA TYR A 322 -18.06 14.08 13.68
C TYR A 322 -19.02 15.06 13.04
N ARG A 323 -19.91 14.56 12.19
CA ARG A 323 -20.98 15.37 11.62
C ARG A 323 -22.23 14.53 11.43
N VAL A 324 -23.39 15.15 11.65
CA VAL A 324 -24.68 14.59 11.32
C VAL A 324 -25.00 14.96 9.88
N LYS A 325 -25.67 14.06 9.15
CA LYS A 325 -26.22 14.43 7.85
C LYS A 325 -27.56 13.74 7.65
N VAL A 326 -28.50 14.48 7.08
CA VAL A 326 -29.87 14.02 6.86
C VAL A 326 -30.10 13.94 5.35
N LYS A 327 -30.59 12.80 4.88
CA LYS A 327 -30.84 12.59 3.46
C LYS A 327 -32.33 12.42 3.19
N LEU A 328 -32.85 13.22 2.27
CA LEU A 328 -34.21 13.09 1.77
C LEU A 328 -34.16 12.33 0.45
N VAL A 329 -34.62 11.09 0.45
CA VAL A 329 -34.57 10.26 -0.75
C VAL A 329 -35.76 10.60 -1.64
N VAL A 330 -35.57 11.53 -2.56
CA VAL A 330 -36.64 11.95 -3.46
C VAL A 330 -36.76 10.97 -4.61
N SER A 331 -37.98 10.61 -4.95
CA SER A 331 -38.24 9.71 -6.06
C SER A 331 -38.10 10.44 -7.39
N ARG A 332 -37.55 9.72 -8.38
CA ARG A 332 -37.40 10.23 -9.75
C ARG A 332 -36.64 11.55 -9.77
N GLY A 333 -35.43 11.52 -9.20
CA GLY A 333 -34.58 12.68 -9.18
C GLY A 333 -34.90 13.63 -8.05
N GLY A 334 -34.08 14.68 -7.95
CA GLY A 334 -34.23 15.67 -6.91
C GLY A 334 -33.67 15.31 -5.56
N ASP A 335 -32.92 14.20 -5.46
CA ASP A 335 -32.38 13.75 -4.18
C ASP A 335 -31.53 14.85 -3.57
N VAL A 336 -31.70 15.06 -2.26
CA VAL A 336 -31.09 16.18 -1.56
C VAL A 336 -30.73 15.74 -0.15
N SER A 337 -29.69 16.38 0.41
CA SER A 337 -29.22 16.07 1.75
C SER A 337 -28.62 17.33 2.37
N VAL A 338 -28.38 17.26 3.68
CA VAL A 338 -27.76 18.36 4.43
C VAL A 338 -26.89 17.75 5.52
N GLU A 339 -25.80 18.45 5.86
CA GLU A 339 -24.86 18.00 6.87
C GLU A 339 -24.55 19.12 7.83
N LEU A 340 -24.17 18.75 9.06
CA LEU A 340 -23.96 19.73 10.12
C LEU A 340 -23.05 19.14 11.18
N PRO A 341 -22.23 19.97 11.87
CA PRO A 341 -21.23 19.43 12.80
C PRO A 341 -21.67 19.36 14.26
N PHE A 342 -20.93 18.60 15.06
CA PHE A 342 -21.05 18.60 16.51
C PHE A 342 -19.78 17.99 17.10
N VAL A 343 -19.56 18.24 18.38
CA VAL A 343 -18.39 17.71 19.07
C VAL A 343 -18.85 16.76 20.17
N LEU A 344 -17.94 15.87 20.57
CA LEU A 344 -18.32 14.67 21.31
C LEU A 344 -17.17 14.31 22.25
N MET A 345 -17.35 14.54 23.55
CA MET A 345 -16.26 14.32 24.49
C MET A 345 -16.79 14.28 25.92
N HIS A 346 -15.95 13.78 26.82
CA HIS A 346 -16.31 13.67 28.24
C HIS A 346 -16.33 15.04 28.90
N PRO A 347 -17.03 15.15 30.02
CA PRO A 347 -16.98 16.39 30.80
C PRO A 347 -15.75 16.43 31.71
N LYS A 348 -15.36 17.65 32.05
CA LYS A 348 -14.25 17.95 32.95
C LYS A 348 -14.41 17.20 34.26
N PRO A 349 -13.58 16.20 34.54
CA PRO A 349 -13.71 15.47 35.80
C PRO A 349 -13.37 16.34 36.99
N HIS A 350 -13.77 15.86 38.16
CA HIS A 350 -13.78 16.67 39.36
C HIS A 350 -13.64 15.80 40.62
N THR B 7 -17.82 35.95 -29.01
CA THR B 7 -17.19 35.27 -27.88
C THR B 7 -18.20 35.00 -26.77
N ARG B 8 -17.80 34.19 -25.79
CA ARG B 8 -18.69 33.77 -24.72
C ARG B 8 -17.85 33.59 -23.46
N VAL B 9 -18.52 33.52 -22.31
CA VAL B 9 -17.84 33.38 -21.02
C VAL B 9 -18.61 32.39 -20.15
N PHE B 10 -17.87 31.57 -19.41
CA PHE B 10 -18.42 30.68 -18.41
C PHE B 10 -18.54 31.40 -17.07
N LYS B 11 -19.42 30.90 -16.20
CA LYS B 11 -19.59 31.51 -14.90
C LYS B 11 -19.95 30.44 -13.87
N LYS B 12 -19.61 30.73 -12.62
CA LYS B 12 -19.87 29.88 -11.47
C LYS B 12 -20.03 30.76 -10.25
N SER B 13 -20.84 30.31 -9.29
CA SER B 13 -21.14 31.14 -8.14
C SER B 13 -21.40 30.28 -6.90
N SER B 14 -21.25 30.91 -5.74
CA SER B 14 -21.51 30.26 -4.46
C SER B 14 -23.00 29.99 -4.31
N PRO B 15 -23.37 28.99 -3.49
CA PRO B 15 -24.80 28.77 -3.24
C PRO B 15 -25.52 29.94 -2.61
N ASN B 16 -24.79 30.86 -1.96
CA ASN B 16 -25.42 32.08 -1.47
C ASN B 16 -25.62 33.13 -2.56
N GLY B 17 -25.01 32.95 -3.73
CA GLY B 17 -25.16 33.86 -4.83
C GLY B 17 -24.43 35.18 -4.69
N LYS B 18 -23.83 35.46 -3.54
CA LYS B 18 -23.17 36.74 -3.32
C LYS B 18 -21.73 36.76 -3.84
N LEU B 19 -21.20 35.59 -4.22
CA LEU B 19 -19.86 35.45 -4.75
C LEU B 19 -19.93 34.75 -6.10
N THR B 20 -19.36 35.37 -7.13
CA THR B 20 -19.46 34.85 -8.49
C THR B 20 -18.13 35.03 -9.20
N VAL B 21 -17.72 34.02 -9.96
CA VAL B 21 -16.49 34.03 -10.72
C VAL B 21 -16.80 33.81 -12.20
N TYR B 22 -16.27 34.67 -13.06
CA TYR B 22 -16.35 34.52 -14.50
C TYR B 22 -14.99 34.07 -15.01
N LEU B 23 -14.99 33.20 -16.02
CA LEU B 23 -13.75 32.72 -16.59
C LEU B 23 -13.89 32.61 -18.11
N GLY B 24 -12.79 32.86 -18.81
CA GLY B 24 -12.82 32.88 -20.26
C GLY B 24 -12.91 31.53 -20.93
N LYS B 25 -12.12 30.56 -20.48
CA LYS B 25 -12.04 29.25 -21.13
C LYS B 25 -11.87 28.17 -20.08
N ARG B 26 -12.37 26.96 -20.41
CA ARG B 26 -12.24 25.82 -19.53
C ARG B 26 -10.99 24.99 -19.83
N ASP B 27 -10.60 24.89 -21.08
CA ASP B 27 -9.37 24.19 -21.46
C ASP B 27 -8.30 25.22 -21.82
N PHE B 28 -7.08 24.98 -21.37
CA PHE B 28 -5.95 25.86 -21.64
C PHE B 28 -4.86 25.10 -22.39
N VAL B 29 -4.42 25.66 -23.48
CA VAL B 29 -3.35 25.09 -24.28
C VAL B 29 -2.02 25.55 -23.73
N ASP B 30 -0.99 24.73 -23.91
CA ASP B 30 0.38 25.14 -23.66
C ASP B 30 1.23 24.73 -24.85
N HIS B 31 2.31 25.48 -25.08
CA HIS B 31 3.10 25.31 -26.29
C HIS B 31 4.58 25.10 -25.99
N LEU B 32 4.93 24.70 -24.76
CA LEU B 32 6.27 24.36 -24.33
C LEU B 32 7.18 25.57 -24.18
N ASP B 33 6.71 26.74 -24.63
CA ASP B 33 7.37 28.01 -24.39
C ASP B 33 6.42 29.07 -23.89
N LYS B 34 5.12 28.79 -23.86
CA LYS B 34 4.07 29.72 -23.50
C LYS B 34 2.87 28.91 -23.07
N VAL B 35 2.16 29.41 -22.06
CA VAL B 35 0.91 28.82 -21.62
C VAL B 35 -0.07 29.96 -21.33
N ASP B 36 -1.30 29.79 -21.79
CA ASP B 36 -2.28 30.85 -21.64
C ASP B 36 -2.56 31.10 -20.17
N PRO B 37 -2.79 32.35 -19.78
CA PRO B 37 -3.14 32.64 -18.39
C PRO B 37 -4.57 32.18 -18.10
N VAL B 38 -4.86 32.09 -16.80
CA VAL B 38 -6.19 31.73 -16.34
C VAL B 38 -6.98 32.99 -15.96
N ASP B 39 -6.63 34.12 -16.57
CA ASP B 39 -7.18 35.41 -16.18
C ASP B 39 -8.70 35.45 -16.33
N GLY B 40 -9.34 36.14 -15.42
CA GLY B 40 -10.78 36.32 -15.45
C GLY B 40 -11.16 37.48 -14.56
N VAL B 41 -12.40 37.43 -14.08
CA VAL B 41 -12.91 38.43 -13.15
C VAL B 41 -13.78 37.75 -12.10
N VAL B 42 -13.86 38.36 -10.92
CA VAL B 42 -14.69 37.88 -9.82
C VAL B 42 -15.61 39.02 -9.40
N LEU B 43 -16.85 38.68 -9.08
CA LEU B 43 -17.88 39.64 -8.71
C LEU B 43 -18.43 39.30 -7.33
N VAL B 44 -18.61 40.34 -6.51
CA VAL B 44 -19.08 40.18 -5.13
C VAL B 44 -20.05 41.30 -4.78
N ASP B 45 -20.94 41.02 -3.83
CA ASP B 45 -21.81 42.05 -3.29
C ASP B 45 -21.04 42.85 -2.24
N PRO B 46 -20.82 44.15 -2.48
CA PRO B 46 -19.91 44.90 -1.60
C PRO B 46 -20.39 45.03 -0.16
N ASP B 47 -21.69 44.99 0.08
CA ASP B 47 -22.18 45.06 1.46
C ASP B 47 -21.98 43.73 2.19
N TYR B 48 -22.25 42.61 1.53
CA TYR B 48 -22.21 41.30 2.18
C TYR B 48 -20.80 40.95 2.68
N LEU B 49 -19.79 41.30 1.90
CA LEU B 49 -18.43 40.89 2.22
C LEU B 49 -17.92 41.47 3.54
N LYS B 50 -18.57 42.52 4.06
CA LYS B 50 -18.38 43.00 5.44
C LYS B 50 -16.89 43.16 5.78
N ASP B 51 -16.11 43.60 4.81
CA ASP B 51 -14.67 43.79 4.94
C ASP B 51 -13.93 42.48 5.22
N ARG B 52 -14.48 41.35 4.77
CA ARG B 52 -13.65 40.19 4.55
C ARG B 52 -12.84 40.37 3.27
N LYS B 53 -11.67 39.75 3.23
CA LYS B 53 -10.86 39.79 2.02
C LYS B 53 -11.29 38.69 1.06
N VAL B 54 -11.19 38.97 -0.24
CA VAL B 54 -11.65 38.09 -1.30
C VAL B 54 -10.44 37.51 -2.01
N PHE B 55 -10.40 36.18 -2.13
CA PHE B 55 -9.21 35.47 -2.58
C PHE B 55 -9.56 34.47 -3.67
N VAL B 56 -8.59 34.17 -4.52
CA VAL B 56 -8.65 33.07 -5.49
C VAL B 56 -7.35 32.31 -5.42
N THR B 57 -7.41 30.99 -5.64
CA THR B 57 -6.26 30.13 -5.42
C THR B 57 -6.24 29.01 -6.47
N LEU B 58 -5.29 29.07 -7.39
CA LEU B 58 -5.02 27.94 -8.27
C LEU B 58 -4.35 26.81 -7.50
N THR B 59 -4.80 25.58 -7.74
CA THR B 59 -4.17 24.40 -7.13
C THR B 59 -4.08 23.29 -8.16
N VAL B 60 -2.93 22.61 -8.18
CA VAL B 60 -2.76 21.36 -8.92
C VAL B 60 -2.58 20.25 -7.90
N ALA B 61 -3.53 19.31 -7.87
CA ALA B 61 -3.60 18.33 -6.80
C ALA B 61 -3.52 16.92 -7.34
N PHE B 62 -2.70 16.10 -6.72
CA PHE B 62 -2.63 14.66 -7.00
C PHE B 62 -3.66 13.97 -6.11
N ARG B 63 -4.87 13.87 -6.62
CA ARG B 63 -6.00 13.45 -5.79
C ARG B 63 -6.25 11.95 -5.91
N TYR B 64 -7.14 11.46 -5.05
CA TYR B 64 -7.68 10.12 -5.13
C TYR B 64 -9.07 10.14 -4.53
N GLY B 65 -9.94 9.26 -5.03
CA GLY B 65 -11.30 9.22 -4.56
C GLY B 65 -12.14 10.40 -5.05
N ARG B 66 -13.44 10.19 -5.17
CA ARG B 66 -14.33 11.23 -5.68
C ARG B 66 -14.86 12.09 -4.55
N GLU B 67 -15.30 13.30 -4.92
CA GLU B 67 -15.93 14.23 -4.00
C GLU B 67 -17.42 13.98 -3.84
N ASP B 68 -17.88 12.77 -4.16
CA ASP B 68 -19.29 12.40 -4.13
C ASP B 68 -19.86 12.27 -2.73
N CYS B 69 -19.02 12.45 -1.70
CA CYS B 69 -19.38 12.18 -0.31
C CYS B 69 -19.63 10.69 -0.07
N ASP B 70 -19.02 9.84 -0.88
CA ASP B 70 -18.97 8.42 -0.57
C ASP B 70 -18.06 8.21 0.65
N VAL B 71 -18.05 6.99 1.17
CA VAL B 71 -17.40 6.70 2.44
C VAL B 71 -15.99 6.18 2.19
N LEU B 72 -15.43 6.53 1.03
CA LEU B 72 -14.15 6.01 0.57
C LEU B 72 -12.99 6.51 1.45
N GLY B 73 -11.81 5.94 1.19
CA GLY B 73 -10.56 6.37 1.79
C GLY B 73 -9.92 7.51 1.03
N LEU B 74 -10.52 8.69 1.15
CA LEU B 74 -10.33 9.80 0.23
C LEU B 74 -8.92 10.41 0.27
N SER B 75 -8.46 10.85 -0.92
CA SER B 75 -7.42 11.83 -1.16
C SER B 75 -6.02 11.63 -0.59
N PHE B 76 -5.18 10.84 -1.24
CA PHE B 76 -3.75 11.03 -0.97
C PHE B 76 -3.36 12.40 -1.53
N ARG B 77 -3.89 13.47 -0.93
CA ARG B 77 -4.03 14.78 -1.57
C ARG B 77 -2.75 15.62 -1.52
N LYS B 78 -1.73 15.14 -2.24
CA LYS B 78 -0.52 15.93 -2.42
C LYS B 78 -0.79 17.13 -3.34
N ASP B 79 -0.29 18.30 -2.96
CA ASP B 79 -0.26 19.44 -3.86
C ASP B 79 1.04 19.45 -4.64
N LEU B 80 0.94 19.69 -5.94
CA LEU B 80 2.15 19.94 -6.72
C LEU B 80 2.54 21.42 -6.67
N PHE B 81 1.55 22.30 -6.63
CA PHE B 81 1.78 23.74 -6.72
C PHE B 81 0.50 24.45 -6.33
N ILE B 82 0.64 25.59 -5.65
CA ILE B 82 -0.50 26.39 -5.22
C ILE B 82 -0.07 27.85 -5.19
N ALA B 83 -0.97 28.74 -5.59
CA ALA B 83 -0.69 30.16 -5.66
C ALA B 83 -1.90 30.93 -5.14
N ASN B 84 -1.69 32.21 -4.87
CA ASN B 84 -2.70 33.02 -4.19
C ASN B 84 -2.80 34.37 -4.88
N TYR B 85 -4.02 34.92 -4.93
CA TYR B 85 -4.20 36.30 -5.34
C TYR B 85 -5.32 36.95 -4.53
N GLN B 86 -5.06 38.20 -4.13
CA GLN B 86 -5.99 38.98 -3.31
C GLN B 86 -6.88 39.83 -4.23
N ALA B 87 -8.14 39.42 -4.39
CA ALA B 87 -9.04 40.16 -5.27
C ALA B 87 -9.50 41.47 -4.65
N PHE B 88 -9.82 41.47 -3.35
CA PHE B 88 -10.40 42.65 -2.71
C PHE B 88 -9.90 42.56 -1.28
N PRO B 89 -9.40 43.65 -0.66
CA PRO B 89 -9.18 45.00 -1.21
C PRO B 89 -8.15 45.04 -2.31
N PRO B 90 -8.34 45.97 -3.24
CA PRO B 90 -7.50 46.00 -4.43
C PRO B 90 -6.04 46.19 -4.06
N THR B 91 -5.20 45.46 -4.74
CA THR B 91 -3.75 45.57 -4.60
C THR B 91 -3.28 46.71 -5.49
N PRO B 92 -1.97 47.00 -5.49
CA PRO B 92 -1.42 47.82 -6.58
C PRO B 92 -1.60 47.14 -7.93
N ASN B 93 -1.18 47.80 -9.00
CA ASN B 93 -1.52 47.40 -10.36
C ASN B 93 -1.29 45.92 -10.68
N PRO B 94 -0.13 45.32 -10.40
CA PRO B 94 0.12 43.95 -10.88
C PRO B 94 -0.77 42.94 -10.19
N PRO B 95 -0.92 41.72 -10.74
CA PRO B 95 -0.29 41.18 -11.96
C PRO B 95 -0.90 41.70 -13.25
N PRO B 97 -1.58 44.84 -16.30
CA PRO B 97 -2.79 45.57 -16.62
C PRO B 97 -3.76 44.68 -17.34
N PRO B 98 -5.06 44.93 -17.21
CA PRO B 98 -6.05 43.96 -17.71
C PRO B 98 -5.88 43.66 -19.19
N THR B 99 -6.06 42.40 -19.55
CA THR B 99 -6.08 42.03 -20.95
C THR B 99 -7.40 42.49 -21.59
N ARG B 100 -7.47 42.29 -22.91
CA ARG B 100 -8.65 42.70 -23.66
C ARG B 100 -9.91 42.06 -23.08
N LEU B 101 -9.84 40.75 -22.81
CA LEU B 101 -11.00 40.03 -22.31
C LEU B 101 -11.46 40.58 -20.96
N GLN B 102 -10.52 40.84 -20.05
CA GLN B 102 -10.91 41.38 -18.76
C GLN B 102 -11.45 42.80 -18.90
N GLU B 103 -10.89 43.60 -19.80
CA GLU B 103 -11.45 44.92 -20.06
C GLU B 103 -12.91 44.82 -20.47
N ARG B 104 -13.21 43.87 -21.37
CA ARG B 104 -14.58 43.77 -21.87
C ARG B 104 -15.53 43.19 -20.82
N LEU B 105 -15.05 42.22 -20.05
CA LEU B 105 -15.82 41.71 -18.90
C LEU B 105 -16.16 42.84 -17.94
N LEU B 106 -15.17 43.66 -17.59
CA LEU B 106 -15.41 44.74 -16.63
C LEU B 106 -16.33 45.81 -17.23
N ARG B 107 -16.19 46.08 -18.53
CA ARG B 107 -17.10 47.02 -19.18
C ARG B 107 -18.54 46.52 -19.10
N LYS B 108 -18.73 45.20 -19.02
CA LYS B 108 -20.09 44.74 -18.72
C LYS B 108 -20.38 44.96 -17.24
N LEU B 109 -19.54 44.38 -16.38
CA LEU B 109 -19.88 44.18 -14.98
C LEU B 109 -19.70 45.43 -14.12
N GLY B 110 -18.89 46.39 -14.55
CA GLY B 110 -18.67 47.59 -13.76
C GLY B 110 -17.67 47.35 -12.65
N GLN B 111 -17.50 48.39 -11.83
CA GLN B 111 -16.49 48.35 -10.77
C GLN B 111 -16.84 47.38 -9.65
N HIS B 112 -18.05 46.82 -9.62
CA HIS B 112 -18.36 45.83 -8.60
C HIS B 112 -17.73 44.47 -8.88
N ALA B 113 -16.88 44.38 -9.90
CA ALA B 113 -16.11 43.18 -10.18
C ALA B 113 -14.63 43.54 -10.23
N HIS B 114 -13.77 42.56 -9.93
CA HIS B 114 -12.36 42.81 -9.81
C HIS B 114 -11.58 41.73 -10.57
N PRO B 115 -10.53 42.11 -11.30
CA PRO B 115 -9.79 41.12 -12.09
C PRO B 115 -8.84 40.28 -11.25
N PHE B 116 -8.58 39.07 -11.74
CA PHE B 116 -7.66 38.13 -11.12
C PHE B 116 -6.87 37.43 -12.22
N PHE B 117 -5.69 36.93 -11.87
CA PHE B 117 -4.73 36.54 -12.88
C PHE B 117 -3.82 35.44 -12.35
N PHE B 118 -3.41 34.54 -13.24
CA PHE B 118 -2.38 33.54 -12.96
C PHE B 118 -1.58 33.27 -14.21
N THR B 119 -0.37 32.74 -14.00
CA THR B 119 0.34 31.99 -15.03
C THR B 119 0.69 30.63 -14.45
N ILE B 120 0.26 29.57 -15.11
CA ILE B 120 0.67 28.22 -14.69
C ILE B 120 2.16 28.07 -14.91
N PRO B 121 2.93 27.62 -13.92
CA PRO B 121 4.32 27.27 -14.19
C PRO B 121 4.40 26.23 -15.30
N GLN B 122 5.28 26.49 -16.28
CA GLN B 122 5.24 25.73 -17.52
C GLN B 122 5.53 24.25 -17.28
N ASN B 123 6.44 23.95 -16.37
CA ASN B 123 6.86 22.56 -16.11
C ASN B 123 5.85 21.88 -15.18
N LEU B 124 4.67 21.65 -15.70
CA LEU B 124 3.60 20.94 -15.00
C LEU B 124 2.90 20.00 -15.96
N PRO B 125 2.21 18.98 -15.43
CA PRO B 125 1.58 17.98 -16.30
C PRO B 125 0.39 18.51 -17.10
N SER B 126 -0.22 17.62 -17.88
CA SER B 126 -1.56 17.83 -18.38
C SER B 126 -2.54 17.15 -17.42
N SER B 127 -3.82 17.47 -17.60
CA SER B 127 -4.85 16.82 -16.79
C SER B 127 -4.98 15.36 -17.24
N VAL B 128 -4.64 14.43 -16.35
CA VAL B 128 -4.66 13.00 -16.66
C VAL B 128 -5.33 12.26 -15.52
N THR B 129 -6.19 11.31 -15.86
CA THR B 129 -6.92 10.51 -14.90
C THR B 129 -6.64 9.02 -15.14
N LEU B 130 -6.27 8.31 -14.08
CA LEU B 130 -6.13 6.87 -14.17
C LEU B 130 -7.52 6.22 -14.07
N GLN B 131 -7.71 5.18 -14.87
CA GLN B 131 -9.05 4.61 -15.02
C GLN B 131 -9.48 3.91 -13.74
N PRO B 132 -10.68 4.19 -13.24
CA PRO B 132 -11.15 3.52 -12.02
C PRO B 132 -11.35 2.02 -12.26
N GLY B 133 -10.73 1.22 -11.40
CA GLY B 133 -11.00 -0.20 -11.39
C GLY B 133 -12.41 -0.48 -10.91
N PRO B 134 -13.10 -1.41 -11.56
CA PRO B 134 -14.49 -1.69 -11.16
C PRO B 134 -14.63 -2.22 -9.76
N GLU B 135 -13.58 -2.79 -9.17
CA GLU B 135 -13.67 -3.28 -7.80
C GLU B 135 -13.68 -2.14 -6.78
N ASP B 136 -13.28 -0.93 -7.18
CA ASP B 136 -13.32 0.22 -6.30
C ASP B 136 -14.67 0.92 -6.42
N THR B 137 -14.81 2.05 -5.73
CA THR B 137 -16.01 2.87 -5.79
C THR B 137 -15.61 4.29 -6.20
N GLY B 138 -16.51 4.94 -6.94
CA GLY B 138 -16.29 6.32 -7.29
C GLY B 138 -15.08 6.55 -8.18
N LYS B 139 -14.57 7.78 -8.13
CA LYS B 139 -13.47 8.18 -8.99
C LYS B 139 -12.16 7.57 -8.51
N ALA B 140 -11.13 7.76 -9.32
CA ALA B 140 -9.80 7.25 -9.04
C ALA B 140 -8.78 8.36 -9.25
N LEU B 141 -7.53 8.05 -8.93
CA LEU B 141 -6.49 9.06 -8.82
C LEU B 141 -6.17 9.69 -10.17
N GLY B 142 -5.74 10.95 -10.11
CA GLY B 142 -5.34 11.70 -11.29
C GLY B 142 -5.00 13.13 -10.95
N VAL B 143 -4.07 13.73 -11.67
CA VAL B 143 -3.65 15.11 -11.39
C VAL B 143 -4.69 16.06 -11.97
N ASP B 144 -5.43 16.72 -11.10
CA ASP B 144 -6.52 17.61 -11.50
C ASP B 144 -6.21 19.04 -11.10
N PHE B 145 -6.39 19.96 -12.04
CA PHE B 145 -6.34 21.37 -11.72
C PHE B 145 -7.62 21.80 -11.03
N GLU B 146 -7.57 22.96 -10.38
CA GLU B 146 -8.73 23.53 -9.73
C GLU B 146 -8.45 24.99 -9.40
N ILE B 147 -9.49 25.81 -9.52
CA ILE B 147 -9.45 27.21 -9.11
C ILE B 147 -10.53 27.42 -8.07
N ARG B 148 -10.15 27.89 -6.89
CA ARG B 148 -11.07 28.15 -5.79
C ARG B 148 -11.09 29.64 -5.50
N ALA B 149 -12.30 30.18 -5.33
CA ALA B 149 -12.49 31.56 -4.94
C ALA B 149 -13.29 31.61 -3.65
N PHE B 150 -12.89 32.50 -2.74
CA PHE B 150 -13.48 32.50 -1.41
C PHE B 150 -13.21 33.86 -0.75
N VAL B 151 -13.96 34.10 0.33
CA VAL B 151 -13.84 35.31 1.12
C VAL B 151 -13.52 34.91 2.56
N ALA B 152 -12.59 35.64 3.17
CA ALA B 152 -12.14 35.29 4.51
C ALA B 152 -11.40 36.46 5.14
N LYS B 153 -11.29 36.41 6.47
CA LYS B 153 -10.39 37.32 7.18
C LYS B 153 -8.94 36.90 7.06
N SER B 154 -8.68 35.60 6.98
CA SER B 154 -7.33 35.09 6.87
C SER B 154 -7.30 33.86 5.99
N LEU B 155 -6.13 33.60 5.42
CA LEU B 155 -5.99 32.49 4.48
C LEU B 155 -6.11 31.14 5.18
N GLU B 156 -5.84 31.10 6.48
CA GLU B 156 -5.96 29.89 7.27
C GLU B 156 -7.37 29.67 7.82
N GLU B 157 -8.31 30.56 7.50
CA GLU B 157 -9.64 30.48 8.07
C GLU B 157 -10.37 29.22 7.55
N LYS B 158 -11.44 28.86 8.28
CA LYS B 158 -12.10 27.57 8.08
C LYS B 158 -12.70 27.44 6.68
N SER B 159 -13.04 28.55 6.03
CA SER B 159 -13.50 28.56 4.64
C SER B 159 -14.77 27.71 4.46
N HIS B 160 -15.86 28.22 5.02
CA HIS B 160 -17.16 27.55 4.89
C HIS B 160 -17.59 27.48 3.42
N LYS B 161 -18.55 26.58 3.16
CA LYS B 161 -19.01 26.33 1.80
C LYS B 161 -19.71 27.55 1.21
N ARG B 162 -20.50 28.26 2.01
CA ARG B 162 -21.11 29.49 1.52
C ARG B 162 -20.08 30.58 1.27
N ASN B 163 -18.91 30.49 1.90
CA ASN B 163 -17.84 31.46 1.73
C ASN B 163 -16.94 31.18 0.54
N SER B 164 -17.12 30.04 -0.15
CA SER B 164 -16.18 29.61 -1.16
C SER B 164 -16.93 28.98 -2.34
N VAL B 165 -16.24 28.92 -3.48
CA VAL B 165 -16.81 28.37 -4.71
C VAL B 165 -15.70 27.68 -5.49
N ARG B 166 -16.07 26.65 -6.25
CA ARG B 166 -15.12 25.76 -6.89
C ARG B 166 -15.41 25.64 -8.38
N LEU B 167 -14.36 25.66 -9.19
CA LEU B 167 -14.43 25.55 -10.64
C LEU B 167 -13.25 24.74 -11.13
N VAL B 168 -13.49 23.84 -12.08
CA VAL B 168 -12.48 22.90 -12.56
C VAL B 168 -12.04 23.33 -13.96
N ILE B 169 -10.75 23.19 -14.24
CA ILE B 169 -10.16 23.54 -15.54
C ILE B 169 -9.21 22.43 -15.96
N ARG B 170 -8.85 22.44 -17.24
CA ARG B 170 -7.92 21.47 -17.80
C ARG B 170 -6.76 22.17 -18.48
N LYS B 171 -5.61 21.49 -18.47
CA LYS B 171 -4.42 21.91 -19.21
C LYS B 171 -4.08 20.78 -20.18
N VAL B 172 -4.07 21.09 -21.48
CA VAL B 172 -4.02 20.05 -22.50
C VAL B 172 -3.09 20.51 -23.63
N GLN B 173 -2.55 19.53 -24.35
CA GLN B 173 -1.54 19.76 -25.38
C GLN B 173 -2.02 19.22 -26.72
N PHE B 174 -1.57 19.86 -27.80
CA PHE B 174 -1.97 19.50 -29.15
C PHE B 174 -0.73 19.28 -30.03
N ALA B 175 -0.98 18.73 -31.21
CA ALA B 175 0.09 18.26 -32.07
C ALA B 175 0.94 19.44 -32.55
N PRO B 176 2.25 19.25 -32.70
CA PRO B 176 3.07 20.25 -33.36
C PRO B 176 2.72 20.37 -34.84
N GLU B 177 3.10 21.50 -35.43
CA GLU B 177 2.78 21.79 -36.81
C GLU B 177 3.68 21.07 -37.81
N LYS B 178 4.76 20.44 -37.36
CA LYS B 178 5.65 19.70 -38.24
C LYS B 178 5.99 18.34 -37.65
N PRO B 179 5.94 17.29 -38.45
CA PRO B 179 6.23 15.94 -37.93
C PRO B 179 7.71 15.69 -37.79
N GLY B 180 8.02 14.71 -36.95
CA GLY B 180 9.37 14.29 -36.73
C GLY B 180 9.77 13.13 -37.61
N PRO B 181 10.94 12.57 -37.33
CA PRO B 181 11.38 11.40 -38.10
C PRO B 181 10.56 10.15 -37.84
N GLN B 182 10.52 9.35 -38.91
CA GLN B 182 9.84 8.11 -38.93
C GLN B 182 10.49 7.14 -37.92
N PRO B 183 9.67 6.45 -37.10
CA PRO B 183 10.18 5.44 -36.19
C PRO B 183 10.44 4.10 -36.90
N SER B 184 11.62 3.54 -36.71
CA SER B 184 12.02 2.26 -37.30
C SER B 184 13.09 1.65 -36.41
N ALA B 185 13.28 0.35 -36.56
CA ALA B 185 14.28 -0.33 -35.76
C ALA B 185 14.57 -1.64 -36.46
N GLU B 186 15.74 -2.19 -36.14
CA GLU B 186 16.17 -3.45 -36.71
C GLU B 186 17.04 -4.14 -35.69
N THR B 187 17.16 -5.46 -35.82
CA THR B 187 17.83 -6.26 -34.82
C THR B 187 18.29 -7.57 -35.47
N THR B 188 19.40 -8.11 -34.96
CA THR B 188 19.90 -9.41 -35.37
C THR B 188 19.91 -10.36 -34.19
N ARG B 189 19.60 -11.63 -34.45
CA ARG B 189 19.75 -12.72 -33.48
C ARG B 189 20.59 -13.80 -34.15
N HIS B 190 21.91 -13.63 -34.09
CA HIS B 190 22.84 -14.67 -34.52
C HIS B 190 23.00 -15.70 -33.41
N PHE B 191 23.20 -16.95 -33.80
CA PHE B 191 23.36 -18.00 -32.81
C PHE B 191 24.72 -17.86 -32.11
N LEU B 192 24.91 -18.69 -31.09
CA LEU B 192 25.99 -18.45 -30.13
C LEU B 192 27.37 -18.49 -30.79
N MET B 193 27.56 -19.38 -31.76
CA MET B 193 28.88 -19.49 -32.39
C MET B 193 28.80 -19.46 -33.90
N SER B 194 27.71 -19.94 -34.48
CA SER B 194 27.60 -20.06 -35.93
C SER B 194 27.04 -18.78 -36.54
N ASP B 195 27.33 -18.59 -37.83
CA ASP B 195 26.84 -17.43 -38.58
C ASP B 195 25.34 -17.51 -38.85
N ARG B 196 24.71 -18.66 -38.62
CA ARG B 196 23.27 -18.78 -38.79
C ARG B 196 22.56 -17.74 -37.93
N SER B 197 21.60 -17.04 -38.51
CA SER B 197 21.07 -15.85 -37.86
C SER B 197 19.59 -15.67 -38.15
N LEU B 198 18.91 -15.04 -37.20
CA LEU B 198 17.56 -14.50 -37.37
C LEU B 198 17.64 -12.99 -37.26
N HIS B 199 16.99 -12.29 -38.18
CA HIS B 199 17.12 -10.84 -38.26
C HIS B 199 15.77 -10.25 -38.67
N LEU B 200 15.52 -9.02 -38.22
CA LEU B 200 14.18 -8.45 -38.35
C LEU B 200 14.24 -6.93 -38.46
N GLU B 201 13.16 -6.36 -38.99
CA GLU B 201 13.00 -4.91 -39.13
C GLU B 201 11.54 -4.54 -38.89
N ALA B 202 11.32 -3.27 -38.56
CA ALA B 202 9.97 -2.74 -38.42
C ALA B 202 10.01 -1.23 -38.59
N SER B 203 8.89 -0.66 -39.05
CA SER B 203 8.79 0.77 -39.25
C SER B 203 7.32 1.18 -39.27
N LEU B 204 7.09 2.48 -39.11
CA LEU B 204 5.75 3.04 -38.98
C LEU B 204 5.47 4.04 -40.10
N ASP B 205 4.20 4.46 -40.18
CA ASP B 205 3.81 5.51 -41.11
C ASP B 205 4.38 6.84 -40.70
N LYS B 206 4.25 7.18 -39.43
CA LYS B 206 4.52 8.53 -38.92
C LYS B 206 4.98 8.41 -37.48
N GLU B 207 5.51 9.52 -36.95
CA GLU B 207 5.75 9.56 -35.51
C GLU B 207 4.50 9.98 -34.75
N LEU B 208 3.67 10.83 -35.34
CA LEU B 208 2.50 11.40 -34.69
C LEU B 208 1.23 10.86 -35.32
N TYR B 209 0.29 10.45 -34.48
CA TYR B 209 -1.00 9.95 -34.94
C TYR B 209 -2.14 10.63 -34.17
N TYR B 210 -3.26 10.78 -34.87
CA TYR B 210 -4.49 11.22 -34.21
C TYR B 210 -5.17 10.02 -33.56
N HIS B 211 -5.92 10.28 -32.50
CA HIS B 211 -6.57 9.21 -31.76
C HIS B 211 -7.49 8.41 -32.68
N GLY B 212 -7.37 7.09 -32.63
CA GLY B 212 -8.22 6.22 -33.41
C GLY B 212 -7.76 5.99 -34.83
N GLU B 213 -6.85 6.79 -35.36
CA GLU B 213 -6.37 6.59 -36.71
C GLU B 213 -5.50 5.34 -36.75
N PRO B 214 -5.70 4.44 -37.71
CA PRO B 214 -4.96 3.18 -37.70
C PRO B 214 -3.46 3.37 -37.90
N LEU B 215 -2.69 2.69 -37.05
CA LEU B 215 -1.25 2.57 -37.26
C LEU B 215 -0.98 1.38 -38.16
N ASN B 216 -0.10 1.55 -39.14
CA ASN B 216 0.44 0.46 -39.93
C ASN B 216 1.90 0.27 -39.54
N VAL B 217 2.24 -0.92 -39.05
CA VAL B 217 3.60 -1.27 -38.72
C VAL B 217 4.10 -2.25 -39.78
N ASN B 218 5.18 -1.90 -40.45
CA ASN B 218 5.82 -2.84 -41.36
C ASN B 218 6.68 -3.80 -40.56
N VAL B 219 6.74 -5.05 -41.01
CA VAL B 219 7.64 -6.04 -40.44
C VAL B 219 8.35 -6.77 -41.56
N HIS B 220 9.64 -7.00 -41.38
CA HIS B 220 10.46 -7.76 -42.32
C HIS B 220 11.35 -8.68 -41.51
N VAL B 221 11.47 -9.94 -41.95
CA VAL B 221 12.23 -10.94 -41.22
C VAL B 221 13.18 -11.64 -42.18
N THR B 222 14.44 -11.74 -41.78
CA THR B 222 15.43 -12.56 -42.46
C THR B 222 15.81 -13.71 -41.54
N ASN B 223 15.59 -14.94 -41.99
CA ASN B 223 15.88 -16.14 -41.20
C ASN B 223 16.82 -17.03 -42.02
N ASN B 224 18.11 -16.76 -41.90
CA ASN B 224 19.14 -17.64 -42.45
C ASN B 224 19.65 -18.58 -41.36
N SER B 225 18.72 -19.37 -40.83
CA SER B 225 19.02 -20.23 -39.69
C SER B 225 18.08 -21.42 -39.70
N THR B 226 18.37 -22.39 -38.84
CA THR B 226 17.60 -23.62 -38.78
C THR B 226 16.31 -23.49 -37.98
N LYS B 227 16.17 -22.43 -37.18
CA LYS B 227 15.01 -22.31 -36.30
C LYS B 227 13.80 -21.76 -37.06
N THR B 228 12.63 -22.02 -36.50
CA THR B 228 11.37 -21.59 -37.06
C THR B 228 10.74 -20.52 -36.18
N VAL B 229 10.25 -19.46 -36.82
CA VAL B 229 9.46 -18.45 -36.14
C VAL B 229 8.02 -18.96 -36.11
N LYS B 230 7.54 -19.32 -34.92
CA LYS B 230 6.22 -19.94 -34.83
C LYS B 230 5.09 -18.91 -34.95
N LYS B 231 5.18 -17.79 -34.22
CA LYS B 231 4.11 -16.82 -34.19
C LYS B 231 4.69 -15.41 -34.04
N ILE B 232 3.94 -14.42 -34.53
CA ILE B 232 4.36 -13.02 -34.56
C ILE B 232 3.33 -12.14 -33.85
N LYS B 233 3.79 -11.32 -32.90
CA LYS B 233 2.89 -10.42 -32.18
C LYS B 233 3.23 -8.96 -32.42
N VAL B 234 2.18 -8.14 -32.56
CA VAL B 234 2.30 -6.69 -32.54
C VAL B 234 1.43 -6.17 -31.40
N SER B 235 2.02 -5.36 -30.54
CA SER B 235 1.33 -4.77 -29.40
C SER B 235 1.66 -3.29 -29.32
N VAL B 236 0.70 -2.52 -28.78
CA VAL B 236 0.93 -1.13 -28.42
C VAL B 236 0.90 -1.03 -26.90
N ARG B 237 1.99 -0.57 -26.31
CA ARG B 237 2.19 -0.54 -24.88
C ARG B 237 2.08 0.90 -24.38
N GLN B 238 1.40 1.09 -23.26
CA GLN B 238 1.24 2.40 -22.65
C GLN B 238 2.05 2.47 -21.36
N TYR B 239 2.71 3.61 -21.16
CA TYR B 239 3.65 3.78 -20.05
C TYR B 239 3.26 5.02 -19.26
N ALA B 240 3.07 4.85 -17.95
CA ALA B 240 2.71 5.93 -17.04
C ALA B 240 3.82 6.11 -16.02
N ASP B 241 4.48 7.27 -16.05
CA ASP B 241 5.62 7.54 -15.19
C ASP B 241 5.18 8.33 -13.95
N ILE B 242 4.53 7.62 -13.02
CA ILE B 242 4.10 8.24 -11.78
C ILE B 242 5.32 8.66 -10.97
N VAL B 243 5.34 9.91 -10.54
CA VAL B 243 6.47 10.43 -9.75
C VAL B 243 5.98 11.11 -8.49
N LEU B 244 4.86 10.62 -7.93
CA LEU B 244 4.19 11.32 -6.82
C LEU B 244 5.15 11.59 -5.66
N PHE B 245 5.85 10.57 -5.20
CA PHE B 245 6.78 10.71 -4.08
C PHE B 245 8.15 10.17 -4.41
N SER B 246 8.23 9.03 -5.09
CA SER B 246 9.48 8.45 -5.54
C SER B 246 9.20 7.79 -6.89
N THR B 247 10.19 7.83 -7.79
CA THR B 247 9.96 7.48 -9.18
C THR B 247 9.33 6.09 -9.30
N ALA B 248 8.32 6.00 -10.16
CA ALA B 248 7.59 4.75 -10.37
C ALA B 248 7.22 4.65 -11.84
N GLN B 249 6.70 3.47 -12.21
CA GLN B 249 6.18 3.28 -13.56
C GLN B 249 5.10 2.22 -13.53
N TYR B 250 4.11 2.38 -14.41
CA TYR B 250 3.07 1.39 -14.63
C TYR B 250 2.85 1.25 -16.12
N LYS B 251 2.76 0.00 -16.59
CA LYS B 251 2.65 -0.26 -18.02
C LYS B 251 1.60 -1.32 -18.31
N VAL B 252 0.91 -1.17 -19.43
CA VAL B 252 -0.22 -2.03 -19.78
C VAL B 252 -0.37 -2.06 -21.30
N PRO B 253 -0.70 -3.20 -21.91
CA PRO B 253 -1.01 -3.21 -23.34
C PRO B 253 -2.44 -2.72 -23.58
N VAL B 254 -2.58 -1.77 -24.50
CA VAL B 254 -3.88 -1.18 -24.78
C VAL B 254 -4.54 -1.77 -26.02
N ALA B 255 -3.76 -2.41 -26.91
CA ALA B 255 -4.29 -3.18 -28.03
C ALA B 255 -3.16 -4.01 -28.60
N GLN B 256 -3.52 -5.16 -29.19
CA GLN B 256 -2.50 -5.99 -29.80
C GLN B 256 -3.14 -6.96 -30.78
N VAL B 257 -2.32 -7.45 -31.71
CA VAL B 257 -2.76 -8.40 -32.74
C VAL B 257 -1.69 -9.48 -32.89
N GLU B 258 -2.14 -10.72 -33.09
CA GLU B 258 -1.29 -11.90 -33.22
C GLU B 258 -1.73 -12.73 -34.39
N GLN B 259 -0.77 -13.34 -35.08
CA GLN B 259 -1.11 -14.20 -36.20
C GLN B 259 -0.08 -15.32 -36.32
N ASP B 260 -0.53 -16.45 -36.88
CA ASP B 260 0.27 -17.66 -36.99
C ASP B 260 1.11 -17.71 -38.27
N ASP B 261 1.37 -16.56 -38.89
CA ASP B 261 2.09 -16.50 -40.16
C ASP B 261 3.57 -16.76 -39.90
N GLN B 262 3.90 -18.04 -39.77
CA GLN B 262 5.24 -18.46 -39.39
C GLN B 262 6.26 -18.16 -40.48
N VAL B 263 7.52 -18.04 -40.08
CA VAL B 263 8.64 -17.93 -40.99
C VAL B 263 9.45 -19.21 -40.87
N SER B 264 9.66 -19.89 -42.00
CA SER B 264 10.31 -21.18 -42.03
C SER B 264 11.83 -21.02 -41.91
N PRO B 265 12.56 -22.10 -41.60
CA PRO B 265 14.01 -22.03 -41.59
C PRO B 265 14.56 -21.69 -42.97
N SER B 266 15.68 -20.97 -42.98
CA SER B 266 16.34 -20.55 -44.21
C SER B 266 15.35 -19.86 -45.15
N SER B 267 14.78 -18.77 -44.66
CA SER B 267 13.66 -18.14 -45.35
C SER B 267 13.62 -16.65 -45.02
N THR B 268 12.83 -15.93 -45.81
CA THR B 268 12.62 -14.49 -45.63
C THR B 268 11.13 -14.20 -45.73
N PHE B 269 10.72 -13.08 -45.11
CA PHE B 269 9.31 -12.80 -44.93
C PHE B 269 9.10 -11.30 -44.71
N SER B 270 7.91 -10.83 -45.06
CA SER B 270 7.51 -9.45 -44.78
C SER B 270 5.99 -9.37 -44.73
N LYS B 271 5.49 -8.38 -43.97
CA LYS B 271 4.06 -8.20 -43.79
C LYS B 271 3.83 -6.80 -43.21
N VAL B 272 2.60 -6.32 -43.31
CA VAL B 272 2.16 -5.10 -42.66
C VAL B 272 0.99 -5.41 -41.75
N TYR B 273 1.05 -4.91 -40.52
CA TYR B 273 -0.01 -5.06 -39.53
C TYR B 273 -0.69 -3.72 -39.30
N THR B 274 -2.01 -3.72 -39.32
CA THR B 274 -2.80 -2.53 -39.04
C THR B 274 -3.40 -2.64 -37.65
N ILE B 275 -3.11 -1.67 -36.79
CA ILE B 275 -3.52 -1.70 -35.39
C ILE B 275 -4.09 -0.34 -35.00
N THR B 276 -5.05 -0.37 -34.08
CA THR B 276 -5.75 0.83 -33.64
C THR B 276 -5.87 0.84 -32.13
N PRO B 277 -5.39 1.88 -31.44
CA PRO B 277 -5.71 2.03 -30.02
C PRO B 277 -7.11 2.60 -29.86
N PHE B 278 -7.94 1.96 -29.04
CA PHE B 278 -9.24 2.50 -28.72
C PHE B 278 -9.70 1.95 -27.38
N LEU B 279 -10.64 2.67 -26.76
CA LEU B 279 -11.00 2.46 -25.36
C LEU B 279 -12.07 1.40 -25.15
N ALA B 280 -12.92 1.15 -26.15
CA ALA B 280 -14.13 0.36 -25.92
C ALA B 280 -13.80 -1.02 -25.34
N ASN B 281 -12.78 -1.68 -25.88
CA ASN B 281 -12.41 -3.01 -25.44
C ASN B 281 -11.45 -3.01 -24.25
N ASN B 282 -11.22 -1.84 -23.64
CA ASN B 282 -10.40 -1.73 -22.43
C ASN B 282 -11.22 -1.19 -21.26
N ARG B 283 -12.54 -1.35 -21.31
CA ARG B 283 -13.44 -0.68 -20.38
C ARG B 283 -13.18 -1.04 -18.93
N GLU B 284 -12.60 -2.20 -18.65
CA GLU B 284 -12.47 -2.70 -17.29
C GLU B 284 -11.07 -2.59 -16.71
N LYS B 285 -10.07 -2.27 -17.51
CA LYS B 285 -8.69 -2.38 -17.08
C LYS B 285 -8.33 -1.26 -16.11
N ARG B 286 -7.71 -1.62 -14.99
CA ARG B 286 -7.25 -0.66 -14.01
C ARG B 286 -5.86 -0.14 -14.36
N GLY B 287 -5.62 1.14 -14.09
CA GLY B 287 -4.33 1.73 -14.33
C GLY B 287 -4.09 2.25 -15.73
N LEU B 288 -5.05 2.10 -16.64
CA LEU B 288 -4.96 2.72 -17.95
C LEU B 288 -5.20 4.22 -17.82
N ALA B 289 -4.33 5.03 -18.41
CA ALA B 289 -4.37 6.47 -18.22
C ALA B 289 -5.26 7.13 -19.26
N LEU B 290 -6.23 7.91 -18.80
CA LEU B 290 -7.22 8.54 -19.66
C LEU B 290 -7.07 10.06 -19.59
N ASP B 291 -7.39 10.72 -20.71
CA ASP B 291 -7.21 12.15 -20.77
C ASP B 291 -8.18 12.86 -19.84
N GLY B 292 -7.89 14.13 -19.58
CA GLY B 292 -8.55 14.89 -18.54
C GLY B 292 -10.07 14.91 -18.59
N LYS B 293 -10.69 14.61 -17.46
CA LYS B 293 -12.15 14.56 -17.35
C LYS B 293 -12.63 15.76 -16.56
N LEU B 294 -13.72 16.38 -17.03
CA LEU B 294 -14.31 17.47 -16.26
C LEU B 294 -14.99 16.95 -15.01
N LYS B 295 -16.04 16.13 -15.18
CA LYS B 295 -16.67 15.48 -14.04
C LYS B 295 -16.53 13.96 -14.11
N HIS B 296 -17.18 13.31 -15.08
CA HIS B 296 -17.06 11.86 -15.26
C HIS B 296 -17.15 11.46 -16.73
N GLU B 297 -16.99 12.40 -17.65
CA GLU B 297 -17.21 12.14 -19.07
C GLU B 297 -16.21 11.12 -19.59
N ASP B 298 -16.65 10.32 -20.56
CA ASP B 298 -15.72 9.49 -21.31
C ASP B 298 -14.88 10.39 -22.22
N THR B 299 -13.67 9.93 -22.51
CA THR B 299 -12.80 10.67 -23.40
C THR B 299 -11.67 9.75 -23.86
N ASN B 300 -10.88 10.26 -24.81
CA ASN B 300 -9.81 9.52 -25.45
C ASN B 300 -8.84 8.91 -24.45
N LEU B 301 -8.09 7.89 -24.88
CA LEU B 301 -6.92 7.48 -24.13
C LEU B 301 -5.98 8.67 -23.98
N ALA B 302 -5.33 8.78 -22.83
CA ALA B 302 -4.56 9.95 -22.50
C ALA B 302 -3.58 10.29 -23.60
N SER B 303 -3.71 11.50 -24.15
CA SER B 303 -2.81 11.95 -25.20
C SER B 303 -1.39 12.03 -24.66
N SER B 304 -0.43 11.58 -25.46
CA SER B 304 0.96 11.53 -25.04
C SER B 304 1.50 12.92 -24.76
N THR B 305 1.81 13.20 -23.50
CA THR B 305 2.34 14.50 -23.13
C THR B 305 3.84 14.56 -23.40
N ILE B 306 4.26 15.65 -24.01
CA ILE B 306 5.60 15.76 -24.60
C ILE B 306 6.42 16.77 -23.82
N VAL B 307 7.72 16.49 -23.71
CA VAL B 307 8.64 17.34 -22.98
C VAL B 307 9.00 18.57 -23.80
N LYS B 308 9.40 19.64 -23.11
CA LYS B 308 9.89 20.84 -23.76
C LYS B 308 11.27 20.58 -24.37
N GLU B 309 11.77 21.59 -25.08
CA GLU B 309 13.10 21.49 -25.69
C GLU B 309 14.17 21.31 -24.63
N GLY B 310 14.08 22.07 -23.54
CA GLY B 310 14.92 21.83 -22.38
C GLY B 310 14.31 20.75 -21.51
N ALA B 311 15.01 19.62 -21.38
CA ALA B 311 14.39 18.42 -20.83
C ALA B 311 14.13 18.55 -19.33
N ASN B 312 15.17 18.83 -18.56
CA ASN B 312 15.12 18.71 -17.09
C ASN B 312 14.60 17.33 -16.71
N LYS B 313 13.82 17.24 -15.64
CA LYS B 313 13.29 15.97 -15.19
C LYS B 313 12.02 15.56 -15.95
N GLU B 314 11.32 16.53 -16.54
CA GLU B 314 10.26 16.31 -17.52
C GLU B 314 8.98 15.74 -16.92
N VAL B 315 9.01 15.34 -15.66
CA VAL B 315 7.84 14.79 -15.01
C VAL B 315 7.74 15.34 -13.61
N LEU B 316 6.59 15.94 -13.29
CA LEU B 316 6.31 16.39 -11.94
C LEU B 316 5.12 15.67 -11.32
N GLY B 317 4.12 15.33 -12.12
CA GLY B 317 3.00 14.50 -11.68
C GLY B 317 2.92 13.22 -12.49
N ILE B 318 1.94 13.15 -13.39
CA ILE B 318 1.80 12.00 -14.29
C ILE B 318 2.38 12.38 -15.66
N LEU B 319 3.15 11.45 -16.24
CA LEU B 319 3.66 11.58 -17.60
C LEU B 319 3.46 10.25 -18.31
N VAL B 320 2.86 10.30 -19.51
CA VAL B 320 2.37 9.13 -20.20
C VAL B 320 2.86 9.12 -21.64
N SER B 321 3.31 7.95 -22.10
CA SER B 321 3.81 7.79 -23.46
C SER B 321 3.47 6.39 -23.96
N TYR B 322 3.59 6.19 -25.27
CA TYR B 322 3.27 4.91 -25.90
C TYR B 322 4.46 4.40 -26.69
N ARG B 323 4.58 3.08 -26.79
CA ARG B 323 5.53 2.45 -27.69
C ARG B 323 4.96 1.18 -28.30
N VAL B 324 5.24 0.98 -29.58
CA VAL B 324 4.95 -0.27 -30.27
C VAL B 324 6.07 -1.25 -29.98
N LYS B 325 5.73 -2.53 -29.82
CA LYS B 325 6.76 -3.57 -29.74
C LYS B 325 6.31 -4.80 -30.51
N VAL B 326 7.26 -5.41 -31.21
CA VAL B 326 7.02 -6.57 -32.07
C VAL B 326 7.85 -7.72 -31.53
N LYS B 327 7.23 -8.88 -31.32
CA LYS B 327 7.91 -10.05 -30.80
C LYS B 327 7.82 -11.19 -31.80
N LEU B 328 8.96 -11.85 -32.03
CA LEU B 328 9.03 -13.03 -32.89
C LEU B 328 9.18 -14.24 -31.99
N VAL B 329 8.22 -15.16 -32.06
CA VAL B 329 8.21 -16.35 -31.21
C VAL B 329 8.86 -17.50 -31.96
N VAL B 330 9.88 -18.10 -31.36
CA VAL B 330 10.80 -19.00 -32.06
C VAL B 330 10.71 -20.39 -31.45
N SER B 331 10.77 -21.41 -32.30
CA SER B 331 10.68 -22.79 -31.86
C SER B 331 11.88 -23.17 -31.01
N ARG B 332 11.64 -24.01 -30.01
CA ARG B 332 12.67 -24.51 -29.08
C ARG B 332 13.41 -23.37 -28.39
N GLY B 333 12.72 -22.24 -28.19
CA GLY B 333 13.29 -21.12 -27.46
C GLY B 333 14.07 -20.17 -28.34
N GLY B 334 14.41 -19.02 -27.75
CA GLY B 334 15.21 -18.02 -28.42
C GLY B 334 14.39 -16.92 -29.08
N ASP B 335 13.34 -16.46 -28.41
CA ASP B 335 12.52 -15.38 -28.93
C ASP B 335 13.32 -14.09 -29.05
N VAL B 336 12.89 -13.22 -29.95
CA VAL B 336 13.53 -11.93 -30.17
C VAL B 336 12.45 -10.88 -30.39
N SER B 337 12.70 -9.67 -29.91
CA SER B 337 11.71 -8.60 -29.92
C SER B 337 12.36 -7.26 -30.25
N VAL B 338 11.52 -6.28 -30.56
CA VAL B 338 11.97 -4.92 -30.84
C VAL B 338 10.85 -3.97 -30.43
N GLU B 339 11.25 -2.76 -30.01
CA GLU B 339 10.31 -1.75 -29.55
C GLU B 339 10.67 -0.40 -30.14
N LEU B 340 9.66 0.47 -30.29
CA LEU B 340 9.84 1.74 -30.97
C LEU B 340 8.75 2.70 -30.52
N PRO B 341 9.05 4.00 -30.45
CA PRO B 341 8.09 4.97 -29.90
C PRO B 341 7.24 5.65 -30.97
N PHE B 342 6.14 6.22 -30.50
CA PHE B 342 5.29 7.11 -31.30
C PHE B 342 4.46 7.96 -30.34
N VAL B 343 3.94 9.07 -30.86
CA VAL B 343 3.16 9.99 -30.04
C VAL B 343 1.73 10.05 -30.59
N LEU B 344 0.80 10.42 -29.72
CA LEU B 344 -0.62 10.18 -29.97
C LEU B 344 -1.41 11.33 -29.38
N MET B 345 -1.95 12.21 -30.23
CA MET B 345 -2.65 13.39 -29.72
C MET B 345 -3.52 13.98 -30.81
N HIS B 346 -4.45 14.84 -30.39
CA HIS B 346 -5.35 15.52 -31.31
C HIS B 346 -4.61 16.59 -32.12
N PRO B 347 -5.15 16.99 -33.25
CA PRO B 347 -4.58 18.12 -33.98
C PRO B 347 -5.04 19.44 -33.39
N LYS B 348 -4.24 20.48 -33.64
CA LYS B 348 -4.53 21.85 -33.27
C LYS B 348 -5.91 22.23 -33.81
N PRO B 349 -6.91 22.42 -32.94
CA PRO B 349 -8.27 22.68 -33.44
C PRO B 349 -8.32 23.94 -34.28
N HIS B 350 -9.18 23.90 -35.29
CA HIS B 350 -9.24 24.94 -36.30
C HIS B 350 -9.82 26.24 -35.76
N THR C 7 45.64 -13.54 -13.99
CA THR C 7 44.34 -13.13 -13.47
C THR C 7 43.32 -12.96 -14.60
N ARG C 8 42.15 -12.46 -14.25
CA ARG C 8 41.02 -12.39 -15.17
C ARG C 8 40.36 -11.02 -15.07
N VAL C 9 39.53 -10.71 -16.06
CA VAL C 9 38.75 -9.48 -16.08
C VAL C 9 37.36 -9.78 -16.65
N PHE C 10 36.37 -9.01 -16.21
CA PHE C 10 35.01 -9.12 -16.70
C PHE C 10 34.72 -7.98 -17.67
N LYS C 11 34.05 -8.30 -18.77
CA LYS C 11 33.83 -7.34 -19.84
C LYS C 11 32.36 -7.26 -20.22
N LYS C 12 31.91 -6.04 -20.51
CA LYS C 12 30.58 -5.77 -21.06
C LYS C 12 30.70 -4.65 -22.08
N SER C 13 29.83 -4.67 -23.09
CA SER C 13 29.93 -3.70 -24.16
C SER C 13 28.55 -3.39 -24.73
N SER C 14 28.46 -2.22 -25.36
CA SER C 14 27.24 -1.80 -26.03
C SER C 14 26.99 -2.63 -27.29
N PRO C 15 25.74 -2.76 -27.73
CA PRO C 15 25.48 -3.50 -28.97
C PRO C 15 26.16 -2.91 -30.19
N ASN C 16 26.49 -1.62 -30.19
CA ASN C 16 27.22 -1.04 -31.30
C ASN C 16 28.71 -1.35 -31.27
N GLY C 17 29.20 -1.91 -30.17
CA GLY C 17 30.60 -2.24 -30.04
C GLY C 17 31.53 -1.06 -29.85
N LYS C 18 31.02 0.17 -29.92
CA LYS C 18 31.87 1.35 -29.76
C LYS C 18 32.17 1.67 -28.31
N LEU C 19 31.40 1.13 -27.37
CA LEU C 19 31.55 1.44 -25.95
C LEU C 19 31.72 0.13 -25.18
N THR C 20 32.82 0.01 -24.44
CA THR C 20 33.14 -1.21 -23.73
C THR C 20 33.66 -0.88 -22.35
N VAL C 21 33.21 -1.61 -21.34
CA VAL C 21 33.62 -1.42 -19.96
C VAL C 21 34.30 -2.69 -19.46
N TYR C 22 35.51 -2.54 -18.91
CA TYR C 22 36.23 -3.61 -18.25
C TYR C 22 36.22 -3.36 -16.75
N LEU C 23 35.99 -4.42 -15.97
CA LEU C 23 35.94 -4.29 -14.52
C LEU C 23 36.72 -5.44 -13.90
N GLY C 24 37.38 -5.16 -12.78
CA GLY C 24 38.25 -6.12 -12.16
C GLY C 24 37.57 -7.23 -11.38
N LYS C 25 36.50 -6.88 -10.66
CA LYS C 25 35.83 -7.85 -9.79
C LYS C 25 34.34 -7.57 -9.78
N ARG C 26 33.56 -8.59 -9.46
CA ARG C 26 32.12 -8.46 -9.33
C ARG C 26 31.64 -8.45 -7.89
N ASP C 27 32.36 -9.11 -6.98
CA ASP C 27 32.00 -9.17 -5.57
C ASP C 27 32.97 -8.30 -4.78
N PHE C 28 32.56 -7.05 -4.54
CA PHE C 28 33.38 -6.15 -3.75
C PHE C 28 33.13 -6.36 -2.26
N VAL C 29 34.20 -6.19 -1.48
CA VAL C 29 34.16 -6.46 -0.06
C VAL C 29 34.48 -5.18 0.69
N ASP C 30 33.87 -5.04 1.87
CA ASP C 30 34.14 -3.92 2.76
C ASP C 30 34.68 -4.45 4.09
N HIS C 31 35.52 -3.65 4.74
CA HIS C 31 36.24 -4.09 5.92
C HIS C 31 35.81 -3.37 7.19
N LEU C 32 34.78 -2.51 7.11
CA LEU C 32 34.25 -1.68 8.19
C LEU C 32 35.18 -0.52 8.54
N ASP C 33 36.39 -0.53 7.97
CA ASP C 33 37.29 0.60 8.02
C ASP C 33 37.75 1.03 6.64
N LYS C 34 37.53 0.20 5.63
CA LYS C 34 37.92 0.46 4.25
C LYS C 34 37.06 -0.43 3.37
N VAL C 35 36.80 0.04 2.16
CA VAL C 35 36.02 -0.71 1.18
C VAL C 35 36.73 -0.61 -0.16
N ASP C 36 36.83 -1.74 -0.85
CA ASP C 36 37.57 -1.78 -2.09
C ASP C 36 36.89 -0.89 -3.13
N PRO C 37 37.65 -0.21 -3.97
CA PRO C 37 37.05 0.63 -5.00
C PRO C 37 36.51 -0.20 -6.16
N VAL C 38 35.68 0.44 -6.97
CA VAL C 38 35.11 -0.18 -8.16
C VAL C 38 35.92 0.18 -9.40
N ASP C 39 37.21 0.49 -9.20
CA ASP C 39 38.04 1.00 -10.29
C ASP C 39 38.08 0.06 -11.49
N GLY C 40 38.19 0.66 -12.66
CA GLY C 40 38.26 -0.11 -13.89
C GLY C 40 38.69 0.78 -15.04
N VAL C 41 38.40 0.32 -16.25
CA VAL C 41 38.72 1.07 -17.46
C VAL C 41 37.57 0.93 -18.44
N VAL C 42 37.34 2.00 -19.21
CA VAL C 42 36.34 2.02 -20.26
C VAL C 42 37.05 2.31 -21.58
N LEU C 43 36.75 1.52 -22.60
CA LEU C 43 37.29 1.71 -23.94
C LEU C 43 36.19 2.22 -24.85
N VAL C 44 36.49 3.26 -25.61
CA VAL C 44 35.52 3.90 -26.49
C VAL C 44 36.19 4.21 -27.83
N ASP C 45 35.43 4.02 -28.91
CA ASP C 45 35.91 4.36 -30.24
C ASP C 45 36.06 5.87 -30.33
N PRO C 46 37.27 6.40 -30.56
CA PRO C 46 37.44 7.85 -30.56
C PRO C 46 36.79 8.55 -31.75
N ASP C 47 36.48 7.84 -32.82
CA ASP C 47 35.78 8.44 -33.94
C ASP C 47 34.26 8.41 -33.77
N TYR C 48 33.73 7.36 -33.15
CA TYR C 48 32.29 7.24 -32.97
C TYR C 48 31.74 8.35 -32.08
N LEU C 49 32.44 8.68 -31.00
CA LEU C 49 31.92 9.66 -30.06
C LEU C 49 31.77 11.04 -30.67
N LYS C 50 32.43 11.33 -31.79
CA LYS C 50 32.18 12.58 -32.48
C LYS C 50 32.47 13.77 -31.60
N ASP C 51 31.40 14.35 -31.03
CA ASP C 51 31.53 15.40 -30.04
C ASP C 51 30.87 15.06 -28.70
N ARG C 52 30.29 13.87 -28.55
CA ARG C 52 29.67 13.49 -27.28
C ARG C 52 30.71 13.29 -26.19
N LYS C 53 30.31 13.60 -24.95
CA LYS C 53 31.09 13.27 -23.78
C LYS C 53 30.77 11.85 -23.31
N VAL C 54 31.68 11.29 -22.52
CA VAL C 54 31.60 9.89 -22.11
C VAL C 54 31.70 9.82 -20.59
N PHE C 55 30.81 9.03 -19.97
CA PHE C 55 30.71 9.00 -18.51
C PHE C 55 30.52 7.58 -18.02
N VAL C 56 30.83 7.39 -16.73
CA VAL C 56 30.39 6.23 -15.97
C VAL C 56 29.62 6.75 -14.76
N THR C 57 28.52 6.08 -14.42
CA THR C 57 27.69 6.51 -13.32
C THR C 57 27.31 5.30 -12.47
N LEU C 58 27.36 5.48 -11.17
CA LEU C 58 27.07 4.42 -10.20
C LEU C 58 25.79 4.75 -9.46
N THR C 59 24.92 3.77 -9.33
CA THR C 59 23.67 3.93 -8.60
C THR C 59 23.48 2.76 -7.66
N VAL C 60 22.98 3.04 -6.46
CA VAL C 60 22.51 2.02 -5.54
C VAL C 60 21.06 2.34 -5.25
N ALA C 61 20.16 1.45 -5.62
CA ALA C 61 18.76 1.78 -5.71
C ALA C 61 17.91 0.76 -5.00
N PHE C 62 16.80 1.25 -4.43
CA PHE C 62 15.83 0.40 -3.73
C PHE C 62 14.79 -0.10 -4.73
N ARG C 63 15.28 -0.85 -5.73
CA ARG C 63 14.48 -1.21 -6.88
C ARG C 63 13.34 -2.15 -6.50
N TYR C 64 12.42 -2.32 -7.45
CA TYR C 64 11.34 -3.27 -7.39
C TYR C 64 11.03 -3.72 -8.81
N GLY C 65 10.40 -4.88 -8.93
CA GLY C 65 10.10 -5.41 -10.25
C GLY C 65 11.35 -5.94 -10.95
N ARG C 66 11.18 -6.21 -12.24
CA ARG C 66 12.25 -6.79 -13.04
C ARG C 66 12.25 -6.17 -14.43
N GLU C 67 13.40 -6.27 -15.09
CA GLU C 67 13.60 -5.69 -16.41
C GLU C 67 13.20 -6.64 -17.54
N ASP C 68 12.35 -7.62 -17.25
CA ASP C 68 11.92 -8.60 -18.24
C ASP C 68 10.95 -8.03 -19.25
N CYS C 69 10.63 -6.74 -19.18
CA CYS C 69 9.57 -6.13 -19.98
C CYS C 69 8.21 -6.73 -19.65
N ASP C 70 8.05 -7.23 -18.44
CA ASP C 70 6.74 -7.63 -17.96
C ASP C 70 5.90 -6.39 -17.66
N VAL C 71 4.61 -6.61 -17.41
CA VAL C 71 3.65 -5.51 -17.30
C VAL C 71 3.44 -5.11 -15.84
N LEU C 72 4.41 -5.39 -14.97
CA LEU C 72 4.27 -5.22 -13.53
C LEU C 72 4.11 -3.75 -13.14
N GLY C 73 3.83 -3.54 -11.85
CA GLY C 73 3.85 -2.22 -11.24
C GLY C 73 5.27 -1.78 -10.97
N LEU C 74 6.03 -1.60 -12.05
CA LEU C 74 7.48 -1.63 -12.00
C LEU C 74 8.09 -0.43 -11.28
N SER C 75 9.20 -0.71 -10.60
CA SER C 75 10.28 0.24 -10.27
C SER C 75 9.84 1.35 -9.31
N PHE C 76 9.65 0.98 -8.06
CA PHE C 76 9.63 1.99 -7.02
C PHE C 76 11.07 2.46 -6.79
N ARG C 77 11.63 3.16 -7.78
CA ARG C 77 13.08 3.37 -7.93
C ARG C 77 13.59 4.53 -7.07
N LYS C 78 13.62 4.30 -5.76
CA LYS C 78 14.25 5.29 -4.89
C LYS C 78 15.75 5.03 -4.81
N ASP C 79 16.54 6.07 -5.12
CA ASP C 79 17.98 5.97 -5.02
C ASP C 79 18.45 6.29 -3.60
N LEU C 80 19.47 5.56 -3.15
CA LEU C 80 20.15 5.88 -1.91
C LEU C 80 21.41 6.68 -2.15
N PHE C 81 22.05 6.50 -3.30
CA PHE C 81 23.32 7.12 -3.63
C PHE C 81 23.52 7.08 -5.13
N ILE C 82 24.11 8.12 -5.69
CA ILE C 82 24.40 8.21 -7.11
C ILE C 82 25.61 9.12 -7.30
N ALA C 83 26.48 8.74 -8.23
CA ALA C 83 27.68 9.52 -8.49
C ALA C 83 28.05 9.36 -9.95
N ASN C 84 28.86 10.30 -10.44
CA ASN C 84 29.25 10.31 -11.84
C ASN C 84 30.73 10.58 -11.97
N TYR C 85 31.28 10.11 -13.10
CA TYR C 85 32.65 10.39 -13.47
C TYR C 85 32.79 10.57 -14.97
N GLN C 86 33.60 11.56 -15.35
CA GLN C 86 33.82 11.92 -16.74
C GLN C 86 34.94 11.07 -17.32
N ALA C 87 34.60 10.19 -18.26
CA ALA C 87 35.60 9.36 -18.91
C ALA C 87 36.29 10.09 -20.06
N PHE C 88 35.52 10.80 -20.88
CA PHE C 88 36.04 11.53 -22.03
C PHE C 88 35.21 12.77 -22.24
N PRO C 89 35.81 13.91 -22.62
CA PRO C 89 37.25 14.16 -22.83
C PRO C 89 38.08 13.98 -21.55
N PRO C 90 39.38 13.75 -21.67
CA PRO C 90 40.19 13.38 -20.50
C PRO C 90 40.12 14.45 -19.41
N THR C 91 39.62 14.04 -18.24
CA THR C 91 39.56 14.86 -17.06
C THR C 91 40.94 14.91 -16.40
N PRO C 92 41.20 15.91 -15.55
CA PRO C 92 42.51 15.96 -14.87
C PRO C 92 42.78 14.80 -13.93
N ASN C 93 43.92 14.88 -13.24
CA ASN C 93 44.48 13.76 -12.47
C ASN C 93 43.47 13.00 -11.60
N PRO C 94 42.68 13.65 -10.73
CA PRO C 94 41.93 12.89 -9.73
C PRO C 94 40.79 12.12 -10.36
N PRO C 95 40.24 11.08 -9.70
CA PRO C 95 40.64 10.53 -8.41
C PRO C 95 41.71 9.51 -8.68
N PRO C 97 45.94 8.54 -9.03
CA PRO C 97 46.72 8.01 -10.13
C PRO C 97 46.46 6.52 -10.26
N PRO C 98 46.53 5.97 -11.46
CA PRO C 98 46.02 4.63 -11.71
C PRO C 98 46.66 3.59 -10.80
N THR C 99 45.83 2.63 -10.37
CA THR C 99 46.33 1.47 -9.66
C THR C 99 47.05 0.54 -10.64
N ARG C 100 47.75 -0.46 -10.08
CA ARG C 100 48.46 -1.41 -10.92
C ARG C 100 47.53 -2.11 -11.88
N LEU C 101 46.32 -2.48 -11.43
CA LEU C 101 45.37 -3.14 -12.31
C LEU C 101 44.95 -2.21 -13.44
N GLN C 102 44.69 -0.94 -13.12
CA GLN C 102 44.34 0.03 -14.15
C GLN C 102 45.46 0.19 -15.17
N GLU C 103 46.70 0.32 -14.68
CA GLU C 103 47.84 0.50 -15.57
C GLU C 103 48.03 -0.71 -16.47
N ARG C 104 47.84 -1.90 -15.94
CA ARG C 104 48.04 -3.11 -16.74
C ARG C 104 46.92 -3.28 -17.76
N LEU C 105 45.69 -2.95 -17.38
CA LEU C 105 44.60 -2.89 -18.35
C LEU C 105 44.92 -1.91 -19.47
N LEU C 106 45.47 -0.74 -19.12
CA LEU C 106 45.86 0.23 -20.15
C LEU C 106 46.95 -0.32 -21.05
N ARG C 107 47.94 -1.00 -20.47
CA ARG C 107 48.98 -1.63 -21.27
C ARG C 107 48.37 -2.59 -22.28
N LYS C 108 47.34 -3.33 -21.87
CA LYS C 108 46.65 -4.21 -22.80
C LYS C 108 45.90 -3.42 -23.88
N LEU C 109 45.10 -2.44 -23.47
CA LEU C 109 44.11 -1.84 -24.36
C LEU C 109 44.64 -0.67 -25.17
N GLY C 110 45.65 0.05 -24.66
CA GLY C 110 46.16 1.19 -25.39
C GLY C 110 45.41 2.48 -25.08
N GLN C 111 45.75 3.51 -25.85
CA GLN C 111 45.29 4.86 -25.57
C GLN C 111 43.78 5.04 -25.75
N HIS C 112 43.11 4.11 -26.42
CA HIS C 112 41.66 4.24 -26.60
C HIS C 112 40.88 3.99 -25.32
N ALA C 113 41.53 3.52 -24.26
CA ALA C 113 40.90 3.31 -22.98
C ALA C 113 41.22 4.46 -22.03
N HIS C 114 40.33 4.64 -21.05
CA HIS C 114 40.50 5.65 -20.01
C HIS C 114 40.04 5.08 -18.68
N PRO C 115 40.79 5.30 -17.61
CA PRO C 115 40.40 4.76 -16.30
C PRO C 115 39.24 5.52 -15.68
N PHE C 116 38.54 4.81 -14.78
CA PHE C 116 37.45 5.40 -14.02
C PHE C 116 37.48 4.81 -12.62
N PHE C 117 36.86 5.52 -11.68
CA PHE C 117 37.09 5.24 -10.26
C PHE C 117 35.84 5.56 -9.45
N PHE C 118 35.73 4.90 -8.30
CA PHE C 118 34.70 5.22 -7.32
C PHE C 118 35.22 4.85 -5.93
N THR C 119 34.59 5.45 -4.92
CA THR C 119 34.66 4.95 -3.54
C THR C 119 33.24 4.82 -3.02
N ILE C 120 32.88 3.61 -2.60
CA ILE C 120 31.57 3.43 -1.95
C ILE C 120 31.63 4.04 -0.56
N PRO C 121 30.68 4.90 -0.19
CA PRO C 121 30.67 5.41 1.19
C PRO C 121 30.43 4.28 2.18
N GLN C 122 31.01 4.45 3.37
CA GLN C 122 30.89 3.41 4.40
C GLN C 122 29.43 3.16 4.80
N ASN C 123 28.59 4.20 4.72
CA ASN C 123 27.22 4.13 5.23
C ASN C 123 26.29 3.63 4.11
N LEU C 124 26.44 2.35 3.79
CA LEU C 124 25.59 1.71 2.78
C LEU C 124 25.47 0.23 3.11
N PRO C 125 24.39 -0.42 2.64
CA PRO C 125 24.17 -1.84 2.94
C PRO C 125 25.05 -2.77 2.13
N SER C 126 24.78 -4.07 2.28
CA SER C 126 25.20 -5.07 1.32
C SER C 126 24.11 -5.23 0.25
N SER C 127 24.36 -6.05 -0.75
CA SER C 127 23.29 -6.48 -1.62
C SER C 127 22.35 -7.40 -0.86
N VAL C 128 21.05 -7.13 -0.94
CA VAL C 128 20.03 -7.94 -0.26
C VAL C 128 18.79 -7.97 -1.16
N THR C 129 18.08 -9.09 -1.14
CA THR C 129 16.87 -9.24 -1.93
C THR C 129 15.80 -9.95 -1.11
N LEU C 130 14.58 -9.43 -1.16
CA LEU C 130 13.46 -10.09 -0.50
C LEU C 130 12.87 -11.13 -1.43
N GLN C 131 12.54 -12.29 -0.88
CA GLN C 131 12.11 -13.40 -1.71
C GLN C 131 10.82 -13.06 -2.44
N PRO C 132 10.75 -13.22 -3.75
CA PRO C 132 9.51 -12.94 -4.48
C PRO C 132 8.42 -13.91 -4.07
N GLY C 133 7.24 -13.37 -3.79
CA GLY C 133 6.08 -14.18 -3.54
C GLY C 133 5.64 -14.90 -4.79
N PRO C 134 5.28 -16.18 -4.66
CA PRO C 134 4.84 -16.94 -5.84
C PRO C 134 3.58 -16.38 -6.50
N GLU C 135 2.75 -15.65 -5.75
CA GLU C 135 1.56 -15.05 -6.35
C GLU C 135 1.89 -13.85 -7.22
N ASP C 136 3.07 -13.26 -7.08
CA ASP C 136 3.50 -12.17 -7.92
C ASP C 136 4.20 -12.73 -9.17
N THR C 137 4.63 -11.82 -10.04
CA THR C 137 5.37 -12.19 -11.24
C THR C 137 6.72 -11.47 -11.23
N GLY C 138 7.73 -12.14 -11.80
CA GLY C 138 9.03 -11.51 -11.91
C GLY C 138 9.72 -11.32 -10.57
N LYS C 139 10.70 -10.42 -10.57
CA LYS C 139 11.55 -10.19 -9.42
C LYS C 139 10.81 -9.39 -8.35
N ALA C 140 11.47 -9.22 -7.20
CA ALA C 140 10.91 -8.48 -6.08
C ALA C 140 11.97 -7.52 -5.56
N LEU C 141 11.57 -6.71 -4.57
CA LEU C 141 12.37 -5.58 -4.15
C LEU C 141 13.66 -6.03 -3.46
N GLY C 142 14.68 -5.17 -3.56
CA GLY C 142 15.96 -5.39 -2.91
C GLY C 142 17.00 -4.39 -3.36
N VAL C 143 17.77 -3.84 -2.43
CA VAL C 143 18.73 -2.80 -2.78
C VAL C 143 19.84 -3.42 -3.63
N ASP C 144 20.04 -2.86 -4.82
CA ASP C 144 20.99 -3.39 -5.78
C ASP C 144 21.96 -2.30 -6.23
N PHE C 145 23.23 -2.67 -6.34
CA PHE C 145 24.23 -1.81 -6.96
C PHE C 145 24.17 -1.97 -8.47
N GLU C 146 24.51 -0.92 -9.19
CA GLU C 146 24.59 -0.97 -10.65
C GLU C 146 25.52 0.12 -11.15
N ILE C 147 26.40 -0.23 -12.10
CA ILE C 147 27.30 0.71 -12.75
C ILE C 147 26.89 0.82 -14.21
N ARG C 148 26.73 2.05 -14.70
CA ARG C 148 26.34 2.34 -16.06
C ARG C 148 27.36 3.28 -16.71
N ALA C 149 27.57 3.09 -18.00
CA ALA C 149 28.44 3.94 -18.79
C ALA C 149 27.72 4.33 -20.08
N PHE C 150 27.93 5.57 -20.52
CA PHE C 150 27.26 6.02 -21.73
C PHE C 150 28.04 7.13 -22.40
N VAL C 151 27.77 7.29 -23.70
CA VAL C 151 28.21 8.45 -24.48
C VAL C 151 27.00 9.36 -24.64
N ALA C 152 27.17 10.64 -24.31
CA ALA C 152 26.02 11.53 -24.29
C ALA C 152 26.45 12.97 -24.57
N LYS C 153 25.48 13.78 -24.99
CA LYS C 153 25.71 15.20 -25.15
C LYS C 153 25.74 15.92 -23.81
N SER C 154 24.92 15.48 -22.86
CA SER C 154 24.88 16.08 -21.54
C SER C 154 24.36 15.04 -20.55
N LEU C 155 24.61 15.30 -19.27
CA LEU C 155 24.16 14.37 -18.23
C LEU C 155 22.64 14.28 -18.17
N GLU C 156 21.94 15.31 -18.66
CA GLU C 156 20.48 15.28 -18.74
C GLU C 156 19.97 14.73 -20.06
N GLU C 157 20.85 14.42 -21.01
CA GLU C 157 20.43 14.01 -22.33
C GLU C 157 19.73 12.66 -22.29
N LYS C 158 18.89 12.43 -23.29
CA LYS C 158 18.09 11.21 -23.37
C LYS C 158 18.98 9.99 -23.57
N SER C 159 18.54 8.87 -23.02
CA SER C 159 19.27 7.61 -23.08
C SER C 159 18.87 6.80 -24.31
N HIS C 160 19.74 5.86 -24.67
CA HIS C 160 19.51 4.98 -25.82
C HIS C 160 20.36 3.74 -25.61
N LYS C 161 19.88 2.60 -26.14
CA LYS C 161 20.58 1.34 -25.95
C LYS C 161 21.99 1.38 -26.55
N ARG C 162 22.14 1.92 -27.75
CA ARG C 162 23.47 2.02 -28.34
C ARG C 162 24.34 3.02 -27.59
N ASN C 163 23.73 3.97 -26.89
CA ASN C 163 24.51 4.99 -26.19
C ASN C 163 25.01 4.53 -24.82
N SER C 164 24.43 3.48 -24.24
CA SER C 164 24.67 3.16 -22.84
C SER C 164 24.86 1.65 -22.67
N VAL C 165 25.50 1.28 -21.55
CA VAL C 165 25.79 -0.11 -21.23
C VAL C 165 25.64 -0.28 -19.72
N ARG C 166 25.29 -1.51 -19.32
CA ARG C 166 24.85 -1.79 -17.95
C ARG C 166 25.57 -3.01 -17.40
N LEU C 167 25.91 -2.95 -16.11
CA LEU C 167 26.69 -4.01 -15.46
C LEU C 167 26.35 -4.02 -13.98
N VAL C 168 25.86 -5.16 -13.48
CA VAL C 168 25.46 -5.29 -12.08
C VAL C 168 26.66 -5.76 -11.27
N ILE C 169 26.76 -5.29 -10.02
CA ILE C 169 27.83 -5.68 -9.10
C ILE C 169 27.24 -5.88 -7.72
N ARG C 170 28.05 -6.47 -6.83
CA ARG C 170 27.62 -6.78 -5.47
C ARG C 170 28.58 -6.21 -4.44
N LYS C 171 28.04 -5.92 -3.26
CA LYS C 171 28.82 -5.53 -2.09
C LYS C 171 28.45 -6.49 -0.96
N VAL C 172 29.44 -7.23 -0.45
CA VAL C 172 29.18 -8.33 0.47
C VAL C 172 30.19 -8.29 1.61
N GLN C 173 29.77 -8.83 2.76
CA GLN C 173 30.55 -8.80 3.99
C GLN C 173 30.89 -10.22 4.44
N PHE C 174 32.07 -10.37 5.03
CA PHE C 174 32.57 -11.65 5.49
C PHE C 174 32.91 -11.60 6.97
N ALA C 175 33.16 -12.78 7.53
CA ALA C 175 33.30 -12.94 8.97
C ALA C 175 34.53 -12.19 9.49
N PRO C 176 34.44 -11.64 10.70
CA PRO C 176 35.62 -11.06 11.34
C PRO C 176 36.65 -12.13 11.68
N GLU C 177 37.83 -11.68 12.09
CA GLU C 177 38.93 -12.58 12.37
C GLU C 177 38.83 -13.26 13.73
N LYS C 178 38.03 -12.72 14.66
CA LYS C 178 37.94 -13.30 15.99
C LYS C 178 36.52 -13.16 16.53
N PRO C 179 36.03 -14.15 17.27
CA PRO C 179 34.66 -14.09 17.78
C PRO C 179 34.55 -13.29 19.07
N GLY C 180 33.31 -12.89 19.35
CA GLY C 180 33.00 -12.23 20.60
C GLY C 180 32.45 -13.19 21.63
N PRO C 181 31.73 -12.66 22.61
CA PRO C 181 31.19 -13.50 23.65
C PRO C 181 30.04 -14.41 23.21
N GLN C 182 29.99 -15.54 23.91
CA GLN C 182 28.99 -16.54 23.72
C GLN C 182 27.63 -15.97 24.12
N PRO C 183 26.58 -16.16 23.28
CA PRO C 183 25.23 -15.73 23.62
C PRO C 183 24.54 -16.65 24.64
N SER C 184 24.01 -16.06 25.72
CA SER C 184 23.30 -16.77 26.77
C SER C 184 22.33 -15.80 27.42
N ALA C 185 21.30 -16.36 28.02
CA ALA C 185 20.32 -15.55 28.71
C ALA C 185 19.55 -16.47 29.64
N GLU C 186 18.98 -15.86 30.68
CA GLU C 186 18.29 -16.60 31.71
C GLU C 186 17.17 -15.73 32.26
N THR C 187 16.24 -16.36 32.97
CA THR C 187 15.04 -15.68 33.46
C THR C 187 14.54 -16.43 34.69
N THR C 188 13.86 -15.69 35.58
CA THR C 188 13.24 -16.26 36.77
C THR C 188 11.78 -15.78 36.83
N ARG C 189 10.86 -16.63 36.37
CA ARG C 189 9.42 -16.35 36.42
C ARG C 189 8.87 -16.74 37.79
N HIS C 190 8.97 -15.81 38.72
CA HIS C 190 8.25 -15.92 39.98
C HIS C 190 6.80 -15.53 39.76
N PHE C 191 5.91 -16.12 40.54
CA PHE C 191 4.50 -15.83 40.39
C PHE C 191 4.10 -14.64 41.26
N LEU C 192 2.81 -14.32 41.26
CA LEU C 192 2.36 -12.98 41.64
C LEU C 192 2.78 -12.63 43.07
N MET C 193 2.69 -13.57 44.00
CA MET C 193 3.03 -13.24 45.38
C MET C 193 3.97 -14.27 46.01
N SER C 194 3.90 -15.51 45.57
CA SER C 194 4.63 -16.59 46.23
C SER C 194 6.05 -16.70 45.68
N ASP C 195 6.93 -17.30 46.50
CA ASP C 195 8.34 -17.44 46.14
C ASP C 195 8.56 -18.54 45.11
N ARG C 196 7.67 -19.52 45.04
CA ARG C 196 7.80 -20.59 44.05
C ARG C 196 7.83 -20.03 42.64
N SER C 197 8.74 -20.55 41.82
CA SER C 197 9.15 -19.87 40.61
C SER C 197 9.50 -20.88 39.52
N LEU C 198 9.58 -20.37 38.29
CA LEU C 198 10.07 -21.12 37.14
C LEU C 198 11.32 -20.43 36.59
N HIS C 199 12.40 -21.19 36.46
CA HIS C 199 13.71 -20.64 36.11
C HIS C 199 14.25 -21.37 34.88
N LEU C 200 14.98 -20.64 34.04
CA LEU C 200 15.39 -21.17 32.75
C LEU C 200 16.66 -20.49 32.27
N GLU C 201 17.34 -21.16 31.33
CA GLU C 201 18.57 -20.66 30.72
C GLU C 201 18.66 -21.17 29.28
N ALA C 202 19.51 -20.50 28.49
CA ALA C 202 19.81 -20.96 27.14
C ALA C 202 21.15 -20.35 26.71
N SER C 203 21.84 -21.06 25.81
CA SER C 203 23.11 -20.59 25.28
C SER C 203 23.42 -21.31 23.98
N LEU C 204 24.36 -20.75 23.22
CA LEU C 204 24.78 -21.27 21.93
C LEU C 204 26.25 -21.72 21.99
N ASP C 205 26.71 -22.32 20.89
CA ASP C 205 28.11 -22.70 20.78
C ASP C 205 29.00 -21.46 20.70
N LYS C 206 28.61 -20.51 19.86
CA LYS C 206 29.34 -19.28 19.59
C LYS C 206 28.35 -18.31 18.98
N GLU C 207 28.77 -17.06 18.80
CA GLU C 207 27.86 -16.01 18.28
C GLU C 207 27.89 -16.01 16.76
N LEU C 208 28.94 -16.54 16.15
CA LEU C 208 29.12 -16.51 14.69
C LEU C 208 29.02 -17.91 14.13
N TYR C 209 28.22 -18.07 13.07
CA TYR C 209 28.09 -19.36 12.42
C TYR C 209 28.22 -19.23 10.91
N TYR C 210 28.68 -20.30 10.28
CA TYR C 210 28.65 -20.40 8.83
C TYR C 210 27.28 -20.91 8.36
N HIS C 211 26.90 -20.51 7.16
CA HIS C 211 25.58 -20.88 6.64
C HIS C 211 25.44 -22.40 6.58
N GLY C 212 24.32 -22.88 7.09
CA GLY C 212 24.02 -24.31 7.07
C GLY C 212 24.63 -25.11 8.20
N GLU C 213 25.61 -24.58 8.91
CA GLU C 213 26.20 -25.31 10.03
C GLU C 213 25.21 -25.33 11.20
N PRO C 214 25.02 -26.49 11.83
CA PRO C 214 23.96 -26.61 12.84
C PRO C 214 24.23 -25.79 14.09
N LEU C 215 23.18 -25.12 14.58
CA LEU C 215 23.23 -24.50 15.89
C LEU C 215 22.84 -25.55 16.93
N ASN C 216 23.67 -25.73 17.95
CA ASN C 216 23.27 -26.52 19.11
C ASN C 216 22.92 -25.55 20.23
N VAL C 217 21.64 -25.25 20.37
CA VAL C 217 21.18 -24.36 21.44
C VAL C 217 21.04 -25.17 22.72
N ASN C 218 21.73 -24.73 23.76
CA ASN C 218 21.61 -25.35 25.08
C ASN C 218 20.40 -24.76 25.77
N VAL C 219 19.68 -25.60 26.52
CA VAL C 219 18.53 -25.15 27.30
C VAL C 219 18.59 -25.79 28.68
N HIS C 220 18.21 -25.02 29.69
CA HIS C 220 18.12 -25.49 31.06
C HIS C 220 16.84 -24.96 31.68
N VAL C 221 16.16 -25.80 32.45
CA VAL C 221 14.90 -25.44 33.10
C VAL C 221 14.96 -25.91 34.54
N THR C 222 14.50 -25.04 35.45
CA THR C 222 14.44 -25.36 36.88
C THR C 222 13.07 -24.90 37.37
N ASN C 223 12.12 -25.83 37.47
CA ASN C 223 10.73 -25.50 37.77
C ASN C 223 10.45 -25.81 39.25
N ASN C 224 10.81 -24.87 40.11
CA ASN C 224 10.47 -24.98 41.54
C ASN C 224 9.10 -24.37 41.82
N SER C 225 8.10 -24.90 41.13
CA SER C 225 6.73 -24.41 41.26
C SER C 225 5.76 -25.53 40.96
N THR C 226 4.47 -25.26 41.20
CA THR C 226 3.44 -26.26 41.03
C THR C 226 3.03 -26.46 39.57
N LYS C 227 3.30 -25.49 38.71
CA LYS C 227 2.82 -25.58 37.33
C LYS C 227 3.71 -26.51 36.50
N THR C 228 3.17 -26.90 35.35
CA THR C 228 3.84 -27.80 34.43
C THR C 228 4.23 -27.06 33.15
N VAL C 229 5.45 -27.30 32.70
CA VAL C 229 5.89 -26.79 31.40
C VAL C 229 5.36 -27.77 30.34
N LYS C 230 4.38 -27.33 29.56
CA LYS C 230 3.65 -28.25 28.70
C LYS C 230 4.44 -28.61 27.45
N LYS C 231 4.99 -27.62 26.76
CA LYS C 231 5.74 -27.86 25.53
C LYS C 231 6.88 -26.86 25.41
N ILE C 232 7.95 -27.28 24.73
CA ILE C 232 9.14 -26.48 24.52
C ILE C 232 9.35 -26.30 23.03
N LYS C 233 9.68 -25.08 22.60
CA LYS C 233 9.94 -24.82 21.20
C LYS C 233 11.16 -23.93 21.02
N VAL C 234 11.96 -24.26 20.01
CA VAL C 234 13.09 -23.44 19.58
C VAL C 234 12.78 -22.90 18.19
N SER C 235 12.98 -21.60 18.00
CA SER C 235 12.83 -20.97 16.71
C SER C 235 14.03 -20.07 16.43
N VAL C 236 14.39 -19.98 15.16
CA VAL C 236 15.35 -18.97 14.69
C VAL C 236 14.57 -17.93 13.90
N ARG C 237 14.58 -16.70 14.39
CA ARG C 237 13.78 -15.61 13.84
C ARG C 237 14.68 -14.69 13.02
N GLN C 238 14.24 -14.33 11.83
CA GLN C 238 14.96 -13.41 10.97
C GLN C 238 14.31 -12.03 11.03
N TYR C 239 15.13 -11.00 11.22
CA TYR C 239 14.67 -9.63 11.32
C TYR C 239 15.22 -8.83 10.15
N ALA C 240 14.33 -8.23 9.39
CA ALA C 240 14.69 -7.43 8.23
C ALA C 240 14.24 -5.99 8.50
N ASP C 241 15.19 -5.14 8.90
CA ASP C 241 14.90 -3.74 9.12
C ASP C 241 14.84 -3.03 7.76
N ILE C 242 13.70 -2.41 7.47
CA ILE C 242 13.52 -1.64 6.25
C ILE C 242 13.48 -0.17 6.65
N VAL C 243 14.39 0.62 6.07
CA VAL C 243 14.59 2.00 6.48
C VAL C 243 14.48 2.92 5.25
N LEU C 244 13.65 2.53 4.28
CA LEU C 244 13.61 3.26 3.01
C LEU C 244 13.35 4.75 3.22
N PHE C 245 12.20 5.10 3.78
CA PHE C 245 12.02 6.48 4.23
C PHE C 245 11.46 6.58 5.64
N SER C 246 10.60 5.65 6.03
CA SER C 246 10.10 5.55 7.40
C SER C 246 10.46 4.19 7.98
N THR C 247 10.93 4.20 9.23
CA THR C 247 11.46 2.98 9.84
C THR C 247 10.41 1.88 9.84
N ALA C 248 10.85 0.66 9.54
CA ALA C 248 9.98 -0.49 9.52
C ALA C 248 10.82 -1.75 9.66
N GLN C 249 10.15 -2.85 10.02
CA GLN C 249 10.81 -4.14 10.01
C GLN C 249 9.79 -5.24 9.77
N TYR C 250 10.24 -6.32 9.15
CA TYR C 250 9.43 -7.49 8.87
C TYR C 250 10.20 -8.71 9.36
N LYS C 251 9.59 -9.48 10.25
CA LYS C 251 10.29 -10.56 10.93
C LYS C 251 9.51 -11.88 10.80
N VAL C 252 10.24 -12.95 10.53
CA VAL C 252 9.66 -14.21 10.08
C VAL C 252 10.46 -15.37 10.65
N PRO C 253 9.82 -16.46 11.08
CA PRO C 253 10.58 -17.65 11.50
C PRO C 253 11.11 -18.41 10.29
N VAL C 254 12.39 -18.74 10.31
CA VAL C 254 13.03 -19.42 9.20
C VAL C 254 13.31 -20.89 9.48
N ALA C 255 13.29 -21.32 10.74
CA ALA C 255 13.34 -22.73 11.10
C ALA C 255 13.00 -22.86 12.58
N GLN C 256 12.37 -23.98 12.93
CA GLN C 256 12.02 -24.20 14.32
C GLN C 256 11.80 -25.68 14.57
N VAL C 257 11.98 -26.09 15.84
CA VAL C 257 11.85 -27.47 16.25
C VAL C 257 11.11 -27.50 17.59
N GLU C 258 10.30 -28.54 17.79
CA GLU C 258 9.47 -28.69 18.97
C GLU C 258 9.90 -29.92 19.75
N GLN C 259 9.93 -29.78 21.08
CA GLN C 259 10.22 -30.88 21.98
C GLN C 259 9.03 -31.08 22.91
N ASP C 260 8.46 -32.29 22.90
CA ASP C 260 7.31 -32.60 23.75
C ASP C 260 7.73 -33.00 25.17
N ASP C 261 9.03 -32.96 25.48
CA ASP C 261 9.54 -33.45 26.76
C ASP C 261 9.21 -32.42 27.84
N GLN C 262 7.99 -32.53 28.35
CA GLN C 262 7.48 -31.61 29.36
C GLN C 262 8.32 -31.68 30.64
N VAL C 263 8.34 -30.56 31.37
CA VAL C 263 9.01 -30.47 32.66
C VAL C 263 7.93 -30.43 33.73
N SER C 264 8.02 -31.35 34.69
CA SER C 264 6.99 -31.54 35.70
C SER C 264 7.14 -30.52 36.83
N PRO C 265 6.12 -30.39 37.69
CA PRO C 265 6.25 -29.49 38.84
C PRO C 265 7.39 -29.92 39.75
N SER C 266 8.04 -28.92 40.36
CA SER C 266 9.15 -29.14 41.29
C SER C 266 10.20 -30.06 40.67
N SER C 267 10.68 -29.66 39.51
CA SER C 267 11.54 -30.52 38.70
C SER C 267 12.53 -29.68 37.91
N THR C 268 13.57 -30.35 37.41
CA THR C 268 14.64 -29.71 36.66
C THR C 268 14.91 -30.50 35.38
N PHE C 269 15.47 -29.81 34.38
CA PHE C 269 15.66 -30.39 33.06
C PHE C 269 16.73 -29.60 32.31
N SER C 270 17.43 -30.28 31.40
CA SER C 270 18.39 -29.63 30.51
C SER C 270 18.61 -30.51 29.29
N LYS C 271 18.93 -29.87 28.17
CA LYS C 271 19.09 -30.55 26.89
C LYS C 271 19.77 -29.60 25.92
N VAL C 272 20.26 -30.16 24.81
CA VAL C 272 20.75 -29.40 23.67
C VAL C 272 19.93 -29.79 22.44
N TYR C 273 19.45 -28.79 21.71
CA TYR C 273 18.69 -29.00 20.49
C TYR C 273 19.51 -28.56 19.28
N THR C 274 19.45 -29.35 18.21
CA THR C 274 20.19 -29.08 16.98
C THR C 274 19.25 -28.48 15.96
N ILE C 275 19.59 -27.31 15.43
CA ILE C 275 18.75 -26.59 14.48
C ILE C 275 19.62 -25.97 13.40
N THR C 276 19.11 -25.98 12.16
CA THR C 276 19.84 -25.48 11.01
C THR C 276 18.96 -24.51 10.23
N PRO C 277 19.40 -23.27 9.99
CA PRO C 277 18.67 -22.40 9.06
C PRO C 277 18.98 -22.81 7.62
N PHE C 278 17.94 -22.96 6.81
CA PHE C 278 18.20 -23.40 5.44
C PHE C 278 17.01 -23.01 4.59
N LEU C 279 17.25 -22.94 3.28
CA LEU C 279 16.27 -22.34 2.37
C LEU C 279 15.26 -23.33 1.82
N ALA C 280 15.63 -24.61 1.70
CA ALA C 280 14.84 -25.55 0.91
C ALA C 280 13.38 -25.61 1.34
N ASN C 281 13.13 -25.64 2.65
CA ASN C 281 11.76 -25.71 3.15
C ASN C 281 11.08 -24.35 3.31
N ASN C 282 11.77 -23.26 2.98
CA ASN C 282 11.21 -21.92 3.06
C ASN C 282 10.93 -21.34 1.69
N ARG C 283 10.89 -22.19 0.66
CA ARG C 283 10.90 -21.72 -0.73
C ARG C 283 9.73 -20.79 -1.02
N GLU C 284 8.56 -21.07 -0.46
CA GLU C 284 7.34 -20.37 -0.82
C GLU C 284 7.08 -19.10 0.00
N LYS C 285 7.86 -18.86 1.04
CA LYS C 285 7.51 -17.83 2.01
C LYS C 285 7.97 -16.46 1.53
N ARG C 286 7.02 -15.56 1.30
CA ARG C 286 7.36 -14.21 0.86
C ARG C 286 7.95 -13.38 2.00
N GLY C 287 8.87 -12.50 1.64
CA GLY C 287 9.46 -11.59 2.59
C GLY C 287 10.71 -12.08 3.30
N LEU C 288 11.14 -13.32 3.04
CA LEU C 288 12.40 -13.80 3.58
C LEU C 288 13.55 -13.19 2.79
N ALA C 289 14.53 -12.63 3.49
CA ALA C 289 15.58 -11.84 2.86
C ALA C 289 16.73 -12.74 2.42
N LEU C 290 17.01 -12.76 1.13
CA LEU C 290 18.08 -13.57 0.56
C LEU C 290 19.29 -12.69 0.26
N ASP C 291 20.45 -13.33 0.21
CA ASP C 291 21.66 -12.59 -0.11
C ASP C 291 21.67 -12.20 -1.59
N GLY C 292 22.62 -11.35 -1.94
CA GLY C 292 22.64 -10.70 -3.24
C GLY C 292 22.62 -11.61 -4.44
N LYS C 293 21.56 -11.54 -5.22
CA LYS C 293 21.48 -12.25 -6.49
C LYS C 293 22.14 -11.42 -7.58
N LEU C 294 22.86 -12.08 -8.47
CA LEU C 294 23.37 -11.36 -9.64
C LEU C 294 22.22 -11.06 -10.60
N LYS C 295 21.63 -12.10 -11.19
CA LYS C 295 20.44 -11.91 -12.02
C LYS C 295 19.22 -12.65 -11.51
N HIS C 296 19.28 -13.97 -11.42
CA HIS C 296 18.15 -14.78 -10.98
C HIS C 296 18.59 -15.98 -10.16
N GLU C 297 19.86 -16.03 -9.76
CA GLU C 297 20.43 -17.24 -9.20
C GLU C 297 19.81 -17.57 -7.85
N ASP C 298 19.87 -18.84 -7.50
CA ASP C 298 19.61 -19.25 -6.13
C ASP C 298 20.80 -18.87 -5.26
N THR C 299 20.53 -18.59 -3.99
CA THR C 299 21.60 -18.24 -3.06
C THR C 299 21.07 -18.34 -1.63
N ASN C 300 22.00 -18.27 -0.69
CA ASN C 300 21.72 -18.55 0.71
C ASN C 300 20.85 -17.46 1.33
N LEU C 301 20.32 -17.78 2.52
CA LEU C 301 19.70 -16.76 3.36
C LEU C 301 20.68 -15.61 3.57
N ALA C 302 20.14 -14.40 3.65
CA ALA C 302 20.97 -13.21 3.66
C ALA C 302 21.96 -13.26 4.82
N SER C 303 23.24 -13.13 4.49
CA SER C 303 24.26 -13.05 5.52
C SER C 303 24.03 -11.82 6.39
N SER C 304 24.19 -11.99 7.69
CA SER C 304 23.81 -10.95 8.63
C SER C 304 24.75 -9.76 8.50
N THR C 305 24.17 -8.61 8.17
CA THR C 305 24.91 -7.36 8.13
C THR C 305 25.38 -6.96 9.52
N ILE C 306 26.64 -6.54 9.62
CA ILE C 306 27.25 -6.17 10.90
C ILE C 306 27.57 -4.68 10.88
N VAL C 307 27.19 -3.98 11.95
CA VAL C 307 27.43 -2.55 12.05
C VAL C 307 28.92 -2.29 12.25
N LYS C 308 29.37 -1.11 11.83
CA LYS C 308 30.75 -0.70 12.01
C LYS C 308 31.04 -0.40 13.48
N GLU C 309 32.34 -0.28 13.79
CA GLU C 309 32.74 0.05 15.15
C GLU C 309 32.21 1.42 15.57
N GLY C 310 32.28 2.41 14.67
CA GLY C 310 31.61 3.68 14.88
C GLY C 310 30.15 3.56 14.49
N ALA C 311 29.25 3.74 15.45
CA ALA C 311 27.88 3.26 15.25
C ALA C 311 27.05 4.18 14.36
N ASN C 312 26.77 5.39 14.84
CA ASN C 312 25.79 6.28 14.20
C ASN C 312 24.52 5.47 13.92
N LYS C 313 23.74 5.87 12.89
CA LYS C 313 22.66 5.01 12.43
C LYS C 313 23.19 3.95 11.47
N GLU C 314 24.11 4.33 10.57
CA GLU C 314 24.81 3.40 9.67
C GLU C 314 23.86 2.51 8.90
N VAL C 315 22.69 3.03 8.53
CA VAL C 315 21.66 2.19 7.93
C VAL C 315 20.86 2.96 6.90
N LEU C 316 20.79 2.41 5.70
CA LEU C 316 19.77 2.72 4.72
C LEU C 316 19.29 1.40 4.13
N GLY C 317 18.20 1.46 3.38
CA GLY C 317 17.74 0.27 2.69
C GLY C 317 17.41 -0.86 3.65
N ILE C 318 18.08 -2.00 3.48
CA ILE C 318 17.78 -3.23 4.22
C ILE C 318 18.93 -3.53 5.17
N LEU C 319 18.58 -3.77 6.44
CA LEU C 319 19.50 -4.32 7.44
C LEU C 319 18.86 -5.59 7.97
N VAL C 320 19.65 -6.66 8.11
CA VAL C 320 19.10 -7.96 8.45
C VAL C 320 19.93 -8.62 9.54
N SER C 321 19.26 -9.20 10.53
CA SER C 321 19.91 -9.85 11.66
C SER C 321 19.06 -11.03 12.12
N TYR C 322 19.61 -11.86 13.00
CA TYR C 322 18.97 -13.09 13.44
C TYR C 322 18.93 -13.16 14.96
N ARG C 323 17.93 -13.88 15.50
CA ARG C 323 17.94 -14.23 16.91
C ARG C 323 17.32 -15.61 17.07
N VAL C 324 17.81 -16.36 18.03
CA VAL C 324 17.17 -17.57 18.51
C VAL C 324 16.22 -17.17 19.64
N LYS C 325 15.11 -17.88 19.79
CA LYS C 325 14.28 -17.70 20.97
C LYS C 325 13.68 -19.03 21.38
N VAL C 326 13.62 -19.26 22.70
CA VAL C 326 13.12 -20.49 23.28
C VAL C 326 11.90 -20.14 24.11
N LYS C 327 10.77 -20.79 23.82
CA LYS C 327 9.52 -20.54 24.52
C LYS C 327 9.13 -21.75 25.36
N LEU C 328 8.76 -21.49 26.61
CA LEU C 328 8.34 -22.54 27.53
C LEU C 328 6.82 -22.41 27.69
N VAL C 329 6.08 -23.31 27.05
CA VAL C 329 4.62 -23.31 27.18
C VAL C 329 4.26 -23.91 28.54
N VAL C 330 3.41 -23.21 29.28
CA VAL C 330 3.10 -23.56 30.66
C VAL C 330 1.60 -23.80 30.78
N SER C 331 1.25 -24.83 31.57
CA SER C 331 -0.16 -25.18 31.78
C SER C 331 -0.90 -24.06 32.49
N ARG C 332 -2.14 -23.81 32.04
CA ARG C 332 -3.03 -22.80 32.62
C ARG C 332 -2.41 -21.41 32.59
N GLY C 333 -1.61 -21.13 31.57
CA GLY C 333 -1.05 -19.80 31.38
C GLY C 333 0.24 -19.58 32.14
N GLY C 334 0.74 -18.35 32.03
CA GLY C 334 2.00 -17.99 32.64
C GLY C 334 3.23 -18.38 31.84
N ASP C 335 3.10 -18.47 30.52
CA ASP C 335 4.21 -18.89 29.68
C ASP C 335 5.36 -17.88 29.74
N VAL C 336 6.55 -18.34 29.38
CA VAL C 336 7.76 -17.55 29.48
C VAL C 336 8.70 -17.92 28.32
N SER C 337 9.51 -16.95 27.89
CA SER C 337 10.41 -17.14 26.77
C SER C 337 11.72 -16.42 27.02
N VAL C 338 12.73 -16.79 26.23
CA VAL C 338 14.04 -16.16 26.30
C VAL C 338 14.54 -15.98 24.87
N GLU C 339 15.30 -14.90 24.65
CA GLU C 339 15.68 -14.47 23.31
C GLU C 339 17.15 -14.06 23.31
N LEU C 340 17.86 -14.41 22.22
CA LEU C 340 19.31 -14.24 22.14
C LEU C 340 19.80 -14.14 20.70
N PRO C 341 20.78 -13.29 20.42
CA PRO C 341 21.20 -13.03 19.04
C PRO C 341 22.37 -13.91 18.60
N PHE C 342 22.57 -13.94 17.28
CA PHE C 342 23.75 -14.53 16.67
C PHE C 342 23.88 -14.01 15.25
N VAL C 343 25.08 -14.11 14.70
CA VAL C 343 25.36 -13.61 13.36
C VAL C 343 25.70 -14.79 12.47
N LEU C 344 25.47 -14.62 11.16
CA LEU C 344 25.41 -15.73 10.23
C LEU C 344 26.01 -15.29 8.90
N MET C 345 27.21 -15.77 8.58
CA MET C 345 27.86 -15.32 7.35
C MET C 345 28.99 -16.29 6.99
N HIS C 346 29.44 -16.18 5.73
CA HIS C 346 30.51 -17.03 5.22
C HIS C 346 31.85 -16.66 5.85
N PRO C 347 32.78 -17.59 5.88
CA PRO C 347 34.16 -17.24 6.23
C PRO C 347 34.86 -16.54 5.07
N LYS C 348 35.89 -15.78 5.41
CA LYS C 348 36.60 -15.00 4.41
C LYS C 348 37.26 -15.92 3.39
N PRO C 349 36.93 -15.81 2.11
CA PRO C 349 37.56 -16.67 1.11
C PRO C 349 39.04 -16.40 0.98
N HIS C 350 39.75 -17.39 0.45
CA HIS C 350 41.20 -17.41 0.47
C HIS C 350 41.75 -18.14 -0.76
N VAL D 5 -35.17 11.63 38.31
CA VAL D 5 -34.53 10.38 37.93
C VAL D 5 -34.89 9.29 38.93
N GLN D 6 -35.24 8.11 38.42
CA GLN D 6 -35.66 7.01 39.27
C GLN D 6 -35.37 5.68 38.57
N LEU D 7 -35.25 4.63 39.40
CA LEU D 7 -35.13 3.23 39.01
C LEU D 7 -36.11 2.37 39.77
N VAL D 8 -36.85 1.53 39.05
CA VAL D 8 -37.87 0.68 39.65
C VAL D 8 -37.74 -0.72 39.05
N GLU D 9 -37.79 -1.74 39.90
CA GLU D 9 -37.85 -3.12 39.48
C GLU D 9 -39.12 -3.76 40.02
N SER D 10 -39.68 -4.68 39.23
CA SER D 10 -40.94 -5.32 39.57
C SER D 10 -40.99 -6.70 38.94
N GLY D 11 -41.91 -7.52 39.44
CA GLY D 11 -42.06 -8.88 38.98
C GLY D 11 -41.76 -9.93 40.03
N GLY D 12 -41.32 -9.57 41.22
CA GLY D 12 -41.00 -10.53 42.24
C GLY D 12 -42.25 -11.14 42.86
N GLY D 13 -42.02 -12.07 43.78
CA GLY D 13 -43.11 -12.78 44.42
C GLY D 13 -42.75 -14.18 44.83
N LEU D 14 -43.52 -15.16 44.37
CA LEU D 14 -43.38 -16.54 44.81
C LEU D 14 -43.03 -17.42 43.61
N VAL D 15 -42.10 -18.35 43.83
CA VAL D 15 -41.58 -19.21 42.76
C VAL D 15 -41.50 -20.63 43.27
N GLN D 16 -41.62 -21.58 42.35
CA GLN D 16 -41.47 -22.98 42.68
C GLN D 16 -40.01 -23.39 42.68
N PRO D 17 -39.64 -24.39 43.47
CA PRO D 17 -38.30 -24.99 43.31
C PRO D 17 -38.20 -25.70 41.97
N GLY D 18 -37.18 -25.36 41.20
CA GLY D 18 -37.06 -25.80 39.84
C GLY D 18 -37.83 -24.98 38.83
N GLY D 19 -38.57 -23.96 39.27
CA GLY D 19 -39.29 -23.08 38.38
C GLY D 19 -38.41 -21.96 37.87
N SER D 20 -39.06 -20.98 37.25
CA SER D 20 -38.35 -19.84 36.68
C SER D 20 -39.24 -18.61 36.76
N LEU D 21 -38.60 -17.44 36.85
CA LEU D 21 -39.33 -16.19 36.87
C LEU D 21 -38.48 -15.15 36.14
N ARG D 22 -39.13 -14.14 35.60
CA ARG D 22 -38.48 -13.06 34.87
C ARG D 22 -38.70 -11.73 35.60
N LEU D 23 -37.61 -11.04 35.94
CA LEU D 23 -37.68 -9.75 36.62
C LEU D 23 -37.39 -8.61 35.66
N SER D 24 -37.97 -7.46 35.96
CA SER D 24 -37.86 -6.27 35.13
C SER D 24 -37.37 -5.09 35.95
N CYS D 25 -36.66 -4.19 35.28
CA CYS D 25 -36.13 -2.96 35.88
C CYS D 25 -36.26 -1.84 34.87
N ALA D 26 -37.18 -0.92 35.12
CA ALA D 26 -37.45 0.19 34.22
C ALA D 26 -36.78 1.46 34.73
N ALA D 27 -36.03 2.12 33.86
CA ALA D 27 -35.23 3.28 34.23
C ALA D 27 -35.88 4.56 33.70
N SER D 28 -36.00 5.56 34.56
CA SER D 28 -36.57 6.84 34.19
C SER D 28 -35.53 7.94 34.41
N GLY D 29 -35.31 8.75 33.39
CA GLY D 29 -34.49 9.92 33.52
C GLY D 29 -33.00 9.73 33.34
N PHE D 30 -32.54 8.53 32.99
CA PHE D 30 -31.18 8.36 32.54
C PHE D 30 -31.15 7.35 31.41
N ASN D 31 -30.13 7.47 30.57
CA ASN D 31 -30.05 6.74 29.31
C ASN D 31 -29.24 5.47 29.50
N VAL D 32 -29.55 4.46 28.68
CA VAL D 32 -28.90 3.15 28.81
C VAL D 32 -27.83 3.06 27.73
N TYR D 33 -27.31 4.21 27.29
CA TYR D 33 -26.10 4.22 26.50
C TYR D 33 -24.96 5.02 27.12
N SER D 34 -25.24 5.89 28.08
CA SER D 34 -24.22 6.53 28.89
C SER D 34 -24.27 6.05 30.33
N SER D 35 -24.73 4.83 30.55
CA SER D 35 -24.84 4.28 31.90
C SER D 35 -24.89 2.76 31.78
N SER D 36 -25.27 2.10 32.86
CA SER D 36 -25.32 0.65 32.89
C SER D 36 -26.29 0.22 33.98
N ILE D 37 -26.71 -1.05 33.92
CA ILE D 37 -27.64 -1.63 34.88
C ILE D 37 -26.95 -2.79 35.58
N HIS D 38 -26.96 -2.77 36.91
CA HIS D 38 -26.38 -3.83 37.72
C HIS D 38 -27.43 -4.41 38.66
N TRP D 39 -27.29 -5.69 38.94
CA TRP D 39 -28.18 -6.40 39.85
C TRP D 39 -27.39 -6.97 41.02
N VAL D 40 -27.87 -6.73 42.23
CA VAL D 40 -27.28 -7.27 43.45
C VAL D 40 -28.40 -7.76 44.35
N ARG D 41 -28.07 -8.69 45.23
CA ARG D 41 -29.08 -9.44 45.95
C ARG D 41 -28.68 -9.62 47.40
N GLN D 42 -29.68 -9.98 48.22
CA GLN D 42 -29.53 -10.01 49.68
C GLN D 42 -30.49 -11.04 50.24
N ALA D 43 -29.96 -12.15 50.74
CA ALA D 43 -30.76 -13.01 51.59
C ALA D 43 -31.12 -12.25 52.86
N PRO D 44 -32.30 -12.50 53.43
CA PRO D 44 -32.77 -11.66 54.54
C PRO D 44 -31.76 -11.54 55.67
N GLY D 45 -31.42 -10.29 56.00
CA GLY D 45 -30.51 -10.00 57.08
C GLY D 45 -29.04 -10.23 56.77
N LYS D 46 -28.71 -10.77 55.60
CA LYS D 46 -27.33 -11.07 55.26
C LYS D 46 -26.71 -9.91 54.47
N GLY D 47 -25.38 -9.96 54.34
CA GLY D 47 -24.68 -8.97 53.55
C GLY D 47 -24.93 -9.21 52.08
N LEU D 48 -25.36 -8.15 51.38
CA LEU D 48 -25.75 -8.29 49.98
C LEU D 48 -24.56 -8.68 49.12
N GLU D 49 -24.86 -9.14 47.91
CA GLU D 49 -23.86 -9.73 47.03
C GLU D 49 -24.23 -9.43 45.58
N TRP D 50 -23.22 -9.32 44.73
CA TRP D 50 -23.41 -8.99 43.33
C TRP D 50 -23.62 -10.26 42.50
N VAL D 51 -24.53 -10.19 41.52
CA VAL D 51 -24.98 -11.36 40.78
C VAL D 51 -24.80 -11.20 39.27
N ALA D 52 -25.21 -10.05 38.72
CA ALA D 52 -25.22 -9.91 37.27
C ALA D 52 -25.18 -8.43 36.87
N SER D 53 -24.73 -8.19 35.64
CA SER D 53 -24.66 -6.83 35.11
C SER D 53 -24.67 -6.87 33.60
N ILE D 54 -25.12 -5.77 33.00
CA ILE D 54 -25.15 -5.60 31.56
C ILE D 54 -24.60 -4.22 31.24
N SER D 55 -23.67 -4.15 30.29
CA SER D 55 -23.00 -2.91 29.93
C SER D 55 -23.33 -2.61 28.46
N SER D 56 -24.40 -1.83 28.26
CA SER D 56 -24.97 -1.71 26.93
C SER D 56 -24.05 -1.00 25.94
N TYR D 57 -23.21 -0.07 26.42
CA TYR D 57 -22.38 0.68 25.48
C TYR D 57 -21.35 -0.23 24.81
N TYR D 58 -20.62 -1.02 25.59
CA TYR D 58 -19.67 -1.95 25.00
C TYR D 58 -20.34 -3.21 24.44
N GLY D 59 -21.52 -3.57 24.95
CA GLY D 59 -22.23 -4.75 24.52
C GLY D 59 -22.02 -5.99 25.37
N TYR D 60 -21.10 -5.95 26.32
CA TYR D 60 -20.81 -7.12 27.12
C TYR D 60 -21.89 -7.34 28.18
N THR D 61 -21.88 -8.56 28.73
CA THR D 61 -22.61 -8.90 29.95
C THR D 61 -21.68 -9.72 30.84
N TYR D 62 -21.97 -9.69 32.14
CA TYR D 62 -21.16 -10.42 33.11
C TYR D 62 -22.08 -11.10 34.11
N TYR D 63 -21.57 -12.16 34.74
CA TYR D 63 -22.32 -12.89 35.74
C TYR D 63 -21.39 -13.36 36.85
N ALA D 64 -21.99 -13.66 38.00
CA ALA D 64 -21.28 -14.35 39.06
C ALA D 64 -21.19 -15.84 38.75
N ASP D 65 -20.11 -16.47 39.22
CA ASP D 65 -19.87 -17.87 38.94
C ASP D 65 -20.90 -18.78 39.57
N SER D 66 -21.54 -18.36 40.67
CA SER D 66 -22.56 -19.18 41.30
C SER D 66 -23.79 -19.30 40.44
N VAL D 67 -23.88 -18.52 39.36
CA VAL D 67 -25.13 -18.32 38.62
C VAL D 67 -24.92 -18.34 37.10
N LYS D 68 -23.68 -18.44 36.62
CA LYS D 68 -23.36 -18.36 35.21
C LYS D 68 -24.10 -19.41 34.39
N GLY D 69 -24.66 -18.98 33.25
CA GLY D 69 -25.41 -19.87 32.40
C GLY D 69 -26.82 -20.17 32.87
N ARG D 70 -27.11 -20.02 34.17
CA ARG D 70 -28.44 -20.32 34.69
C ARG D 70 -29.35 -19.11 34.68
N PHE D 71 -28.85 -17.96 35.14
CA PHE D 71 -29.42 -16.63 34.92
C PHE D 71 -29.04 -16.09 33.54
N THR D 72 -29.74 -15.05 33.13
CA THR D 72 -29.41 -14.32 31.93
C THR D 72 -29.98 -12.92 32.06
N ILE D 73 -29.25 -11.93 31.54
CA ILE D 73 -29.59 -10.53 31.67
C ILE D 73 -29.76 -9.95 30.27
N SER D 74 -30.67 -8.99 30.14
CA SER D 74 -30.96 -8.38 28.85
C SER D 74 -31.53 -6.99 29.08
N ALA D 75 -31.46 -6.16 28.04
CA ALA D 75 -32.02 -4.82 28.11
C ALA D 75 -32.46 -4.34 26.74
N ASP D 76 -33.40 -3.40 26.74
CA ASP D 76 -33.89 -2.75 25.53
C ASP D 76 -33.52 -1.29 25.65
N THR D 77 -32.80 -0.77 24.66
CA THR D 77 -32.31 0.61 24.71
C THR D 77 -33.27 1.63 24.11
N SER D 78 -34.37 1.19 23.50
CA SER D 78 -35.41 2.12 23.07
C SER D 78 -36.48 2.28 24.14
N LYS D 79 -36.85 1.18 24.81
CA LYS D 79 -37.72 1.22 25.97
C LYS D 79 -36.98 1.66 27.22
N ASN D 80 -35.65 1.72 27.17
CA ASN D 80 -34.81 2.19 28.28
C ASN D 80 -35.20 1.34 29.50
N THR D 81 -34.89 0.05 29.40
CA THR D 81 -35.39 -0.90 30.36
C THR D 81 -34.55 -2.17 30.29
N ALA D 82 -34.43 -2.85 31.43
CA ALA D 82 -33.64 -4.07 31.53
C ALA D 82 -34.51 -5.20 32.08
N TYR D 83 -34.15 -6.42 31.72
CA TYR D 83 -34.85 -7.61 32.18
C TYR D 83 -33.83 -8.71 32.41
N LEU D 84 -34.15 -9.62 33.33
CA LEU D 84 -33.31 -10.81 33.47
C LEU D 84 -34.19 -11.99 33.80
N GLN D 85 -33.73 -13.14 33.38
CA GLN D 85 -34.53 -14.33 33.43
C GLN D 85 -33.94 -15.18 34.56
N MET D 86 -34.61 -15.25 35.71
CA MET D 86 -34.13 -16.09 36.82
C MET D 86 -34.62 -17.52 36.59
N ASN D 87 -33.73 -18.35 36.06
CA ASN D 87 -34.12 -19.68 35.60
C ASN D 87 -33.69 -20.71 36.63
N SER D 88 -34.51 -21.75 36.80
CA SER D 88 -34.16 -22.88 37.63
C SER D 88 -33.86 -22.40 39.04
N LEU D 89 -34.90 -21.85 39.67
CA LEU D 89 -34.76 -21.38 41.03
C LEU D 89 -34.56 -22.55 41.98
N ARG D 90 -34.07 -22.22 43.17
CA ARG D 90 -33.70 -23.23 44.14
C ARG D 90 -33.55 -22.55 45.49
N ALA D 91 -33.39 -23.37 46.53
CA ALA D 91 -33.36 -22.85 47.89
C ALA D 91 -32.18 -21.91 48.12
N GLU D 92 -31.06 -22.16 47.47
CA GLU D 92 -29.86 -21.35 47.70
C GLU D 92 -29.99 -19.93 47.14
N ASP D 93 -30.95 -19.69 46.26
CA ASP D 93 -31.03 -18.43 45.54
C ASP D 93 -32.19 -17.55 45.95
N THR D 94 -33.01 -17.97 46.91
CA THR D 94 -34.10 -17.11 47.36
C THR D 94 -33.53 -15.92 48.11
N ALA D 95 -33.98 -14.73 47.75
CA ALA D 95 -33.42 -13.50 48.32
C ALA D 95 -34.21 -12.31 47.80
N VAL D 96 -33.91 -11.14 48.36
CA VAL D 96 -34.36 -9.87 47.80
C VAL D 96 -33.39 -9.46 46.71
N TYR D 97 -33.89 -8.82 45.66
CA TYR D 97 -33.07 -8.45 44.52
C TYR D 97 -33.26 -6.98 44.19
N TYR D 98 -32.14 -6.28 44.01
CA TYR D 98 -32.13 -4.88 43.65
C TYR D 98 -31.50 -4.71 42.27
N CYS D 99 -32.00 -3.72 41.53
CA CYS D 99 -31.39 -3.23 40.30
C CYS D 99 -30.84 -1.84 40.55
N ALA D 100 -29.59 -1.59 40.12
CA ALA D 100 -28.91 -0.36 40.48
C ALA D 100 -28.18 0.23 39.28
N ARG D 101 -28.16 1.55 39.21
CA ARG D 101 -27.53 2.30 38.13
C ARG D 101 -26.07 2.59 38.48
N SER D 102 -25.24 2.66 37.45
CA SER D 102 -23.85 3.05 37.61
C SER D 102 -23.44 3.97 36.47
N ARG D 103 -22.51 4.87 36.76
CA ARG D 103 -21.92 5.69 35.69
C ARG D 103 -21.08 4.81 34.78
N GLN D 104 -21.17 5.07 33.47
CA GLN D 104 -20.39 4.28 32.53
C GLN D 104 -18.97 4.83 32.37
N PHE D 105 -18.83 6.15 32.31
CA PHE D 105 -17.54 6.79 32.07
C PHE D 105 -17.25 7.74 33.23
N TRP D 106 -16.64 7.23 34.29
CA TRP D 106 -16.27 5.84 34.51
C TRP D 106 -16.75 5.37 35.88
N TYR D 107 -16.82 4.05 36.04
CA TYR D 107 -17.49 3.40 37.15
C TYR D 107 -17.21 4.10 38.48
N SER D 108 -18.29 4.50 39.17
CA SER D 108 -18.19 5.28 40.39
C SER D 108 -19.19 4.81 41.43
N GLY D 109 -19.42 3.50 41.49
CA GLY D 109 -20.27 2.93 42.50
C GLY D 109 -21.74 2.96 42.13
N LEU D 110 -22.50 2.08 42.76
CA LEU D 110 -23.94 1.93 42.51
C LEU D 110 -24.66 3.03 43.28
N ASP D 111 -25.26 4.00 42.57
CA ASP D 111 -25.72 5.21 43.22
C ASP D 111 -27.22 5.52 43.13
N TYR D 112 -27.92 4.99 42.13
CA TYR D 112 -29.38 5.00 42.13
C TYR D 112 -29.89 3.58 42.27
N TRP D 113 -30.68 3.34 43.32
CA TRP D 113 -31.09 2.00 43.70
C TRP D 113 -32.61 1.88 43.62
N GLY D 114 -33.08 0.84 42.94
CA GLY D 114 -34.50 0.53 42.96
C GLY D 114 -34.95 0.10 44.34
N GLN D 115 -36.27 0.14 44.53
CA GLN D 115 -36.84 -0.09 45.86
C GLN D 115 -36.65 -1.52 46.36
N GLY D 116 -36.22 -2.44 45.51
CA GLY D 116 -36.03 -3.80 45.95
C GLY D 116 -37.31 -4.62 45.93
N THR D 117 -37.23 -5.81 45.35
CA THR D 117 -38.31 -6.78 45.41
C THR D 117 -37.73 -8.16 45.61
N LEU D 118 -38.56 -9.07 46.11
CA LEU D 118 -38.09 -10.30 46.72
C LEU D 118 -38.57 -11.52 45.95
N VAL D 119 -37.80 -12.61 46.07
CA VAL D 119 -38.02 -13.85 45.33
C VAL D 119 -38.06 -14.98 46.34
N THR D 120 -39.26 -15.31 46.82
CA THR D 120 -39.42 -16.49 47.66
C THR D 120 -39.48 -17.75 46.80
N VAL D 121 -38.94 -18.84 47.33
CA VAL D 121 -39.03 -20.14 46.69
C VAL D 121 -39.74 -21.09 47.64
N SER D 122 -40.80 -21.74 47.15
CA SER D 122 -41.64 -22.59 47.99
C SER D 122 -42.58 -23.39 47.09
N SER D 123 -43.23 -24.37 47.70
CA SER D 123 -44.30 -25.10 47.04
C SER D 123 -45.56 -24.24 47.05
N ASP E 2 -11.94 -15.16 43.35
CA ASP E 2 -12.53 -13.95 43.91
C ASP E 2 -11.51 -13.15 44.68
N ILE E 3 -11.73 -11.84 44.78
CA ILE E 3 -11.05 -11.01 45.76
C ILE E 3 -11.93 -11.02 47.01
N GLN E 4 -11.51 -11.80 48.01
CA GLN E 4 -12.27 -11.89 49.25
C GLN E 4 -12.21 -10.56 50.01
N MET E 5 -13.24 -10.31 50.79
CA MET E 5 -13.35 -9.06 51.52
C MET E 5 -13.76 -9.34 52.96
N THR E 6 -13.17 -8.62 53.90
CA THR E 6 -13.47 -8.78 55.32
C THR E 6 -13.50 -7.39 55.97
N GLN E 7 -14.26 -7.29 57.05
CA GLN E 7 -14.33 -6.04 57.81
C GLN E 7 -14.65 -6.35 59.26
N SER E 8 -14.29 -5.42 60.14
CA SER E 8 -14.49 -5.59 61.57
C SER E 8 -14.68 -4.22 62.19
N PRO E 9 -15.33 -4.15 63.36
CA PRO E 9 -15.96 -5.23 64.13
C PRO E 9 -17.32 -5.59 63.55
N SER E 10 -17.97 -6.69 63.94
CA SER E 10 -19.28 -7.01 63.37
C SER E 10 -20.37 -6.10 63.92
N SER E 11 -20.21 -5.62 65.15
CA SER E 11 -21.20 -4.74 65.77
C SER E 11 -20.49 -3.84 66.76
N LEU E 12 -21.07 -2.68 67.00
CA LEU E 12 -20.53 -1.73 67.96
C LEU E 12 -21.63 -0.75 68.34
N SER E 13 -21.36 0.05 69.38
CA SER E 13 -22.34 1.03 69.83
C SER E 13 -21.62 2.24 70.39
N ALA E 14 -22.29 3.38 70.35
CA ALA E 14 -21.72 4.66 70.74
C ALA E 14 -22.85 5.56 71.25
N SER E 15 -22.58 6.86 71.33
CA SER E 15 -23.55 7.84 71.78
C SER E 15 -23.51 9.03 70.82
N VAL E 16 -24.41 9.98 71.03
CA VAL E 16 -24.47 11.14 70.14
C VAL E 16 -23.19 11.95 70.30
N GLY E 17 -22.62 12.36 69.16
CA GLY E 17 -21.44 13.17 69.13
C GLY E 17 -20.12 12.44 69.11
N ASP E 18 -20.11 11.10 69.19
CA ASP E 18 -18.82 10.45 69.31
C ASP E 18 -18.15 10.28 67.94
N ARG E 19 -16.86 9.99 68.00
CA ARG E 19 -16.04 9.71 66.83
C ARG E 19 -15.73 8.22 66.80
N VAL E 20 -16.16 7.54 65.74
CA VAL E 20 -16.19 6.09 65.68
C VAL E 20 -15.49 5.64 64.40
N THR E 21 -14.94 4.42 64.43
CA THR E 21 -14.17 3.88 63.32
C THR E 21 -14.71 2.53 62.87
N ILE E 22 -14.65 2.29 61.55
CA ILE E 22 -15.01 1.02 60.95
C ILE E 22 -13.97 0.70 59.89
N THR E 23 -13.47 -0.53 59.88
CA THR E 23 -12.33 -0.90 59.04
C THR E 23 -12.69 -2.05 58.10
N CYS E 24 -12.27 -1.92 56.84
CA CYS E 24 -12.45 -2.94 55.82
C CYS E 24 -11.08 -3.28 55.24
N ARG E 25 -10.82 -4.56 55.04
CA ARG E 25 -9.49 -5.02 54.65
C ARG E 25 -9.58 -5.95 53.44
N ALA E 26 -8.78 -5.66 52.43
CA ALA E 26 -8.78 -6.42 51.19
C ALA E 26 -7.84 -7.61 51.30
N SER E 27 -8.25 -8.73 50.72
CA SER E 27 -7.41 -9.92 50.65
C SER E 27 -6.37 -9.84 49.55
N GLN E 28 -6.38 -8.78 48.75
CA GLN E 28 -5.42 -8.59 47.68
C GLN E 28 -5.19 -7.09 47.53
N SER E 29 -4.03 -6.74 46.98
CA SER E 29 -3.61 -5.35 46.92
C SER E 29 -4.40 -4.55 45.89
N VAL E 30 -5.68 -4.32 46.17
CA VAL E 30 -6.49 -3.47 45.29
C VAL E 30 -6.03 -2.03 45.42
N SER E 31 -6.23 -1.25 44.36
CA SER E 31 -5.92 0.17 44.36
C SER E 31 -7.03 0.94 45.06
N SER E 32 -7.07 2.24 44.86
CA SER E 32 -7.99 3.11 45.59
C SER E 32 -9.44 2.96 45.14
N ALA E 33 -9.75 1.88 44.41
CA ALA E 33 -11.08 1.67 43.86
C ALA E 33 -11.98 0.94 44.85
N VAL E 34 -12.32 1.64 45.93
CA VAL E 34 -13.19 1.11 46.97
C VAL E 34 -14.35 2.07 47.19
N ALA E 35 -15.50 1.53 47.59
CA ALA E 35 -16.66 2.36 47.89
C ALA E 35 -17.40 1.78 49.08
N TRP E 36 -18.17 2.63 49.75
CA TRP E 36 -18.90 2.27 50.96
C TRP E 36 -20.37 2.60 50.79
N TYR E 37 -21.25 1.81 51.42
CA TYR E 37 -22.68 2.05 51.35
C TYR E 37 -23.33 1.95 52.73
N GLN E 38 -24.48 2.61 52.85
CA GLN E 38 -25.27 2.65 54.06
C GLN E 38 -26.62 2.00 53.79
N GLN E 39 -27.04 1.09 54.67
CA GLN E 39 -28.35 0.46 54.56
C GLN E 39 -29.10 0.62 55.87
N LYS E 40 -30.24 1.30 55.82
CA LYS E 40 -31.18 1.22 56.92
C LYS E 40 -31.94 -0.11 56.82
N PRO E 41 -32.41 -0.64 57.95
CA PRO E 41 -33.09 -1.94 57.90
C PRO E 41 -34.38 -1.87 57.09
N GLY E 42 -34.53 -2.82 56.17
CA GLY E 42 -35.72 -2.91 55.35
C GLY E 42 -35.77 -1.96 54.17
N LYS E 43 -34.69 -1.23 53.89
CA LYS E 43 -34.70 -0.21 52.85
C LYS E 43 -33.48 -0.38 51.95
N ALA E 44 -33.55 0.25 50.78
CA ALA E 44 -32.47 0.22 49.82
C ALA E 44 -31.29 1.06 50.30
N PRO E 45 -30.08 0.79 49.78
CA PRO E 45 -28.90 1.52 50.25
C PRO E 45 -28.80 2.96 49.76
N LYS E 46 -27.69 3.59 50.13
CA LYS E 46 -27.23 4.87 49.62
C LYS E 46 -25.72 4.80 49.65
N LEU E 47 -25.04 5.36 48.64
CA LEU E 47 -23.58 5.32 48.65
C LEU E 47 -23.04 6.52 49.39
N LEU E 48 -21.99 6.28 50.19
CA LEU E 48 -21.43 7.28 51.07
C LEU E 48 -20.03 7.72 50.64
N ILE E 49 -19.17 6.76 50.31
CA ILE E 49 -17.80 7.04 49.90
C ILE E 49 -17.55 6.32 48.58
N TYR E 50 -16.97 7.03 47.61
CA TYR E 50 -16.51 6.40 46.38
C TYR E 50 -15.05 6.77 46.11
N SER E 51 -14.33 5.83 45.51
CA SER E 51 -12.88 5.91 45.28
C SER E 51 -12.10 6.09 46.57
N ALA E 52 -12.67 5.66 47.69
CA ALA E 52 -12.07 5.56 49.01
C ALA E 52 -11.78 6.89 49.69
N SER E 53 -11.92 8.04 49.01
CA SER E 53 -11.70 9.29 49.72
C SER E 53 -12.84 10.28 49.53
N SER E 54 -13.36 10.34 48.31
CA SER E 54 -14.27 11.41 47.93
C SER E 54 -15.68 11.10 48.41
N LEU E 55 -16.17 11.89 49.35
CA LEU E 55 -17.54 11.73 49.84
C LEU E 55 -18.55 12.14 48.78
N TYR E 56 -19.63 11.37 48.69
CA TYR E 56 -20.63 11.55 47.64
C TYR E 56 -21.47 12.80 47.90
N SER E 57 -21.91 13.43 46.82
CA SER E 57 -22.64 14.69 46.90
C SER E 57 -23.91 14.54 47.72
N GLY E 58 -24.22 15.57 48.51
CA GLY E 58 -25.40 15.59 49.34
C GLY E 58 -25.26 14.96 50.70
N VAL E 59 -24.21 14.18 50.92
CA VAL E 59 -23.94 13.55 52.21
C VAL E 59 -23.42 14.60 53.18
N PRO E 60 -23.90 14.65 54.42
CA PRO E 60 -23.28 15.55 55.40
C PRO E 60 -21.83 15.18 55.65
N SER E 61 -20.98 16.20 55.68
CA SER E 61 -19.52 16.01 55.66
C SER E 61 -18.99 15.35 56.92
N ARG E 62 -19.83 15.10 57.92
CA ARG E 62 -19.39 14.38 59.11
C ARG E 62 -19.13 12.91 58.86
N PHE E 63 -19.49 12.39 57.68
CA PHE E 63 -18.98 11.10 57.22
C PHE E 63 -17.63 11.29 56.55
N SER E 64 -16.83 10.24 56.53
CA SER E 64 -15.49 10.34 55.96
C SER E 64 -14.92 8.95 55.75
N GLY E 65 -13.83 8.88 54.99
CA GLY E 65 -13.11 7.65 54.75
C GLY E 65 -11.73 7.96 54.21
N SER E 66 -10.84 6.97 54.31
CA SER E 66 -9.47 7.17 53.87
C SER E 66 -8.82 5.83 53.57
N ARG E 67 -7.96 5.81 52.57
CA ARG E 67 -7.16 4.64 52.24
C ARG E 67 -5.88 4.61 53.06
N SER E 68 -5.54 3.42 53.56
CA SER E 68 -4.28 3.18 54.26
C SER E 68 -3.68 1.89 53.69
N GLY E 69 -2.88 2.03 52.63
CA GLY E 69 -2.32 0.86 51.97
C GLY E 69 -3.40 -0.02 51.39
N THR E 70 -3.62 -1.17 52.02
CA THR E 70 -4.70 -2.08 51.64
C THR E 70 -5.73 -2.23 52.75
N ASP E 71 -5.69 -1.39 53.77
CA ASP E 71 -6.74 -1.32 54.78
C ASP E 71 -7.50 -0.02 54.61
N PHE E 72 -8.82 -0.11 54.45
CA PHE E 72 -9.67 1.03 54.20
C PHE E 72 -10.47 1.34 55.45
N THR E 73 -10.44 2.60 55.88
CA THR E 73 -11.03 3.01 57.14
C THR E 73 -12.17 3.99 56.87
N LEU E 74 -13.36 3.65 57.34
CA LEU E 74 -14.47 4.59 57.39
C LEU E 74 -14.65 5.03 58.82
N THR E 75 -14.55 6.33 59.06
CA THR E 75 -14.78 6.90 60.37
C THR E 75 -15.83 8.00 60.25
N ILE E 76 -16.63 8.14 61.31
CA ILE E 76 -17.67 9.17 61.37
C ILE E 76 -17.23 10.21 62.39
N SER E 77 -17.20 11.47 61.95
CA SER E 77 -16.61 12.52 62.78
C SER E 77 -17.42 12.79 64.04
N SER E 78 -18.75 12.81 63.91
CA SER E 78 -19.61 13.04 65.07
C SER E 78 -20.95 12.35 64.82
N LEU E 79 -21.20 11.27 65.55
CA LEU E 79 -22.40 10.48 65.34
C LEU E 79 -23.63 11.25 65.77
N GLN E 80 -24.73 11.05 65.05
CA GLN E 80 -25.96 11.79 65.24
C GLN E 80 -27.13 10.82 65.36
N PRO E 81 -28.26 11.26 65.93
CA PRO E 81 -29.35 10.32 66.26
C PRO E 81 -30.03 9.63 65.08
N GLU E 82 -29.58 9.87 63.85
CA GLU E 82 -30.17 9.19 62.70
C GLU E 82 -29.13 8.41 61.89
N ASP E 83 -28.01 8.06 62.51
CA ASP E 83 -26.96 7.29 61.86
C ASP E 83 -27.09 5.79 62.13
N PHE E 84 -28.05 5.39 62.94
CA PHE E 84 -28.13 4.01 63.44
C PHE E 84 -28.56 3.09 62.31
N ALA E 85 -27.60 2.49 61.65
CA ALA E 85 -27.84 1.66 60.47
C ALA E 85 -26.69 0.68 60.31
N THR E 86 -26.74 -0.10 59.24
CA THR E 86 -25.70 -1.07 58.94
C THR E 86 -24.95 -0.65 57.68
N TYR E 87 -23.63 -0.82 57.68
CA TYR E 87 -22.75 -0.25 56.67
C TYR E 87 -21.93 -1.34 55.99
N TYR E 88 -21.69 -1.16 54.69
CA TYR E 88 -21.06 -2.17 53.83
C TYR E 88 -19.89 -1.57 53.05
N CYS E 89 -18.98 -2.46 52.65
CA CYS E 89 -17.74 -2.11 51.96
C CYS E 89 -17.61 -2.96 50.70
N GLN E 90 -17.06 -2.37 49.64
CA GLN E 90 -16.80 -3.14 48.43
C GLN E 90 -15.57 -2.61 47.71
N GLN E 91 -14.94 -3.49 46.95
CA GLN E 91 -13.98 -3.14 45.93
C GLN E 91 -14.70 -3.09 44.58
N TYR E 92 -14.14 -2.37 43.62
CA TYR E 92 -14.80 -2.35 42.32
C TYR E 92 -13.90 -2.39 41.08
N LYS E 93 -12.59 -2.56 41.19
CA LYS E 93 -11.79 -2.60 39.95
C LYS E 93 -11.45 -4.02 39.50
N TYR E 94 -12.06 -5.04 40.10
CA TYR E 94 -12.02 -6.40 39.57
C TYR E 94 -13.41 -7.01 39.61
N VAL E 95 -13.78 -7.70 38.53
CA VAL E 95 -15.06 -8.42 38.46
C VAL E 95 -14.80 -9.90 38.76
N PRO E 96 -15.65 -10.56 39.55
CA PRO E 96 -16.86 -10.04 40.19
C PRO E 96 -16.55 -9.11 41.35
N VAL E 97 -17.35 -8.06 41.55
CA VAL E 97 -17.18 -7.24 42.73
C VAL E 97 -17.58 -8.02 43.97
N THR E 98 -17.09 -7.59 45.12
CA THR E 98 -17.32 -8.30 46.36
C THR E 98 -17.76 -7.33 47.44
N PHE E 99 -18.73 -7.74 48.25
CA PHE E 99 -19.27 -6.93 49.33
C PHE E 99 -18.88 -7.54 50.67
N GLY E 100 -18.63 -6.68 51.64
CA GLY E 100 -18.19 -7.14 52.95
C GLY E 100 -19.31 -7.79 53.74
N GLN E 101 -18.93 -8.37 54.87
CA GLN E 101 -19.87 -9.08 55.72
C GLN E 101 -20.82 -8.15 56.46
N GLY E 102 -20.52 -6.86 56.54
CA GLY E 102 -21.44 -5.92 57.13
C GLY E 102 -21.16 -5.63 58.59
N THR E 103 -21.66 -4.47 59.02
CA THR E 103 -21.46 -3.93 60.36
C THR E 103 -22.67 -3.09 60.73
N LYS E 104 -22.88 -2.90 62.04
CA LYS E 104 -24.03 -2.18 62.54
C LYS E 104 -23.61 -1.20 63.62
N VAL E 105 -24.44 -0.18 63.83
CA VAL E 105 -24.17 0.90 64.77
C VAL E 105 -25.43 1.20 65.57
N GLU E 106 -25.25 1.44 66.87
CA GLU E 106 -26.37 1.76 67.77
C GLU E 106 -25.94 2.76 68.83
N ALA F 19 3.17 -0.29 38.73
CA ALA F 19 2.70 -0.34 40.12
C ALA F 19 2.55 1.05 40.74
N LEU F 23 3.76 7.76 49.17
CA LEU F 23 3.84 9.23 49.28
C LEU F 23 2.90 9.70 50.37
N ALA F 24 3.43 9.82 51.59
CA ALA F 24 2.67 10.39 52.69
C ALA F 24 2.50 11.90 52.51
N LYS F 25 1.35 12.40 52.94
CA LYS F 25 1.04 13.82 52.81
C LYS F 25 1.99 14.67 53.63
N VAL G 5 -13.19 10.18 -50.66
CA VAL G 5 -13.93 9.75 -49.49
C VAL G 5 -15.42 9.75 -49.80
N GLN G 6 -16.09 8.64 -49.48
CA GLN G 6 -17.49 8.48 -49.85
C GLN G 6 -18.16 7.55 -48.85
N LEU G 7 -19.49 7.66 -48.78
CA LEU G 7 -20.35 6.79 -48.01
C LEU G 7 -21.49 6.28 -48.89
N VAL G 8 -21.72 4.97 -48.87
CA VAL G 8 -22.60 4.29 -49.81
C VAL G 8 -23.58 3.41 -49.05
N GLU G 9 -24.82 3.36 -49.54
CA GLU G 9 -25.90 2.60 -48.93
C GLU G 9 -26.40 1.51 -49.86
N SER G 10 -27.12 0.55 -49.30
CA SER G 10 -27.84 -0.46 -50.07
C SER G 10 -28.82 -1.17 -49.15
N GLY G 11 -29.78 -1.85 -49.75
CA GLY G 11 -30.74 -2.66 -49.02
C GLY G 11 -32.17 -2.18 -49.05
N GLY G 12 -32.45 -0.97 -49.54
CA GLY G 12 -33.81 -0.48 -49.57
C GLY G 12 -34.65 -1.18 -50.61
N GLY G 13 -35.95 -0.87 -50.58
CA GLY G 13 -36.87 -1.48 -51.51
C GLY G 13 -38.28 -1.61 -50.98
N LEU G 14 -38.83 -2.82 -51.01
CA LEU G 14 -40.23 -3.06 -50.72
C LEU G 14 -40.36 -3.99 -49.51
N VAL G 15 -41.37 -3.74 -48.68
CA VAL G 15 -41.63 -4.48 -47.45
C VAL G 15 -43.12 -4.53 -47.22
N GLN G 16 -43.57 -5.56 -46.50
CA GLN G 16 -44.93 -5.72 -46.05
C GLN G 16 -44.97 -5.64 -44.53
N PRO G 17 -46.02 -5.07 -43.94
CA PRO G 17 -46.04 -4.90 -42.49
C PRO G 17 -45.88 -6.22 -41.74
N GLY G 18 -45.17 -6.15 -40.62
CA GLY G 18 -44.79 -7.33 -39.87
C GLY G 18 -43.50 -7.97 -40.30
N GLY G 19 -42.99 -7.62 -41.48
CA GLY G 19 -41.73 -8.14 -41.95
C GLY G 19 -40.56 -7.40 -41.34
N SER G 20 -39.37 -7.81 -41.76
CA SER G 20 -38.13 -7.19 -41.30
C SER G 20 -37.16 -7.07 -42.46
N LEU G 21 -36.30 -6.07 -42.40
CA LEU G 21 -35.34 -5.82 -43.46
C LEU G 21 -34.04 -5.33 -42.81
N ARG G 22 -32.95 -5.44 -43.56
CA ARG G 22 -31.62 -5.06 -43.11
C ARG G 22 -30.99 -4.08 -44.10
N LEU G 23 -30.34 -3.05 -43.58
CA LEU G 23 -29.71 -2.01 -44.38
C LEU G 23 -28.22 -1.93 -44.09
N SER G 24 -27.44 -1.54 -45.10
CA SER G 24 -25.99 -1.51 -45.01
C SER G 24 -25.45 -0.16 -45.46
N CYS G 25 -24.32 0.23 -44.86
CA CYS G 25 -23.67 1.52 -45.11
C CYS G 25 -22.16 1.27 -45.16
N ALA G 26 -21.59 1.28 -46.36
CA ALA G 26 -20.17 1.01 -46.55
C ALA G 26 -19.40 2.32 -46.68
N ALA G 27 -18.36 2.47 -45.87
CA ALA G 27 -17.59 3.69 -45.79
C ALA G 27 -16.26 3.52 -46.52
N SER G 28 -15.94 4.47 -47.39
CA SER G 28 -14.70 4.47 -48.13
C SER G 28 -13.92 5.73 -47.81
N GLY G 29 -12.66 5.56 -47.42
CA GLY G 29 -11.77 6.69 -47.23
C GLY G 29 -11.75 7.27 -45.83
N PHE G 30 -12.58 6.79 -44.91
CA PHE G 30 -12.45 7.16 -43.52
C PHE G 30 -12.64 5.92 -42.67
N ASN G 31 -12.04 5.93 -41.48
CA ASN G 31 -11.97 4.77 -40.60
C ASN G 31 -12.95 4.92 -39.44
N VAL G 32 -13.40 3.78 -38.92
CA VAL G 32 -14.50 3.76 -37.97
C VAL G 32 -13.94 3.60 -36.56
N TYR G 33 -12.70 4.04 -36.36
CA TYR G 33 -12.18 4.22 -35.01
C TYR G 33 -11.81 5.66 -34.68
N SER G 34 -11.90 6.58 -35.64
CA SER G 34 -11.85 8.00 -35.35
C SER G 34 -13.03 8.71 -35.99
N SER G 35 -14.16 8.03 -36.09
CA SER G 35 -15.38 8.59 -36.66
C SER G 35 -16.54 7.73 -36.22
N SER G 36 -17.74 8.11 -36.64
CA SER G 36 -18.94 7.42 -36.21
C SER G 36 -19.96 7.43 -37.33
N ILE G 37 -20.87 6.46 -37.29
CA ILE G 37 -21.91 6.31 -38.30
C ILE G 37 -23.26 6.63 -37.66
N HIS G 38 -24.00 7.54 -38.28
CA HIS G 38 -25.31 7.93 -37.81
C HIS G 38 -26.35 7.67 -38.89
N TRP G 39 -27.55 7.31 -38.46
CA TRP G 39 -28.67 7.06 -39.36
C TRP G 39 -29.80 8.03 -39.03
N VAL G 40 -30.32 8.70 -40.06
CA VAL G 40 -31.45 9.61 -39.92
C VAL G 40 -32.37 9.40 -41.11
N ARG G 41 -33.65 9.76 -40.92
CA ARG G 41 -34.69 9.33 -41.84
C ARG G 41 -35.65 10.46 -42.14
N GLN G 42 -36.43 10.26 -43.19
CA GLN G 42 -37.29 11.30 -43.76
C GLN G 42 -38.47 10.63 -44.45
N ALA G 43 -39.66 10.76 -43.88
CA ALA G 43 -40.86 10.39 -44.61
C ALA G 43 -40.99 11.32 -45.82
N PRO G 44 -41.56 10.82 -46.94
CA PRO G 44 -41.53 11.60 -48.19
C PRO G 44 -42.07 13.01 -48.05
N GLY G 45 -41.21 14.00 -48.32
CA GLY G 45 -41.59 15.40 -48.25
C GLY G 45 -41.61 16.00 -46.87
N LYS G 46 -41.44 15.21 -45.82
CA LYS G 46 -41.53 15.71 -44.46
C LYS G 46 -40.16 16.07 -43.91
N GLY G 47 -40.16 16.70 -42.74
CA GLY G 47 -38.92 17.08 -42.08
C GLY G 47 -38.24 15.86 -41.47
N LEU G 48 -36.93 15.77 -41.69
CA LEU G 48 -36.19 14.57 -41.32
C LEU G 48 -36.04 14.45 -39.81
N GLU G 49 -35.75 13.22 -39.38
CA GLU G 49 -35.77 12.83 -37.98
C GLU G 49 -34.58 11.90 -37.71
N TRP G 50 -34.05 11.97 -36.48
CA TRP G 50 -32.92 11.13 -36.09
C TRP G 50 -33.41 9.87 -35.39
N VAL G 51 -32.79 8.73 -35.72
CA VAL G 51 -33.30 7.41 -35.34
C VAL G 51 -32.26 6.58 -34.58
N ALA G 52 -31.02 6.51 -35.09
CA ALA G 52 -30.07 5.58 -34.51
C ALA G 52 -28.64 6.00 -34.83
N SER G 53 -27.72 5.54 -33.99
CA SER G 53 -26.31 5.85 -34.16
C SER G 53 -25.46 4.82 -33.43
N ILE G 54 -24.23 4.63 -33.91
CA ILE G 54 -23.25 3.75 -33.29
C ILE G 54 -21.94 4.51 -33.18
N SER G 55 -21.32 4.47 -32.00
CA SER G 55 -20.08 5.19 -31.72
C SER G 55 -19.02 4.16 -31.35
N SER G 56 -18.26 3.72 -32.35
CA SER G 56 -17.41 2.54 -32.18
C SER G 56 -16.29 2.78 -31.17
N TYR G 57 -15.72 3.98 -31.13
CA TYR G 57 -14.54 4.20 -30.29
C TYR G 57 -14.87 3.98 -28.81
N TYR G 58 -16.00 4.50 -28.34
CA TYR G 58 -16.40 4.24 -26.96
C TYR G 58 -17.10 2.90 -26.80
N GLY G 59 -17.74 2.41 -27.86
CA GLY G 59 -18.48 1.16 -27.81
C GLY G 59 -19.98 1.31 -27.64
N TYR G 60 -20.46 2.49 -27.27
CA TYR G 60 -21.88 2.68 -27.02
C TYR G 60 -22.67 2.67 -28.33
N THR G 61 -23.99 2.52 -28.18
CA THR G 61 -24.96 2.76 -29.23
C THR G 61 -26.13 3.51 -28.64
N TYR G 62 -26.88 4.20 -29.50
CA TYR G 62 -28.02 4.98 -29.05
C TYR G 62 -29.18 4.81 -30.02
N TYR G 63 -30.38 5.05 -29.52
CA TYR G 63 -31.58 4.95 -30.34
C TYR G 63 -32.59 6.01 -29.92
N ALA G 64 -33.55 6.26 -30.81
CA ALA G 64 -34.70 7.08 -30.48
C ALA G 64 -35.74 6.24 -29.74
N ASP G 65 -36.54 6.91 -28.92
CA ASP G 65 -37.52 6.19 -28.09
C ASP G 65 -38.66 5.59 -28.90
N SER G 66 -38.94 6.13 -30.09
CA SER G 66 -39.98 5.55 -30.93
C SER G 66 -39.59 4.18 -31.45
N VAL G 67 -38.33 3.77 -31.25
CA VAL G 67 -37.69 2.73 -32.04
C VAL G 67 -36.83 1.79 -31.19
N LYS G 68 -36.66 2.07 -29.89
CA LYS G 68 -35.76 1.31 -29.03
C LYS G 68 -36.13 -0.16 -28.92
N GLY G 69 -35.14 -1.04 -29.03
CA GLY G 69 -35.36 -2.46 -28.93
C GLY G 69 -35.82 -3.08 -30.23
N ARG G 70 -36.57 -2.32 -31.03
CA ARG G 70 -37.11 -2.85 -32.27
C ARG G 70 -36.11 -2.76 -33.42
N PHE G 71 -35.31 -1.70 -33.46
CA PHE G 71 -34.11 -1.53 -34.27
C PHE G 71 -32.87 -2.00 -33.54
N THR G 72 -31.81 -2.16 -34.32
CA THR G 72 -30.48 -2.46 -33.79
C THR G 72 -29.47 -2.01 -34.82
N ILE G 73 -28.40 -1.40 -34.34
CA ILE G 73 -27.31 -0.88 -35.16
C ILE G 73 -26.04 -1.65 -34.85
N SER G 74 -25.22 -1.89 -35.86
CA SER G 74 -24.00 -2.66 -35.69
C SER G 74 -23.00 -2.26 -36.77
N ALA G 75 -21.72 -2.52 -36.50
CA ALA G 75 -20.67 -2.18 -37.46
C ALA G 75 -19.55 -3.20 -37.38
N ASP G 76 -18.81 -3.31 -38.49
CA ASP G 76 -17.60 -4.13 -38.58
C ASP G 76 -16.45 -3.18 -38.85
N THR G 77 -15.44 -3.21 -37.99
CA THR G 77 -14.32 -2.28 -38.10
C THR G 77 -13.18 -2.81 -38.95
N SER G 78 -13.22 -4.07 -39.39
CA SER G 78 -12.22 -4.58 -40.32
C SER G 78 -12.65 -4.38 -41.77
N LYS G 79 -13.93 -4.66 -42.07
CA LYS G 79 -14.50 -4.32 -43.36
C LYS G 79 -14.85 -2.83 -43.43
N ASN G 80 -14.91 -2.15 -42.29
CA ASN G 80 -15.12 -0.70 -42.22
C ASN G 80 -16.49 -0.38 -42.84
N THR G 81 -17.53 -0.95 -42.22
CA THR G 81 -18.91 -0.75 -42.65
C THR G 81 -19.83 -0.89 -41.44
N ALA G 82 -21.07 -0.42 -41.61
CA ALA G 82 -22.09 -0.50 -40.59
C ALA G 82 -23.35 -1.12 -41.14
N TYR G 83 -24.09 -1.82 -40.29
CA TYR G 83 -25.35 -2.44 -40.66
C TYR G 83 -26.39 -2.16 -39.59
N LEU G 84 -27.66 -2.08 -39.98
CA LEU G 84 -28.72 -2.02 -38.98
C LEU G 84 -29.86 -2.92 -39.40
N GLN G 85 -30.49 -3.54 -38.41
CA GLN G 85 -31.58 -4.46 -38.61
C GLN G 85 -32.89 -3.79 -38.24
N MET G 86 -33.81 -3.66 -39.19
CA MET G 86 -35.13 -3.10 -38.90
C MET G 86 -36.11 -4.26 -38.76
N ASN G 87 -36.47 -4.56 -37.51
CA ASN G 87 -37.44 -5.61 -37.19
C ASN G 87 -38.84 -5.03 -37.12
N SER G 88 -39.81 -5.79 -37.63
CA SER G 88 -41.24 -5.50 -37.46
C SER G 88 -41.59 -4.12 -37.99
N LEU G 89 -41.46 -3.97 -39.30
CA LEU G 89 -41.83 -2.72 -39.94
C LEU G 89 -43.33 -2.48 -39.86
N ARG G 90 -43.69 -1.21 -39.82
CA ARG G 90 -45.07 -0.76 -39.74
C ARG G 90 -45.22 0.49 -40.61
N ALA G 91 -46.46 0.86 -40.88
CA ALA G 91 -46.72 2.00 -41.76
C ALA G 91 -46.06 3.28 -41.25
N GLU G 92 -45.92 3.42 -39.94
CA GLU G 92 -45.33 4.63 -39.39
C GLU G 92 -43.86 4.79 -39.76
N ASP G 93 -43.18 3.71 -40.13
CA ASP G 93 -41.75 3.75 -40.38
C ASP G 93 -41.38 3.84 -41.86
N THR G 94 -42.37 3.87 -42.76
CA THR G 94 -42.05 3.97 -44.17
C THR G 94 -41.44 5.34 -44.46
N ALA G 95 -40.22 5.35 -44.99
CA ALA G 95 -39.49 6.59 -45.18
C ALA G 95 -38.20 6.30 -45.94
N VAL G 96 -37.55 7.37 -46.37
CA VAL G 96 -36.19 7.29 -46.89
C VAL G 96 -35.23 7.35 -45.71
N TYR G 97 -34.16 6.57 -45.79
CA TYR G 97 -33.18 6.50 -44.72
C TYR G 97 -31.79 6.85 -45.25
N TYR G 98 -31.12 7.76 -44.54
CA TYR G 98 -29.76 8.15 -44.85
C TYR G 98 -28.82 7.69 -43.76
N CYS G 99 -27.62 7.33 -44.17
CA CYS G 99 -26.47 7.06 -43.30
C CYS G 99 -25.44 8.16 -43.48
N ALA G 100 -24.90 8.65 -42.37
CA ALA G 100 -24.07 9.85 -42.39
C ALA G 100 -22.92 9.75 -41.40
N ARG G 101 -21.80 10.38 -41.75
CA ARG G 101 -20.57 10.36 -40.97
C ARG G 101 -20.51 11.57 -40.06
N SER G 102 -19.85 11.41 -38.91
CA SER G 102 -19.60 12.51 -38.00
C SER G 102 -18.18 12.40 -37.46
N ARG G 103 -17.55 13.56 -37.24
CA ARG G 103 -16.27 13.58 -36.57
C ARG G 103 -16.42 13.09 -35.13
N GLN G 104 -15.50 12.23 -34.70
CA GLN G 104 -15.60 11.72 -33.34
C GLN G 104 -14.99 12.70 -32.34
N PHE G 105 -13.91 13.38 -32.69
CA PHE G 105 -13.20 14.26 -31.78
C PHE G 105 -13.09 15.63 -32.44
N TRP G 106 -14.09 16.48 -32.23
CA TRP G 106 -15.34 16.20 -31.52
C TRP G 106 -16.53 16.63 -32.35
N TYR G 107 -17.70 16.10 -31.98
CA TYR G 107 -18.90 16.13 -32.81
C TYR G 107 -19.08 17.48 -33.50
N SER G 108 -19.19 17.44 -34.83
CA SER G 108 -19.26 18.66 -35.62
C SER G 108 -20.28 18.56 -36.74
N GLY G 109 -21.36 17.81 -36.52
CA GLY G 109 -22.43 17.78 -37.51
C GLY G 109 -22.23 16.72 -38.57
N LEU G 110 -23.35 16.24 -39.10
CA LEU G 110 -23.35 15.18 -40.10
C LEU G 110 -22.92 15.79 -41.43
N ASP G 111 -21.71 15.45 -41.90
CA ASP G 111 -21.11 16.15 -43.03
C ASP G 111 -20.99 15.33 -44.31
N TYR G 112 -20.60 14.07 -44.24
CA TYR G 112 -20.64 13.19 -45.41
C TYR G 112 -21.92 12.35 -45.36
N TRP G 113 -22.76 12.49 -46.37
CA TRP G 113 -24.07 11.87 -46.40
C TRP G 113 -24.16 10.84 -47.52
N GLY G 114 -24.65 9.65 -47.18
CA GLY G 114 -24.93 8.66 -48.19
C GLY G 114 -26.04 9.11 -49.11
N GLN G 115 -26.18 8.40 -50.22
CA GLN G 115 -27.08 8.85 -51.28
C GLN G 115 -28.55 8.66 -50.94
N GLY G 116 -28.86 8.02 -49.82
CA GLY G 116 -30.24 7.85 -49.43
C GLY G 116 -30.91 6.68 -50.10
N THR G 117 -31.63 5.88 -49.30
CA THR G 117 -32.35 4.73 -49.80
C THR G 117 -33.65 4.60 -49.01
N LEU G 118 -34.65 3.99 -49.62
CA LEU G 118 -36.04 4.10 -49.19
C LEU G 118 -36.63 2.76 -48.81
N VAL G 119 -37.60 2.80 -47.89
CA VAL G 119 -38.21 1.61 -47.29
C VAL G 119 -39.73 1.78 -47.40
N THR G 120 -40.32 1.21 -48.43
CA THR G 120 -41.77 1.24 -48.59
C THR G 120 -42.43 0.16 -47.75
N VAL G 121 -43.44 0.54 -46.97
CA VAL G 121 -44.23 -0.42 -46.21
C VAL G 121 -45.60 0.18 -45.92
N ASP H 2 -37.46 15.55 -24.66
CA ASP H 2 -36.87 15.88 -25.95
C ASP H 2 -36.57 17.38 -25.94
N ILE H 3 -35.50 17.79 -26.61
CA ILE H 3 -35.24 19.20 -26.88
C ILE H 3 -36.06 19.59 -28.11
N GLN H 4 -37.25 20.12 -27.89
CA GLN H 4 -38.12 20.48 -29.01
C GLN H 4 -37.53 21.65 -29.77
N MET H 5 -37.83 21.70 -31.07
CA MET H 5 -37.32 22.74 -31.93
C MET H 5 -38.47 23.42 -32.66
N THR H 6 -38.33 24.73 -32.89
CA THR H 6 -39.30 25.49 -33.65
C THR H 6 -38.58 26.37 -34.65
N GLN H 7 -39.16 26.48 -35.84
CA GLN H 7 -38.52 27.16 -36.96
C GLN H 7 -39.58 27.91 -37.74
N SER H 8 -39.25 29.14 -38.13
CA SER H 8 -40.21 30.00 -38.81
C SER H 8 -39.45 30.92 -39.75
N PRO H 9 -40.12 31.46 -40.78
CA PRO H 9 -41.48 31.15 -41.24
C PRO H 9 -41.46 29.92 -42.13
N SER H 10 -42.58 29.20 -42.27
CA SER H 10 -42.57 27.92 -42.96
C SER H 10 -42.14 28.07 -44.42
N SER H 11 -42.50 29.17 -45.07
CA SER H 11 -42.11 29.40 -46.44
C SER H 11 -41.94 30.89 -46.67
N LEU H 12 -41.06 31.23 -47.60
CA LEU H 12 -40.79 32.63 -47.93
C LEU H 12 -40.25 32.69 -49.35
N SER H 13 -40.19 33.90 -49.89
CA SER H 13 -39.73 34.10 -51.26
C SER H 13 -38.91 35.37 -51.34
N ALA H 14 -38.08 35.46 -52.37
CA ALA H 14 -37.15 36.57 -52.52
C ALA H 14 -36.79 36.70 -54.00
N SER H 15 -35.75 37.49 -54.28
CA SER H 15 -35.24 37.69 -55.63
C SER H 15 -33.72 37.66 -55.56
N VAL H 16 -33.08 37.68 -56.73
CA VAL H 16 -31.63 37.55 -56.79
C VAL H 16 -30.98 38.73 -56.09
N GLY H 17 -30.01 38.43 -55.23
CA GLY H 17 -29.25 39.45 -54.53
C GLY H 17 -29.81 39.86 -53.19
N ASP H 18 -30.96 39.34 -52.75
CA ASP H 18 -31.59 39.90 -51.57
C ASP H 18 -31.01 39.32 -50.28
N ARG H 19 -31.24 40.07 -49.21
CA ARG H 19 -31.01 39.59 -47.85
C ARG H 19 -32.23 38.81 -47.37
N VAL H 20 -32.00 37.65 -46.76
CA VAL H 20 -33.07 36.80 -46.25
C VAL H 20 -32.68 36.33 -44.85
N THR H 21 -33.67 36.09 -44.01
CA THR H 21 -33.45 35.65 -42.64
C THR H 21 -34.34 34.46 -42.32
N ILE H 22 -33.78 33.52 -41.56
CA ILE H 22 -34.48 32.31 -41.13
C ILE H 22 -34.14 32.07 -39.67
N THR H 23 -35.15 31.75 -38.86
CA THR H 23 -34.97 31.67 -37.41
C THR H 23 -35.31 30.29 -36.88
N CYS H 24 -34.49 29.83 -35.95
CA CYS H 24 -34.67 28.55 -35.25
C CYS H 24 -34.60 28.83 -33.76
N ARG H 25 -35.62 28.42 -33.03
CA ARG H 25 -35.76 28.76 -31.61
C ARG H 25 -35.74 27.48 -30.78
N ALA H 26 -34.88 27.47 -29.76
CA ALA H 26 -34.75 26.29 -28.92
C ALA H 26 -35.76 26.33 -27.78
N SER H 27 -36.33 25.17 -27.47
CA SER H 27 -37.23 25.05 -26.33
C SER H 27 -36.49 24.98 -25.01
N GLN H 28 -35.15 24.90 -25.04
CA GLN H 28 -34.34 24.90 -23.84
C GLN H 28 -33.00 25.55 -24.18
N SER H 29 -32.32 26.04 -23.15
CA SER H 29 -31.11 26.85 -23.33
C SER H 29 -29.93 26.02 -23.83
N VAL H 30 -30.01 25.52 -25.06
CA VAL H 30 -28.88 24.82 -25.66
C VAL H 30 -27.76 25.81 -25.92
N SER H 31 -26.54 25.44 -25.52
CA SER H 31 -25.47 26.43 -25.48
C SER H 31 -25.08 26.98 -26.85
N SER H 32 -24.39 26.17 -27.64
CA SER H 32 -24.07 26.59 -29.00
C SER H 32 -24.06 25.41 -29.97
N ALA H 33 -24.51 24.23 -29.55
CA ALA H 33 -24.36 23.02 -30.35
C ALA H 33 -25.47 22.95 -31.40
N VAL H 34 -25.39 23.88 -32.35
CA VAL H 34 -26.39 24.03 -33.39
C VAL H 34 -25.70 23.88 -34.74
N ALA H 35 -26.43 23.34 -35.72
CA ALA H 35 -25.94 23.25 -37.08
C ALA H 35 -27.10 23.42 -38.04
N TRP H 36 -26.78 23.80 -39.26
CA TRP H 36 -27.79 24.05 -40.28
C TRP H 36 -27.44 23.26 -41.54
N TYR H 37 -28.44 22.66 -42.16
CA TYR H 37 -28.22 21.88 -43.37
C TYR H 37 -29.11 22.37 -44.51
N GLN H 38 -28.63 22.14 -45.73
CA GLN H 38 -29.32 22.50 -46.96
C GLN H 38 -29.75 21.21 -47.65
N GLN H 39 -31.03 21.14 -48.03
CA GLN H 39 -31.55 20.01 -48.79
C GLN H 39 -32.19 20.51 -50.06
N LYS H 40 -31.67 20.07 -51.20
CA LYS H 40 -32.36 20.22 -52.46
C LYS H 40 -33.43 19.15 -52.59
N PRO H 41 -34.45 19.38 -53.42
CA PRO H 41 -35.54 18.41 -53.51
C PRO H 41 -35.07 17.08 -54.07
N GLY H 42 -35.40 16.01 -53.35
CA GLY H 42 -35.08 14.66 -53.79
C GLY H 42 -33.64 14.24 -53.65
N LYS H 43 -32.81 15.04 -52.97
CA LYS H 43 -31.38 14.79 -52.94
C LYS H 43 -30.85 14.98 -51.52
N ALA H 44 -29.65 14.45 -51.28
CA ALA H 44 -29.09 14.38 -49.94
C ALA H 44 -28.67 15.77 -49.45
N PRO H 45 -28.52 15.95 -48.13
CA PRO H 45 -28.16 17.26 -47.60
C PRO H 45 -26.72 17.69 -47.84
N LYS H 46 -26.39 18.87 -47.32
CA LYS H 46 -25.05 19.40 -47.21
C LYS H 46 -25.08 20.29 -45.98
N LEU H 47 -24.02 20.27 -45.17
CA LEU H 47 -24.01 21.10 -43.97
C LEU H 47 -23.43 22.47 -44.29
N LEU H 48 -24.07 23.50 -43.75
CA LEU H 48 -23.72 24.89 -44.05
C LEU H 48 -23.10 25.60 -42.86
N ILE H 49 -23.72 25.53 -41.70
CA ILE H 49 -23.22 26.17 -40.49
C ILE H 49 -23.10 25.11 -39.42
N TYR H 50 -21.98 25.14 -38.68
CA TYR H 50 -21.78 24.24 -37.55
C TYR H 50 -21.22 25.02 -36.38
N SER H 51 -21.53 24.55 -35.18
CA SER H 51 -21.20 25.23 -33.92
C SER H 51 -21.82 26.62 -33.83
N ALA H 52 -22.86 26.86 -34.61
CA ALA H 52 -23.76 28.00 -34.60
C ALA H 52 -23.11 29.28 -35.12
N SER H 53 -21.80 29.31 -35.37
CA SER H 53 -21.22 30.49 -36.01
C SER H 53 -20.33 30.13 -37.19
N SER H 54 -19.56 29.06 -37.08
CA SER H 54 -18.51 28.78 -38.03
C SER H 54 -19.08 28.17 -39.31
N LEU H 55 -18.84 28.83 -40.43
CA LEU H 55 -19.28 28.32 -41.72
C LEU H 55 -18.36 27.19 -42.17
N TYR H 56 -18.96 26.17 -42.79
CA TYR H 56 -18.24 24.96 -43.16
C TYR H 56 -17.43 25.17 -44.43
N SER H 57 -16.31 24.46 -44.52
CA SER H 57 -15.36 24.65 -45.61
C SER H 57 -16.00 24.42 -46.97
N GLY H 58 -15.62 25.24 -47.94
CA GLY H 58 -16.10 25.12 -49.30
C GLY H 58 -17.40 25.84 -49.59
N VAL H 59 -18.13 26.25 -48.56
CA VAL H 59 -19.37 27.01 -48.73
C VAL H 59 -19.05 28.46 -49.08
N PRO H 60 -19.71 29.05 -50.07
CA PRO H 60 -19.50 30.48 -50.33
C PRO H 60 -19.97 31.32 -49.14
N SER H 61 -19.16 32.32 -48.81
CA SER H 61 -19.34 33.08 -47.58
C SER H 61 -20.61 33.92 -47.55
N ARG H 62 -21.38 33.93 -48.64
CA ARG H 62 -22.64 34.65 -48.67
C ARG H 62 -23.74 33.96 -47.86
N PHE H 63 -23.47 32.76 -47.32
CA PHE H 63 -24.26 32.19 -46.23
C PHE H 63 -23.65 32.59 -44.90
N SER H 64 -24.49 32.68 -43.86
CA SER H 64 -24.02 33.22 -42.60
C SER H 64 -25.05 32.95 -41.51
N GLY H 65 -24.56 32.66 -40.31
CA GLY H 65 -25.42 32.46 -39.16
C GLY H 65 -24.79 33.01 -37.90
N SER H 66 -25.63 33.20 -36.88
CA SER H 66 -25.15 33.76 -35.62
C SER H 66 -26.10 33.34 -34.50
N ARG H 67 -25.58 33.34 -33.28
CA ARG H 67 -26.38 33.03 -32.11
C ARG H 67 -27.00 34.29 -31.53
N SER H 68 -28.20 34.14 -30.97
CA SER H 68 -28.84 35.19 -30.18
C SER H 68 -29.59 34.50 -29.05
N GLY H 69 -28.92 34.32 -27.92
CA GLY H 69 -29.56 33.70 -26.77
C GLY H 69 -30.04 32.31 -27.12
N THR H 70 -31.33 32.07 -26.90
CA THR H 70 -31.95 30.80 -27.26
C THR H 70 -32.33 30.73 -28.73
N ASP H 71 -32.23 31.83 -29.46
CA ASP H 71 -32.73 31.91 -30.83
C ASP H 71 -31.56 32.01 -31.80
N PHE H 72 -31.52 31.10 -32.77
CA PHE H 72 -30.43 31.01 -33.73
C PHE H 72 -30.94 31.48 -35.09
N THR H 73 -30.17 32.36 -35.74
CA THR H 73 -30.60 32.97 -36.99
C THR H 73 -29.66 32.57 -38.11
N LEU H 74 -30.22 31.92 -39.14
CA LEU H 74 -29.52 31.72 -40.40
C LEU H 74 -29.97 32.79 -41.40
N THR H 75 -29.00 33.36 -42.10
CA THR H 75 -29.25 34.41 -43.07
C THR H 75 -28.53 34.09 -44.37
N ILE H 76 -29.05 34.65 -45.46
CA ILE H 76 -28.38 34.64 -46.75
C ILE H 76 -28.00 36.08 -47.06
N SER H 77 -26.69 36.34 -47.19
CA SER H 77 -26.23 37.72 -47.34
C SER H 77 -26.64 38.30 -48.68
N SER H 78 -26.55 37.51 -49.76
CA SER H 78 -26.99 37.95 -51.08
C SER H 78 -27.44 36.72 -51.85
N LEU H 79 -28.75 36.60 -52.07
CA LEU H 79 -29.32 35.37 -52.60
C LEU H 79 -28.94 35.21 -54.07
N GLN H 80 -28.85 33.96 -54.52
CA GLN H 80 -28.39 33.62 -55.87
C GLN H 80 -29.37 32.67 -56.53
N PRO H 81 -29.32 32.54 -57.85
CA PRO H 81 -30.32 31.70 -58.55
C PRO H 81 -30.19 30.19 -58.31
N GLU H 82 -29.18 29.71 -57.57
CA GLU H 82 -29.09 28.30 -57.23
C GLU H 82 -29.30 28.03 -55.75
N ASP H 83 -29.87 28.98 -55.00
CA ASP H 83 -30.11 28.79 -53.59
C ASP H 83 -31.47 28.19 -53.29
N PHE H 84 -32.34 28.14 -54.28
CA PHE H 84 -33.74 27.83 -54.05
C PHE H 84 -33.86 26.37 -53.61
N ALA H 85 -34.00 26.18 -52.31
CA ALA H 85 -34.03 24.86 -51.70
C ALA H 85 -34.74 24.99 -50.35
N THR H 86 -34.61 23.97 -49.51
CA THR H 86 -35.20 23.99 -48.19
C THR H 86 -34.12 23.70 -47.15
N TYR H 87 -34.25 24.33 -45.98
CA TYR H 87 -33.19 24.39 -44.99
C TYR H 87 -33.66 23.81 -43.66
N TYR H 88 -32.77 23.10 -42.97
CA TYR H 88 -33.11 22.39 -41.74
C TYR H 88 -32.14 22.74 -40.62
N CYS H 89 -32.71 23.00 -39.44
CA CYS H 89 -31.99 23.33 -38.21
C CYS H 89 -31.90 22.10 -37.32
N GLN H 90 -30.82 22.02 -36.54
CA GLN H 90 -30.74 20.97 -35.52
C GLN H 90 -29.92 21.45 -34.34
N GLN H 91 -30.18 20.84 -33.19
CA GLN H 91 -29.34 20.93 -32.03
C GLN H 91 -28.54 19.64 -31.88
N TYR H 92 -27.39 19.73 -31.23
CA TYR H 92 -26.65 18.50 -30.97
C TYR H 92 -26.00 18.44 -29.58
N LYS H 93 -26.46 19.24 -28.62
CA LYS H 93 -25.85 19.16 -27.30
C LYS H 93 -26.30 17.90 -26.55
N TYR H 94 -27.56 17.50 -26.72
CA TYR H 94 -28.16 16.39 -25.97
C TYR H 94 -28.73 15.35 -26.94
N VAL H 95 -28.49 14.07 -26.62
CA VAL H 95 -29.14 12.99 -27.35
C VAL H 95 -30.54 12.78 -26.76
N PRO H 96 -31.55 12.49 -27.57
CA PRO H 96 -31.53 12.36 -29.04
C PRO H 96 -31.44 13.73 -29.69
N VAL H 97 -30.68 13.87 -30.78
CA VAL H 97 -30.67 15.12 -31.50
C VAL H 97 -32.04 15.35 -32.14
N THR H 98 -32.33 16.62 -32.44
CA THR H 98 -33.63 16.98 -32.97
C THR H 98 -33.46 17.86 -34.19
N PHE H 99 -34.18 17.56 -35.26
CA PHE H 99 -34.19 18.36 -36.46
C PHE H 99 -35.45 19.21 -36.52
N GLY H 100 -35.33 20.39 -37.12
CA GLY H 100 -36.40 21.36 -37.10
C GLY H 100 -37.50 21.05 -38.09
N GLN H 101 -38.52 21.91 -38.06
CA GLN H 101 -39.67 21.76 -38.93
C GLN H 101 -39.29 21.92 -40.40
N GLY H 102 -38.32 22.77 -40.69
CA GLY H 102 -37.90 22.97 -42.07
C GLY H 102 -38.65 24.10 -42.75
N THR H 103 -37.94 24.78 -43.65
CA THR H 103 -38.48 25.95 -44.33
C THR H 103 -37.95 25.96 -45.76
N LYS H 104 -38.65 26.65 -46.65
CA LYS H 104 -38.33 26.67 -48.07
C LYS H 104 -38.12 28.10 -48.57
N VAL H 105 -37.32 28.23 -49.62
CA VAL H 105 -36.92 29.53 -50.18
C VAL H 105 -37.08 29.48 -51.69
N GLU H 106 -37.66 30.54 -52.27
CA GLU H 106 -37.96 30.51 -53.70
C GLU H 106 -37.97 31.91 -54.28
N ILE H 107 -37.89 31.96 -55.62
CA ILE H 107 -37.94 33.19 -56.41
C ILE H 107 -39.39 33.66 -56.53
N LYS H 108 -39.57 34.89 -57.03
CA LYS H 108 -40.84 35.31 -57.59
C LYS H 108 -40.58 36.12 -58.84
N VAL I 5 37.16 -36.72 9.69
CA VAL I 5 36.11 -36.76 8.68
C VAL I 5 36.25 -38.02 7.83
N GLN I 6 35.11 -38.65 7.54
CA GLN I 6 35.12 -39.93 6.86
C GLN I 6 33.81 -40.09 6.11
N LEU I 7 33.85 -40.95 5.10
CA LEU I 7 32.69 -41.21 4.26
C LEU I 7 32.71 -42.67 3.82
N VAL I 8 31.59 -43.37 4.01
CA VAL I 8 31.54 -44.82 3.92
C VAL I 8 30.36 -45.23 3.04
N GLU I 9 30.56 -46.31 2.27
CA GLU I 9 29.54 -46.84 1.37
C GLU I 9 29.14 -48.25 1.78
N SER I 10 27.93 -48.63 1.42
CA SER I 10 27.45 -50.00 1.62
C SER I 10 26.35 -50.28 0.61
N GLY I 11 26.19 -51.55 0.25
CA GLY I 11 25.11 -51.98 -0.61
C GLY I 11 25.54 -52.65 -1.91
N GLY I 12 26.82 -52.61 -2.28
CA GLY I 12 27.25 -53.21 -3.51
C GLY I 12 27.28 -54.72 -3.46
N GLY I 13 27.50 -55.33 -4.62
CA GLY I 13 27.51 -56.78 -4.73
C GLY I 13 27.15 -57.27 -6.12
N LEU I 14 26.17 -58.18 -6.19
CA LEU I 14 25.72 -58.74 -7.45
C LEU I 14 24.22 -58.53 -7.63
N VAL I 15 23.81 -58.35 -8.87
CA VAL I 15 22.43 -58.04 -9.22
C VAL I 15 22.04 -58.79 -10.48
N GLN I 16 20.78 -59.21 -10.56
CA GLN I 16 20.27 -59.82 -11.77
C GLN I 16 20.03 -58.77 -12.86
N PRO I 17 20.19 -59.14 -14.12
CA PRO I 17 19.80 -58.21 -15.20
C PRO I 17 18.29 -57.97 -15.16
N GLY I 18 17.91 -56.70 -15.16
CA GLY I 18 16.54 -56.33 -14.94
C GLY I 18 16.12 -56.24 -13.48
N GLY I 19 17.00 -56.56 -12.55
CA GLY I 19 16.72 -56.42 -11.13
C GLY I 19 16.90 -54.99 -10.67
N SER I 20 16.77 -54.79 -9.36
CA SER I 20 16.90 -53.47 -8.77
C SER I 20 17.65 -53.57 -7.45
N LEU I 21 18.32 -52.48 -7.07
CA LEU I 21 19.11 -52.51 -5.85
C LEU I 21 19.17 -51.08 -5.32
N ARG I 22 19.64 -50.93 -4.09
CA ARG I 22 19.74 -49.65 -3.40
C ARG I 22 21.13 -49.53 -2.80
N LEU I 23 21.70 -48.32 -2.84
CA LEU I 23 23.04 -48.05 -2.31
C LEU I 23 22.98 -46.96 -1.26
N SER I 24 23.97 -46.97 -0.36
CA SER I 24 23.98 -46.05 0.77
C SER I 24 25.36 -45.44 0.95
N CYS I 25 25.37 -44.23 1.52
CA CYS I 25 26.58 -43.43 1.76
C CYS I 25 26.41 -42.71 3.09
N ALA I 26 27.14 -43.17 4.11
CA ALA I 26 27.06 -42.59 5.45
C ALA I 26 28.25 -41.67 5.66
N ALA I 27 27.98 -40.45 6.12
CA ALA I 27 28.97 -39.40 6.24
C ALA I 27 29.23 -39.10 7.70
N SER I 28 30.50 -38.99 8.06
CA SER I 28 30.92 -38.66 9.41
C SER I 28 31.78 -37.41 9.38
N GLY I 29 31.43 -36.42 10.20
CA GLY I 29 32.26 -35.24 10.36
C GLY I 29 31.94 -34.07 9.46
N PHE I 30 30.96 -34.18 8.57
CA PHE I 30 30.47 -33.01 7.85
C PHE I 30 28.96 -33.08 7.78
N ASN I 31 28.34 -31.91 7.69
CA ASN I 31 26.90 -31.77 7.81
C ASN I 31 26.28 -31.69 6.42
N VAL I 32 25.08 -32.23 6.28
CA VAL I 32 24.44 -32.29 4.98
C VAL I 32 23.54 -31.07 4.87
N TYR I 33 23.82 -30.03 5.65
CA TYR I 33 23.17 -28.77 5.35
C TYR I 33 24.14 -27.66 4.99
N SER I 34 25.44 -27.94 4.98
CA SER I 34 26.46 -27.06 4.42
C SER I 34 27.42 -27.89 3.59
N SER I 35 26.89 -28.85 2.84
CA SER I 35 27.69 -29.73 2.01
C SER I 35 26.78 -30.31 0.95
N SER I 36 27.25 -31.35 0.28
CA SER I 36 26.46 -32.01 -0.75
C SER I 36 27.05 -33.40 -0.95
N ILE I 37 26.24 -34.29 -1.52
CA ILE I 37 26.64 -35.65 -1.82
C ILE I 37 26.51 -35.87 -3.31
N HIS I 38 27.60 -36.24 -3.96
CA HIS I 38 27.62 -36.54 -5.39
C HIS I 38 28.01 -38.00 -5.60
N TRP I 39 27.38 -38.64 -6.58
CA TRP I 39 27.68 -40.00 -6.96
C TRP I 39 28.27 -40.02 -8.35
N VAL I 40 29.44 -40.64 -8.49
CA VAL I 40 30.12 -40.77 -9.79
C VAL I 40 30.63 -42.20 -9.90
N ARG I 41 30.77 -42.67 -11.14
CA ARG I 41 30.93 -44.10 -11.38
C ARG I 41 32.02 -44.34 -12.41
N GLN I 42 32.44 -45.60 -12.49
CA GLN I 42 33.59 -46.00 -13.29
C GLN I 42 33.41 -47.46 -13.68
N ALA I 43 33.17 -47.71 -14.96
CA ALA I 43 33.32 -49.07 -15.46
C ALA I 43 34.79 -49.47 -15.33
N PRO I 44 35.07 -50.77 -15.08
CA PRO I 44 36.45 -51.16 -14.74
C PRO I 44 37.48 -50.69 -15.74
N GLY I 45 38.47 -49.92 -15.27
CA GLY I 45 39.55 -49.45 -16.11
C GLY I 45 39.23 -48.25 -16.99
N LYS I 46 37.98 -47.80 -17.02
CA LYS I 46 37.56 -46.73 -17.92
C LYS I 46 37.52 -45.39 -17.19
N GLY I 47 37.38 -44.33 -17.97
CA GLY I 47 37.28 -43.00 -17.40
C GLY I 47 35.96 -42.80 -16.67
N LEU I 48 36.04 -42.26 -15.46
CA LEU I 48 34.88 -42.15 -14.60
C LEU I 48 33.88 -41.14 -15.14
N GLU I 49 32.62 -41.32 -14.74
CA GLU I 49 31.48 -40.56 -15.25
C GLU I 49 30.60 -40.11 -14.09
N TRP I 50 29.99 -38.94 -14.23
CA TRP I 50 29.10 -38.39 -13.20
C TRP I 50 27.66 -38.76 -13.51
N VAL I 51 26.92 -39.19 -12.47
CA VAL I 51 25.64 -39.87 -12.64
C VAL I 51 24.51 -39.20 -11.86
N ALA I 52 24.74 -38.88 -10.59
CA ALA I 52 23.64 -38.45 -9.73
C ALA I 52 24.14 -37.53 -8.63
N SER I 53 23.23 -36.72 -8.10
CA SER I 53 23.63 -35.71 -7.12
C SER I 53 22.42 -35.28 -6.30
N ILE I 54 22.70 -34.76 -5.11
CA ILE I 54 21.72 -34.09 -4.26
C ILE I 54 22.37 -32.87 -3.64
N SER I 55 21.64 -31.77 -3.59
CA SER I 55 22.11 -30.52 -2.98
C SER I 55 21.07 -30.13 -1.94
N SER I 56 21.28 -30.58 -0.71
CA SER I 56 20.21 -30.52 0.30
C SER I 56 19.84 -29.10 0.69
N TYR I 57 20.81 -28.18 0.72
CA TYR I 57 20.51 -26.84 1.22
C TYR I 57 19.46 -26.15 0.36
N TYR I 58 19.60 -26.24 -0.97
CA TYR I 58 18.58 -25.66 -1.84
C TYR I 58 17.37 -26.58 -2.00
N GLY I 59 17.55 -27.89 -1.85
CA GLY I 59 16.49 -28.84 -2.02
C GLY I 59 16.48 -29.55 -3.36
N TYR I 60 17.26 -29.09 -4.33
CA TYR I 60 17.25 -29.68 -5.65
C TYR I 60 17.98 -31.02 -5.67
N THR I 61 17.69 -31.80 -6.71
CA THR I 61 18.50 -32.95 -7.11
C THR I 61 18.68 -32.91 -8.62
N TYR I 62 19.80 -33.44 -9.09
CA TYR I 62 20.07 -33.50 -10.52
C TYR I 62 20.58 -34.88 -10.90
N TYR I 63 20.34 -35.26 -12.15
CA TYR I 63 20.78 -36.54 -12.68
C TYR I 63 21.36 -36.36 -14.07
N ALA I 64 22.09 -37.38 -14.52
CA ALA I 64 22.55 -37.44 -15.89
C ALA I 64 21.44 -38.00 -16.78
N ASP I 65 21.46 -37.60 -18.06
CA ASP I 65 20.42 -38.01 -18.98
C ASP I 65 20.44 -39.50 -19.26
N SER I 66 21.57 -40.18 -19.06
CA SER I 66 21.65 -41.61 -19.31
C SER I 66 20.97 -42.44 -18.23
N VAL I 67 20.53 -41.83 -17.13
CA VAL I 67 19.93 -42.57 -16.03
C VAL I 67 18.65 -41.93 -15.51
N LYS I 68 18.18 -40.84 -16.12
CA LYS I 68 17.02 -40.13 -15.60
C LYS I 68 15.82 -41.05 -15.49
N GLY I 69 15.14 -40.99 -14.34
CA GLY I 69 13.98 -41.81 -14.08
C GLY I 69 14.27 -43.22 -13.65
N ARG I 70 15.47 -43.74 -13.92
CA ARG I 70 15.85 -45.08 -13.51
C ARG I 70 16.61 -45.07 -12.19
N PHE I 71 17.50 -44.08 -12.01
CA PHE I 71 18.13 -43.81 -10.74
C PHE I 71 17.32 -42.76 -10.00
N THR I 72 17.39 -42.80 -8.66
CA THR I 72 16.76 -41.78 -7.85
C THR I 72 17.52 -41.66 -6.53
N ILE I 73 17.40 -40.48 -5.92
CA ILE I 73 18.29 -40.03 -4.86
C ILE I 73 17.47 -39.53 -3.67
N SER I 74 17.99 -39.74 -2.47
CA SER I 74 17.40 -39.17 -1.26
C SER I 74 18.46 -39.12 -0.17
N ALA I 75 18.21 -38.27 0.83
CA ALA I 75 19.14 -38.12 1.95
C ALA I 75 18.37 -37.81 3.22
N ASP I 76 18.92 -38.25 4.35
CA ASP I 76 18.36 -37.98 5.67
C ASP I 76 19.35 -37.08 6.39
N THR I 77 18.86 -35.93 6.87
CA THR I 77 19.72 -34.93 7.48
C THR I 77 19.86 -35.07 8.98
N SER I 78 19.07 -35.93 9.62
CA SER I 78 19.27 -36.21 11.03
C SER I 78 20.22 -37.38 11.24
N LYS I 79 20.09 -38.42 10.42
CA LYS I 79 21.06 -39.52 10.40
C LYS I 79 22.32 -39.13 9.63
N ASN I 80 22.26 -38.08 8.82
CA ASN I 80 23.41 -37.51 8.12
C ASN I 80 23.97 -38.61 7.19
N THR I 81 23.12 -39.01 6.24
CA THR I 81 23.47 -40.01 5.23
C THR I 81 22.65 -39.77 3.97
N ALA I 82 23.11 -40.35 2.86
CA ALA I 82 22.45 -40.26 1.58
C ALA I 82 22.30 -41.63 0.95
N TYR I 83 21.19 -41.84 0.24
CA TYR I 83 20.78 -43.10 -0.37
C TYR I 83 20.41 -42.89 -1.84
N LEU I 84 20.59 -43.94 -2.65
CA LEU I 84 20.05 -43.90 -4.01
C LEU I 84 19.49 -45.27 -4.37
N GLN I 85 18.40 -45.26 -5.12
CA GLN I 85 17.70 -46.45 -5.55
C GLN I 85 17.85 -46.58 -7.06
N MET I 86 18.35 -47.73 -7.51
CA MET I 86 18.57 -48.00 -8.93
C MET I 86 17.60 -49.06 -9.40
N ASN I 87 16.80 -48.73 -10.41
CA ASN I 87 15.77 -49.62 -10.92
C ASN I 87 16.28 -50.21 -12.24
N SER I 88 16.03 -51.50 -12.44
CA SER I 88 16.28 -52.15 -13.74
C SER I 88 17.73 -51.99 -14.18
N LEU I 89 18.63 -52.61 -13.42
CA LEU I 89 20.04 -52.60 -13.78
C LEU I 89 20.25 -53.33 -15.12
N ARG I 90 21.27 -52.88 -15.86
CA ARG I 90 21.53 -53.37 -17.21
C ARG I 90 23.03 -53.43 -17.42
N ALA I 91 23.44 -54.12 -18.49
CA ALA I 91 24.86 -54.28 -18.79
C ALA I 91 25.55 -52.94 -19.03
N GLU I 92 24.80 -51.90 -19.42
CA GLU I 92 25.38 -50.60 -19.64
C GLU I 92 25.74 -49.90 -18.34
N ASP I 93 25.21 -50.36 -17.21
CA ASP I 93 25.38 -49.65 -15.95
C ASP I 93 26.20 -50.40 -14.93
N THR I 94 26.64 -51.61 -15.20
CA THR I 94 27.47 -52.33 -14.26
C THR I 94 28.83 -51.64 -14.15
N ALA I 95 29.23 -51.29 -12.94
CA ALA I 95 30.43 -50.48 -12.71
C ALA I 95 30.66 -50.34 -11.22
N VAL I 96 31.81 -49.76 -10.89
CA VAL I 96 32.08 -49.32 -9.52
C VAL I 96 31.46 -47.95 -9.33
N TYR I 97 30.97 -47.69 -8.12
CA TYR I 97 30.31 -46.44 -7.80
C TYR I 97 30.92 -45.82 -6.56
N TYR I 98 31.18 -44.51 -6.64
CA TYR I 98 31.72 -43.74 -5.52
C TYR I 98 30.72 -42.67 -5.14
N CYS I 99 30.70 -42.34 -3.85
CA CYS I 99 30.04 -41.19 -3.27
C CYS I 99 31.09 -40.23 -2.74
N ALA I 100 30.87 -38.93 -2.90
CA ALA I 100 31.89 -37.95 -2.57
C ALA I 100 31.28 -36.62 -2.16
N ARG I 101 31.97 -35.91 -1.27
CA ARG I 101 31.54 -34.61 -0.80
C ARG I 101 31.97 -33.50 -1.75
N SER I 102 31.22 -32.40 -1.73
CA SER I 102 31.66 -31.14 -2.32
C SER I 102 31.28 -30.02 -1.37
N ARG I 103 32.13 -28.99 -1.29
CA ARG I 103 31.76 -27.79 -0.55
C ARG I 103 30.50 -27.20 -1.15
N GLN I 104 29.62 -26.71 -0.29
CA GLN I 104 28.38 -26.12 -0.79
C GLN I 104 28.54 -24.65 -1.15
N PHE I 105 29.27 -23.88 -0.34
CA PHE I 105 29.47 -22.45 -0.56
C PHE I 105 30.98 -22.18 -0.64
N TRP I 106 31.54 -22.28 -1.84
CA TRP I 106 30.89 -22.67 -3.09
C TRP I 106 31.72 -23.74 -3.79
N TYR I 107 31.07 -24.45 -4.71
CA TYR I 107 31.57 -25.69 -5.29
C TYR I 107 33.06 -25.60 -5.61
N SER I 108 33.84 -26.52 -5.05
CA SER I 108 35.29 -26.49 -5.16
C SER I 108 35.86 -27.89 -5.37
N GLY I 109 35.18 -28.71 -6.18
CA GLY I 109 35.66 -30.05 -6.46
C GLY I 109 35.25 -31.05 -5.39
N LEU I 110 35.46 -32.33 -5.71
CA LEU I 110 35.01 -33.43 -4.86
C LEU I 110 36.11 -33.77 -3.85
N ASP I 111 36.01 -33.20 -2.65
CA ASP I 111 37.06 -33.35 -1.65
C ASP I 111 37.27 -34.78 -1.18
N TYR I 112 36.29 -35.36 -0.48
CA TYR I 112 36.46 -36.63 0.21
C TYR I 112 35.72 -37.72 -0.52
N TRP I 113 36.40 -38.82 -0.78
CA TRP I 113 35.86 -39.91 -1.61
C TRP I 113 35.68 -41.17 -0.79
N GLY I 114 34.48 -41.74 -0.87
CA GLY I 114 34.24 -43.02 -0.25
C GLY I 114 35.07 -44.12 -0.87
N GLN I 115 35.21 -45.23 -0.14
CA GLN I 115 36.18 -46.24 -0.52
C GLN I 115 35.77 -47.01 -1.76
N GLY I 116 34.66 -46.66 -2.40
CA GLY I 116 34.26 -47.32 -3.62
C GLY I 116 33.59 -48.65 -3.40
N THR I 117 32.51 -48.89 -4.13
CA THR I 117 31.78 -50.15 -4.07
C THR I 117 31.24 -50.44 -5.46
N LEU I 118 31.07 -51.72 -5.76
CA LEU I 118 30.88 -52.19 -7.13
C LEU I 118 29.55 -52.89 -7.32
N VAL I 119 29.04 -52.81 -8.55
CA VAL I 119 27.71 -53.30 -8.90
C VAL I 119 27.86 -54.21 -10.11
N THR I 120 28.02 -55.51 -9.87
CA THR I 120 28.02 -56.47 -10.97
C THR I 120 26.60 -56.82 -11.36
N VAL I 121 26.41 -57.08 -12.65
CA VAL I 121 25.13 -57.57 -13.17
C VAL I 121 25.39 -58.95 -13.76
N SER I 122 24.63 -59.94 -13.30
CA SER I 122 24.81 -61.32 -13.74
C SER I 122 23.56 -62.15 -13.47
N ASP J 2 26.46 -31.51 -24.04
CA ASP J 2 27.50 -31.79 -23.06
C ASP J 2 28.72 -30.92 -23.30
N ILE J 3 29.45 -30.61 -22.22
CA ILE J 3 30.76 -29.99 -22.34
C ILE J 3 31.76 -31.13 -22.47
N GLN J 4 31.94 -31.61 -23.70
CA GLN J 4 32.84 -32.73 -23.94
C GLN J 4 34.29 -32.30 -23.71
N MET J 5 35.15 -33.30 -23.52
CA MET J 5 36.54 -33.05 -23.16
C MET J 5 37.48 -33.89 -24.02
N THR J 6 38.58 -33.28 -24.44
CA THR J 6 39.67 -34.00 -25.06
C THR J 6 40.90 -33.90 -24.17
N GLN J 7 41.61 -35.01 -24.05
CA GLN J 7 42.78 -35.08 -23.19
C GLN J 7 43.86 -35.87 -23.89
N SER J 8 45.09 -35.38 -23.82
CA SER J 8 46.21 -35.99 -24.53
C SER J 8 47.48 -35.65 -23.79
N PRO J 9 48.53 -36.48 -23.92
CA PRO J 9 48.61 -37.73 -24.66
C PRO J 9 47.94 -38.88 -23.90
N SER J 10 47.44 -39.91 -24.58
CA SER J 10 46.72 -40.98 -23.89
C SER J 10 47.61 -41.71 -22.90
N SER J 11 48.93 -41.70 -23.12
CA SER J 11 49.87 -42.26 -22.16
C SER J 11 51.19 -41.54 -22.30
N LEU J 12 51.93 -41.46 -21.19
CA LEU J 12 53.20 -40.75 -21.16
C LEU J 12 54.22 -41.61 -20.43
N SER J 13 55.48 -41.15 -20.44
CA SER J 13 56.56 -41.87 -19.82
C SER J 13 57.66 -40.89 -19.44
N ALA J 14 58.41 -41.23 -18.40
CA ALA J 14 59.42 -40.32 -17.86
C ALA J 14 60.37 -41.10 -16.96
N SER J 15 61.21 -40.37 -16.23
CA SER J 15 62.12 -40.90 -15.24
C SER J 15 62.08 -39.96 -14.04
N VAL J 16 62.77 -40.35 -12.96
CA VAL J 16 62.74 -39.52 -11.76
C VAL J 16 63.36 -38.17 -12.04
N GLY J 17 62.70 -37.11 -11.58
CA GLY J 17 63.18 -35.76 -11.73
C GLY J 17 62.73 -35.04 -12.99
N ASP J 18 62.02 -35.70 -13.90
CA ASP J 18 61.69 -34.99 -15.14
C ASP J 18 60.51 -34.05 -14.95
N ARG J 19 60.34 -33.16 -15.92
CA ARG J 19 59.22 -32.22 -15.98
C ARG J 19 58.29 -32.68 -17.10
N VAL J 20 57.05 -32.97 -16.74
CA VAL J 20 56.10 -33.63 -17.64
C VAL J 20 54.86 -32.76 -17.77
N THR J 21 54.17 -32.87 -18.90
CA THR J 21 53.01 -32.02 -19.20
C THR J 21 51.84 -32.87 -19.67
N ILE J 22 50.63 -32.42 -19.30
CA ILE J 22 49.38 -33.06 -19.68
C ILE J 22 48.38 -31.95 -20.01
N THR J 23 47.63 -32.12 -21.10
CA THR J 23 46.71 -31.09 -21.57
C THR J 23 45.28 -31.60 -21.66
N CYS J 24 44.33 -30.72 -21.32
CA CYS J 24 42.91 -30.97 -21.41
C CYS J 24 42.27 -29.79 -22.12
N ARG J 25 41.54 -30.05 -23.20
CA ARG J 25 40.99 -28.99 -24.04
C ARG J 25 39.48 -29.08 -23.99
N ALA J 26 38.83 -27.99 -23.58
CA ALA J 26 37.38 -27.95 -23.50
C ALA J 26 36.78 -27.74 -24.87
N SER J 27 35.69 -28.47 -25.15
CA SER J 27 34.94 -28.27 -26.38
C SER J 27 34.13 -26.99 -26.37
N GLN J 28 34.06 -26.30 -25.24
CA GLN J 28 33.36 -25.03 -25.14
C GLN J 28 34.06 -24.21 -24.07
N SER J 29 33.88 -22.89 -24.14
CA SER J 29 34.65 -21.93 -23.34
C SER J 29 34.14 -21.89 -21.90
N VAL J 30 34.43 -22.96 -21.16
CA VAL J 30 34.19 -22.94 -19.72
C VAL J 30 35.25 -22.08 -19.06
N SER J 31 34.82 -21.15 -18.21
CA SER J 31 35.70 -20.06 -17.78
C SER J 31 36.90 -20.54 -16.98
N SER J 32 36.67 -20.95 -15.72
CA SER J 32 37.78 -21.42 -14.90
C SER J 32 37.39 -22.54 -13.96
N ALA J 33 36.30 -23.24 -14.20
CA ALA J 33 35.79 -24.26 -13.30
C ALA J 33 36.44 -25.62 -13.53
N VAL J 34 37.68 -25.64 -13.99
CA VAL J 34 38.38 -26.89 -14.19
C VAL J 34 38.94 -27.39 -12.86
N ALA J 35 39.02 -28.71 -12.72
CA ALA J 35 39.72 -29.33 -11.60
C ALA J 35 40.35 -30.62 -12.08
N TRP J 36 41.36 -31.09 -11.36
CA TRP J 36 42.15 -32.23 -11.75
C TRP J 36 42.21 -33.24 -10.61
N TYR J 37 42.09 -34.52 -10.93
CA TYR J 37 42.12 -35.58 -9.92
C TYR J 37 43.15 -36.63 -10.26
N GLN J 38 43.62 -37.32 -9.23
CA GLN J 38 44.61 -38.39 -9.34
C GLN J 38 43.97 -39.70 -8.90
N GLN J 39 44.13 -40.74 -9.72
CA GLN J 39 43.65 -42.07 -9.39
C GLN J 39 44.81 -43.05 -9.46
N LYS J 40 45.15 -43.65 -8.33
CA LYS J 40 45.99 -44.84 -8.31
C LYS J 40 45.13 -46.05 -8.69
N PRO J 41 45.76 -47.12 -9.17
CA PRO J 41 44.97 -48.31 -9.56
C PRO J 41 44.23 -48.90 -8.37
N GLY J 42 42.97 -49.24 -8.60
CA GLY J 42 42.12 -49.77 -7.53
C GLY J 42 41.63 -48.76 -6.52
N LYS J 43 42.52 -47.90 -6.02
CA LYS J 43 42.21 -46.97 -4.95
C LYS J 43 41.28 -45.87 -5.45
N ALA J 44 40.70 -45.14 -4.50
CA ALA J 44 39.84 -44.00 -4.78
C ALA J 44 40.66 -42.79 -5.18
N PRO J 45 40.04 -41.79 -5.82
CA PRO J 45 40.78 -40.61 -6.24
C PRO J 45 41.26 -39.72 -5.11
N LYS J 46 41.96 -38.66 -5.49
CA LYS J 46 42.32 -37.54 -4.63
C LYS J 46 42.33 -36.31 -5.54
N LEU J 47 41.89 -35.16 -5.04
CA LEU J 47 41.86 -33.98 -5.89
C LEU J 47 43.16 -33.22 -5.74
N LEU J 48 43.70 -32.78 -6.86
CA LEU J 48 45.01 -32.14 -6.91
C LEU J 48 44.93 -30.64 -7.13
N ILE J 49 44.16 -30.21 -8.13
CA ILE J 49 44.05 -28.80 -8.48
C ILE J 49 42.58 -28.45 -8.67
N TYR J 50 42.18 -27.30 -8.14
CA TYR J 50 40.81 -26.81 -8.26
C TYR J 50 40.86 -25.38 -8.79
N SER J 51 39.79 -24.99 -9.48
CA SER J 51 39.69 -23.68 -10.15
C SER J 51 40.85 -23.45 -11.10
N ALA J 52 41.45 -24.54 -11.57
CA ALA J 52 42.44 -24.64 -12.63
C ALA J 52 43.79 -24.05 -12.26
N SER J 53 43.93 -23.36 -11.11
CA SER J 53 45.25 -22.84 -10.76
C SER J 53 45.67 -23.19 -9.33
N SER J 54 44.73 -23.17 -8.40
CA SER J 54 45.04 -23.26 -6.97
C SER J 54 45.24 -24.72 -6.58
N LEU J 55 46.47 -25.06 -6.19
CA LEU J 55 46.75 -26.41 -5.70
C LEU J 55 46.13 -26.61 -4.32
N TYR J 56 45.65 -27.83 -4.08
CA TYR J 56 44.89 -28.18 -2.90
C TYR J 56 45.80 -28.51 -1.72
N SER J 57 45.27 -28.28 -0.51
CA SER J 57 46.06 -28.41 0.70
C SER J 57 46.65 -29.81 0.85
N GLY J 58 47.86 -29.86 1.40
CA GLY J 58 48.54 -31.11 1.67
C GLY J 58 49.25 -31.71 0.49
N VAL J 59 48.96 -31.27 -0.73
CA VAL J 59 49.65 -31.78 -1.92
C VAL J 59 51.06 -31.22 -1.98
N PRO J 60 52.07 -32.03 -2.26
CA PRO J 60 53.41 -31.48 -2.46
C PRO J 60 53.44 -30.54 -3.65
N SER J 61 54.07 -29.38 -3.47
CA SER J 61 53.99 -28.28 -4.42
C SER J 61 54.64 -28.59 -5.76
N ARG J 62 55.26 -29.75 -5.91
CA ARG J 62 55.83 -30.16 -7.20
C ARG J 62 54.77 -30.52 -8.22
N PHE J 63 53.50 -30.59 -7.83
CA PHE J 63 52.39 -30.58 -8.78
C PHE J 63 52.04 -29.14 -9.13
N SER J 64 51.56 -28.94 -10.36
CA SER J 64 51.35 -27.58 -10.84
C SER J 64 50.49 -27.59 -12.09
N GLY J 65 49.62 -26.59 -12.21
CA GLY J 65 48.80 -26.43 -13.39
C GLY J 65 48.38 -24.99 -13.58
N SER J 66 47.94 -24.68 -14.79
CA SER J 66 47.57 -23.31 -15.12
C SER J 66 46.60 -23.29 -16.29
N ARG J 67 45.80 -22.22 -16.37
CA ARG J 67 44.90 -22.02 -17.49
C ARG J 67 45.64 -21.45 -18.70
N SER J 68 45.10 -21.75 -19.88
CA SER J 68 45.55 -21.10 -21.10
C SER J 68 44.38 -21.11 -22.07
N GLY J 69 43.63 -20.01 -22.13
CA GLY J 69 42.46 -19.94 -22.96
C GLY J 69 41.43 -20.99 -22.60
N THR J 70 41.28 -21.99 -23.47
CA THR J 70 40.47 -23.16 -23.17
C THR J 70 41.31 -24.43 -23.18
N ASP J 71 42.63 -24.28 -23.15
CA ASP J 71 43.57 -25.39 -23.15
C ASP J 71 44.26 -25.46 -21.79
N PHE J 72 43.68 -26.25 -20.89
CA PHE J 72 44.19 -26.35 -19.54
C PHE J 72 45.36 -27.32 -19.49
N THR J 73 46.41 -26.92 -18.78
CA THR J 73 47.67 -27.66 -18.76
C THR J 73 47.99 -28.09 -17.33
N LEU J 74 48.14 -29.39 -17.11
CA LEU J 74 48.67 -29.91 -15.86
C LEU J 74 50.09 -30.40 -16.11
N THR J 75 50.99 -30.03 -15.19
CA THR J 75 52.39 -30.43 -15.26
C THR J 75 52.82 -31.01 -13.93
N ILE J 76 53.90 -31.78 -13.96
CA ILE J 76 54.61 -32.20 -12.75
C ILE J 76 55.99 -31.57 -12.81
N SER J 77 56.29 -30.72 -11.82
CA SER J 77 57.51 -29.93 -11.86
C SER J 77 58.75 -30.81 -11.76
N SER J 78 58.71 -31.84 -10.90
CA SER J 78 59.82 -32.78 -10.79
C SER J 78 59.22 -34.12 -10.39
N LEU J 79 59.10 -35.03 -11.35
CA LEU J 79 58.44 -36.31 -11.11
C LEU J 79 59.25 -37.15 -10.14
N GLN J 80 58.54 -37.84 -9.26
CA GLN J 80 59.11 -38.64 -8.18
C GLN J 80 58.50 -40.03 -8.23
N PRO J 81 59.13 -41.03 -7.59
CA PRO J 81 58.68 -42.41 -7.76
C PRO J 81 57.29 -42.72 -7.22
N GLU J 82 56.57 -41.77 -6.64
CA GLU J 82 55.22 -41.99 -6.15
C GLU J 82 54.15 -41.52 -7.13
N ASP J 83 54.54 -40.92 -8.26
CA ASP J 83 53.58 -40.27 -9.14
C ASP J 83 52.93 -41.22 -10.14
N PHE J 84 53.38 -42.45 -10.24
CA PHE J 84 52.97 -43.34 -11.32
C PHE J 84 51.52 -43.75 -11.12
N ALA J 85 50.63 -43.09 -11.84
CA ALA J 85 49.19 -43.25 -11.69
C ALA J 85 48.53 -42.78 -12.97
N THR J 86 47.21 -42.57 -12.92
CA THR J 86 46.49 -41.97 -14.03
C THR J 86 45.69 -40.78 -13.52
N TYR J 87 45.54 -39.78 -14.38
CA TYR J 87 45.05 -38.46 -13.96
C TYR J 87 43.85 -38.07 -14.81
N TYR J 88 42.89 -37.38 -14.19
CA TYR J 88 41.62 -37.04 -14.84
C TYR J 88 41.35 -35.55 -14.79
N CYS J 89 40.84 -35.02 -15.90
CA CYS J 89 40.39 -33.65 -16.05
C CYS J 89 38.90 -33.55 -15.77
N GLN J 90 38.45 -32.35 -15.41
CA GLN J 90 37.04 -32.12 -15.10
C GLN J 90 36.72 -30.65 -15.28
N GLN J 91 35.46 -30.37 -15.61
CA GLN J 91 34.90 -29.03 -15.51
C GLN J 91 33.67 -29.10 -14.62
N TYR J 92 33.41 -28.01 -13.88
CA TYR J 92 32.29 -28.01 -12.94
C TYR J 92 31.41 -26.76 -13.05
N LYS J 93 31.45 -26.03 -14.16
CA LYS J 93 30.56 -24.88 -14.24
C LYS J 93 29.15 -25.28 -14.68
N TYR J 94 29.05 -26.17 -15.68
CA TYR J 94 27.78 -26.61 -16.26
C TYR J 94 27.47 -28.06 -15.89
N VAL J 95 26.25 -28.29 -15.39
CA VAL J 95 25.77 -29.65 -15.16
C VAL J 95 25.28 -30.22 -16.49
N PRO J 96 25.51 -31.51 -16.77
CA PRO J 96 26.24 -32.47 -15.95
C PRO J 96 27.74 -32.23 -15.99
N VAL J 97 28.45 -32.35 -14.87
CA VAL J 97 29.90 -32.25 -14.91
C VAL J 97 30.46 -33.43 -15.71
N THR J 98 31.62 -33.24 -16.30
CA THR J 98 32.12 -34.22 -17.25
C THR J 98 33.51 -34.71 -16.90
N PHE J 99 34.16 -35.38 -17.85
CA PHE J 99 35.19 -36.35 -17.55
C PHE J 99 36.33 -36.26 -18.55
N GLY J 100 37.52 -36.57 -18.07
CA GLY J 100 38.63 -36.80 -18.97
C GLY J 100 38.62 -38.20 -19.51
N GLN J 101 39.48 -38.44 -20.49
CA GLN J 101 39.65 -39.79 -21.03
C GLN J 101 40.67 -40.59 -20.24
N GLY J 102 41.55 -39.94 -19.49
CA GLY J 102 42.52 -40.64 -18.68
C GLY J 102 43.86 -40.78 -19.35
N THR J 103 44.93 -40.60 -18.58
CA THR J 103 46.30 -40.59 -19.10
C THR J 103 47.22 -41.14 -18.03
N LYS J 104 47.96 -42.20 -18.34
CA LYS J 104 48.84 -42.84 -17.37
C LYS J 104 50.26 -42.27 -17.45
N VAL J 105 51.03 -42.49 -16.38
CA VAL J 105 52.38 -41.98 -16.26
C VAL J 105 53.26 -43.09 -15.68
N GLU J 106 54.43 -43.33 -16.29
CA GLU J 106 55.22 -44.49 -15.90
C GLU J 106 56.68 -44.30 -16.27
N ILE J 107 57.54 -45.14 -15.68
CA ILE J 107 58.98 -45.14 -15.96
C ILE J 107 59.27 -45.74 -17.33
N LYS J 108 60.42 -45.35 -17.88
CA LYS J 108 61.08 -46.06 -18.99
C LYS J 108 62.59 -46.00 -18.81
N ALA K 19 -22.34 27.63 -15.42
CA ALA K 19 -23.17 28.28 -16.43
C ALA K 19 -22.40 29.22 -17.34
N LEU K 23 -21.75 38.63 -23.04
CA LEU K 23 -20.58 39.43 -23.42
C LEU K 23 -20.78 39.94 -24.85
N ALA K 24 -20.42 41.20 -25.08
CA ALA K 24 -20.63 41.88 -26.36
C ALA K 24 -19.53 41.52 -27.37
N LYS K 25 -19.79 41.85 -28.63
CA LYS K 25 -18.82 41.76 -29.70
C LYS K 25 -17.71 42.80 -29.52
N ALA L 19 31.35 -11.04 -20.60
CA ALA L 19 32.46 -11.91 -20.97
C ALA L 19 33.76 -11.61 -20.24
N LEU L 23 43.85 -10.16 -19.22
CA LEU L 23 44.98 -9.29 -18.83
C LEU L 23 46.20 -10.18 -18.71
N ALA L 24 47.40 -9.88 -19.20
CA ALA L 24 48.52 -10.87 -19.06
C ALA L 24 49.27 -10.73 -17.73
N LYS L 25 49.90 -11.81 -17.25
CA LYS L 25 50.57 -11.76 -15.92
C LYS L 25 51.36 -10.46 -15.82
#